data_2CPC
#
_entry.id   2CPC
#
_entity_poly.entity_id   1
_entity_poly.type   'polypeptide(L)'
_entity_poly.pdbx_seq_one_letter_code
;GSSGSSGTDVSSWIVYPSGKVYVAAVRLERVVLTCELCRPWAEVRWTKDGEEVVESPALLLQKEDTVRRLVLPAVQLEDS
GEYLCEIDDESASFTVTVTEPPVRIIYSGPSSG
;
_entity_poly.pdbx_strand_id   A
#
# COMPACT_ATOMS: atom_id res chain seq x y z
N GLY A 1 -6.15 8.74 18.42
CA GLY A 1 -6.33 10.06 19.01
C GLY A 1 -5.59 11.14 18.24
N SER A 2 -5.50 12.33 18.84
CA SER A 2 -4.83 13.45 18.21
C SER A 2 -5.25 13.59 16.74
N SER A 3 -6.55 13.43 16.49
CA SER A 3 -7.09 13.53 15.14
C SER A 3 -8.05 14.71 15.03
N GLY A 4 -8.07 15.33 13.86
CA GLY A 4 -8.96 16.46 13.64
C GLY A 4 -10.41 16.08 13.74
N SER A 5 -11.29 16.89 13.14
CA SER A 5 -12.72 16.63 13.16
C SER A 5 -13.42 17.34 12.00
N SER A 6 -13.92 16.56 11.06
CA SER A 6 -14.61 17.10 9.90
C SER A 6 -15.87 16.31 9.59
N GLY A 7 -16.65 16.79 8.63
CA GLY A 7 -17.88 16.11 8.25
C GLY A 7 -18.50 16.69 7.00
N THR A 8 -19.13 15.82 6.21
CA THR A 8 -19.77 16.25 4.97
C THR A 8 -20.56 15.12 4.32
N ASP A 9 -21.49 15.47 3.46
CA ASP A 9 -22.31 14.47 2.77
C ASP A 9 -21.44 13.57 1.88
N VAL A 10 -20.93 12.49 2.45
CA VAL A 10 -20.09 11.56 1.72
C VAL A 10 -20.63 10.14 1.81
N SER A 11 -20.58 9.42 0.69
CA SER A 11 -21.08 8.04 0.64
C SER A 11 -19.93 7.05 0.75
N SER A 12 -19.01 7.11 -0.21
CA SER A 12 -17.86 6.22 -0.23
C SER A 12 -16.57 7.00 -0.39
N TRP A 13 -15.78 7.08 0.68
CA TRP A 13 -14.52 7.80 0.65
C TRP A 13 -13.59 7.23 -0.42
N ILE A 14 -13.46 5.91 -0.44
CA ILE A 14 -12.61 5.23 -1.40
C ILE A 14 -13.24 5.23 -2.79
N VAL A 15 -12.87 6.21 -3.61
CA VAL A 15 -13.40 6.32 -4.96
C VAL A 15 -12.79 5.27 -5.87
N TYR A 16 -11.56 4.86 -5.57
CA TYR A 16 -10.86 3.86 -6.36
C TYR A 16 -9.67 3.29 -5.59
N PRO A 17 -9.40 1.99 -5.80
CA PRO A 17 -10.19 1.15 -6.70
C PRO A 17 -11.60 0.88 -6.17
N SER A 18 -12.45 0.32 -7.02
CA SER A 18 -13.82 0.00 -6.63
C SER A 18 -13.99 -1.50 -6.39
N GLY A 19 -13.29 -2.02 -5.39
CA GLY A 19 -13.37 -3.43 -5.07
C GLY A 19 -12.03 -4.01 -4.65
N LYS A 20 -11.86 -5.32 -4.86
CA LYS A 20 -10.63 -5.98 -4.50
C LYS A 20 -9.61 -5.91 -5.64
N VAL A 21 -8.34 -5.81 -5.28
CA VAL A 21 -7.27 -5.73 -6.27
C VAL A 21 -6.13 -6.67 -5.93
N TYR A 22 -5.66 -7.42 -6.92
CA TYR A 22 -4.56 -8.36 -6.72
C TYR A 22 -3.26 -7.81 -7.30
N VAL A 23 -2.20 -7.90 -6.50
CA VAL A 23 -0.88 -7.42 -6.94
C VAL A 23 0.21 -8.42 -6.58
N ALA A 24 1.02 -8.77 -7.58
CA ALA A 24 2.11 -9.72 -7.38
C ALA A 24 3.46 -9.02 -7.40
N ALA A 25 4.22 -9.16 -6.32
CA ALA A 25 5.53 -8.54 -6.22
C ALA A 25 6.61 -9.58 -5.97
N VAL A 26 7.87 -9.15 -6.02
CA VAL A 26 8.99 -10.05 -5.80
C VAL A 26 9.94 -9.51 -4.73
N ARG A 27 10.66 -10.40 -4.07
CA ARG A 27 11.59 -10.02 -3.03
C ARG A 27 12.42 -8.80 -3.46
N LEU A 28 12.29 -7.71 -2.71
CA LEU A 28 13.02 -6.48 -3.01
C LEU A 28 12.56 -5.89 -4.34
N GLU A 29 11.26 -5.97 -4.59
CA GLU A 29 10.69 -5.43 -5.83
C GLU A 29 10.04 -4.06 -5.58
N ARG A 30 9.90 -3.28 -6.65
CA ARG A 30 9.31 -1.96 -6.56
C ARG A 30 7.86 -1.98 -7.00
N VAL A 31 6.94 -1.89 -6.05
CA VAL A 31 5.51 -1.90 -6.34
C VAL A 31 4.91 -0.52 -6.19
N VAL A 32 3.74 -0.31 -6.80
CA VAL A 32 3.06 0.97 -6.72
C VAL A 32 1.55 0.79 -6.60
N LEU A 33 1.03 1.05 -5.41
CA LEU A 33 -0.40 0.90 -5.16
C LEU A 33 -1.17 2.15 -5.61
N THR A 34 -2.31 1.94 -6.25
CA THR A 34 -3.13 3.04 -6.74
C THR A 34 -4.41 3.17 -5.92
N CYS A 35 -4.52 4.27 -5.18
CA CYS A 35 -5.70 4.51 -4.36
C CYS A 35 -6.11 5.98 -4.42
N GLU A 36 -7.18 6.26 -5.16
CA GLU A 36 -7.68 7.62 -5.31
C GLU A 36 -8.79 7.91 -4.30
N LEU A 37 -9.11 9.19 -4.13
CA LEU A 37 -10.14 9.60 -3.19
C LEU A 37 -11.04 10.67 -3.81
N CYS A 38 -12.24 10.82 -3.27
CA CYS A 38 -13.19 11.81 -3.77
C CYS A 38 -12.96 13.16 -3.10
N ARG A 39 -11.85 13.28 -2.38
CA ARG A 39 -11.50 14.52 -1.70
C ARG A 39 -9.99 14.73 -1.66
N PRO A 40 -9.55 15.96 -1.95
CA PRO A 40 -8.13 16.32 -1.96
C PRO A 40 -7.54 16.32 -0.56
N TRP A 41 -8.20 17.02 0.35
CA TRP A 41 -7.74 17.11 1.74
C TRP A 41 -8.13 15.87 2.53
N ALA A 42 -8.51 14.81 1.83
CA ALA A 42 -8.90 13.56 2.46
C ALA A 42 -7.69 12.73 2.86
N GLU A 43 -7.45 12.62 4.16
CA GLU A 43 -6.32 11.87 4.68
C GLU A 43 -6.66 10.39 4.78
N VAL A 44 -5.73 9.54 4.32
CA VAL A 44 -5.94 8.10 4.36
C VAL A 44 -4.91 7.42 5.26
N ARG A 45 -5.16 6.16 5.60
CA ARG A 45 -4.26 5.41 6.46
C ARG A 45 -4.24 3.94 6.07
N TRP A 46 -3.06 3.40 5.82
CA TRP A 46 -2.90 2.01 5.44
C TRP A 46 -2.72 1.12 6.66
N THR A 47 -3.44 0.00 6.72
CA THR A 47 -3.35 -0.92 7.82
C THR A 47 -2.98 -2.32 7.35
N LYS A 48 -2.01 -2.94 8.03
CA LYS A 48 -1.56 -4.28 7.67
C LYS A 48 -1.88 -5.27 8.78
N ASP A 49 -2.88 -6.11 8.55
CA ASP A 49 -3.29 -7.11 9.52
C ASP A 49 -3.88 -6.44 10.76
N GLY A 50 -4.77 -5.48 10.53
CA GLY A 50 -5.40 -4.78 11.64
C GLY A 50 -4.55 -3.63 12.16
N GLU A 51 -3.23 -3.77 12.06
CA GLU A 51 -2.31 -2.75 12.53
C GLU A 51 -2.10 -1.68 11.45
N GLU A 52 -1.60 -0.52 11.87
CA GLU A 52 -1.35 0.59 10.96
C GLU A 52 0.10 0.57 10.47
N VAL A 53 0.28 0.77 9.16
CA VAL A 53 1.61 0.79 8.58
C VAL A 53 2.41 1.98 9.07
N VAL A 54 3.70 1.77 9.32
CA VAL A 54 4.58 2.82 9.80
C VAL A 54 5.71 3.09 8.80
N GLU A 55 5.91 4.36 8.47
CA GLU A 55 6.96 4.74 7.54
C GLU A 55 8.28 4.03 7.86
N SER A 56 9.04 3.72 6.83
CA SER A 56 10.33 3.04 7.01
C SER A 56 11.13 3.04 5.71
N PRO A 57 12.42 2.67 5.81
CA PRO A 57 13.31 2.62 4.65
C PRO A 57 12.96 1.49 3.69
N ALA A 58 11.87 0.78 3.99
CA ALA A 58 11.43 -0.33 3.16
C ALA A 58 10.01 -0.10 2.65
N LEU A 59 9.37 0.95 3.15
CA LEU A 59 8.01 1.28 2.74
C LEU A 59 7.84 2.79 2.59
N LEU A 60 7.72 3.25 1.36
CA LEU A 60 7.55 4.68 1.08
C LEU A 60 6.09 4.99 0.77
N LEU A 61 5.54 5.97 1.50
CA LEU A 61 4.16 6.37 1.30
C LEU A 61 4.07 7.57 0.37
N GLN A 62 3.54 7.34 -0.83
CA GLN A 62 3.40 8.41 -1.81
C GLN A 62 2.01 9.06 -1.72
N LYS A 63 1.97 10.37 -1.93
CA LYS A 63 0.70 11.10 -1.87
C LYS A 63 0.60 12.09 -3.04
N GLU A 64 -0.43 11.90 -3.87
CA GLU A 64 -0.64 12.78 -5.02
C GLU A 64 -1.66 13.87 -4.69
N ASP A 65 -2.01 14.66 -5.70
CA ASP A 65 -2.97 15.74 -5.52
C ASP A 65 -4.23 15.24 -4.81
N THR A 66 -5.00 14.41 -5.52
CA THR A 66 -6.23 13.86 -4.95
C THR A 66 -6.17 12.35 -4.88
N VAL A 67 -5.02 11.78 -5.26
CA VAL A 67 -4.83 10.34 -5.23
C VAL A 67 -3.59 9.96 -4.44
N ARG A 68 -3.67 8.86 -3.70
CA ARG A 68 -2.55 8.40 -2.90
C ARG A 68 -1.96 7.10 -3.47
N ARG A 69 -0.70 6.85 -3.16
CA ARG A 69 -0.02 5.66 -3.65
C ARG A 69 1.03 5.18 -2.65
N LEU A 70 1.24 3.87 -2.59
CA LEU A 70 2.21 3.30 -1.68
C LEU A 70 3.33 2.61 -2.45
N VAL A 71 4.51 3.22 -2.45
CA VAL A 71 5.67 2.67 -3.14
C VAL A 71 6.63 2.00 -2.17
N LEU A 72 7.15 0.84 -2.56
CA LEU A 72 8.09 0.10 -1.72
C LEU A 72 9.40 -0.16 -2.47
N PRO A 73 10.45 0.56 -2.06
CA PRO A 73 11.78 0.43 -2.67
C PRO A 73 12.43 -0.91 -2.33
N ALA A 74 11.83 -1.64 -1.41
CA ALA A 74 12.36 -2.94 -1.00
C ALA A 74 11.34 -3.71 -0.17
N VAL A 75 10.76 -4.75 -0.77
CA VAL A 75 9.77 -5.57 -0.07
C VAL A 75 10.38 -6.88 0.42
N GLN A 76 9.63 -7.61 1.23
CA GLN A 76 10.08 -8.88 1.76
C GLN A 76 8.97 -9.92 1.77
N LEU A 77 9.33 -11.18 1.62
CA LEU A 77 8.35 -12.26 1.62
C LEU A 77 7.41 -12.15 2.80
N GLU A 78 7.90 -11.59 3.89
CA GLU A 78 7.10 -11.42 5.10
C GLU A 78 6.02 -10.36 4.88
N ASP A 79 6.37 -9.31 4.14
CA ASP A 79 5.42 -8.23 3.86
C ASP A 79 4.16 -8.77 3.18
N SER A 80 4.33 -9.80 2.36
CA SER A 80 3.22 -10.40 1.64
C SER A 80 2.08 -10.73 2.61
N GLY A 81 0.93 -10.07 2.42
CA GLY A 81 -0.21 -10.31 3.28
C GLY A 81 -1.48 -9.66 2.76
N GLU A 82 -2.11 -8.84 3.59
CA GLU A 82 -3.33 -8.15 3.21
C GLU A 82 -3.25 -6.67 3.54
N TYR A 83 -3.04 -5.85 2.52
CA TYR A 83 -2.94 -4.40 2.69
C TYR A 83 -4.31 -3.74 2.62
N LEU A 84 -4.81 -3.27 3.75
CA LEU A 84 -6.11 -2.62 3.81
C LEU A 84 -5.96 -1.11 4.03
N CYS A 85 -6.30 -0.34 3.02
CA CYS A 85 -6.21 1.12 3.11
C CYS A 85 -7.49 1.72 3.66
N GLU A 86 -7.44 2.18 4.91
CA GLU A 86 -8.61 2.78 5.55
C GLU A 86 -8.50 4.30 5.57
N ILE A 87 -9.61 4.96 5.29
CA ILE A 87 -9.65 6.42 5.26
C ILE A 87 -10.46 6.97 6.44
N ASP A 88 -11.72 6.58 6.51
CA ASP A 88 -12.60 7.03 7.59
C ASP A 88 -13.41 5.86 8.15
N ASP A 89 -14.38 5.40 7.38
CA ASP A 89 -15.23 4.29 7.80
C ASP A 89 -15.12 3.11 6.83
N GLU A 90 -14.49 3.36 5.69
CA GLU A 90 -14.31 2.33 4.68
C GLU A 90 -12.84 1.94 4.54
N SER A 91 -12.59 0.85 3.82
CA SER A 91 -11.23 0.37 3.61
C SER A 91 -11.08 -0.28 2.25
N ALA A 92 -9.90 -0.15 1.65
CA ALA A 92 -9.62 -0.72 0.35
C ALA A 92 -8.78 -1.98 0.46
N SER A 93 -9.18 -3.03 -0.25
CA SER A 93 -8.47 -4.29 -0.21
C SER A 93 -7.33 -4.30 -1.24
N PHE A 94 -6.12 -4.54 -0.77
CA PHE A 94 -4.95 -4.57 -1.64
C PHE A 94 -4.10 -5.82 -1.37
N THR A 95 -4.27 -6.83 -2.21
CA THR A 95 -3.52 -8.07 -2.06
C THR A 95 -2.14 -7.96 -2.69
N VAL A 96 -1.10 -8.13 -1.88
CA VAL A 96 0.28 -8.05 -2.36
C VAL A 96 1.05 -9.31 -2.00
N THR A 97 1.08 -10.27 -2.92
CA THR A 97 1.78 -11.52 -2.70
C THR A 97 3.21 -11.43 -3.21
N VAL A 98 4.18 -11.68 -2.33
CA VAL A 98 5.59 -11.63 -2.69
C VAL A 98 6.18 -13.03 -2.77
N THR A 99 6.91 -13.30 -3.84
CA THR A 99 7.54 -14.60 -4.04
C THR A 99 9.03 -14.46 -4.34
N GLU A 100 9.72 -15.59 -4.43
CA GLU A 100 11.15 -15.59 -4.71
C GLU A 100 11.42 -15.27 -6.18
N PRO A 101 12.39 -14.37 -6.42
CA PRO A 101 12.76 -13.96 -7.77
C PRO A 101 13.46 -15.06 -8.54
N PRO A 102 13.63 -14.86 -9.86
CA PRO A 102 14.28 -15.82 -10.74
C PRO A 102 15.78 -15.93 -10.46
N VAL A 103 16.42 -16.94 -11.07
CA VAL A 103 17.85 -17.14 -10.90
C VAL A 103 18.64 -15.86 -11.17
N ARG A 104 19.50 -15.49 -10.23
CA ARG A 104 20.31 -14.28 -10.37
C ARG A 104 21.75 -14.56 -10.00
N ILE A 105 21.96 -15.23 -8.87
CA ILE A 105 23.30 -15.56 -8.40
C ILE A 105 24.07 -16.34 -9.46
N ILE A 106 25.02 -15.66 -10.10
CA ILE A 106 25.84 -16.28 -11.14
C ILE A 106 27.32 -16.08 -10.87
N TYR A 107 27.98 -17.14 -10.41
CA TYR A 107 29.41 -17.08 -10.10
C TYR A 107 30.22 -17.91 -11.10
N SER A 108 31.27 -17.30 -11.64
CA SER A 108 32.12 -17.98 -12.61
C SER A 108 33.59 -17.65 -12.35
N GLY A 109 34.47 -18.58 -12.76
CA GLY A 109 35.89 -18.38 -12.56
C GLY A 109 36.69 -19.63 -12.86
N PRO A 110 38.01 -19.47 -13.04
CA PRO A 110 38.91 -20.57 -13.34
C PRO A 110 39.10 -21.51 -12.15
N SER A 111 38.47 -22.67 -12.20
CA SER A 111 38.56 -23.66 -11.13
C SER A 111 40.02 -24.02 -10.86
N SER A 112 40.59 -23.43 -9.81
CA SER A 112 41.97 -23.68 -9.44
C SER A 112 42.13 -25.10 -8.89
N GLY A 113 43.31 -25.67 -9.07
CA GLY A 113 43.57 -27.02 -8.59
C GLY A 113 42.58 -28.03 -9.14
N GLY A 1 -2.68 28.08 8.78
CA GLY A 1 -3.80 27.64 9.60
C GLY A 1 -5.09 27.54 8.82
N SER A 2 -5.32 26.40 8.19
CA SER A 2 -6.52 26.18 7.40
C SER A 2 -7.28 24.95 7.88
N SER A 3 -8.22 25.16 8.79
CA SER A 3 -9.01 24.06 9.33
C SER A 3 -10.39 24.01 8.68
N GLY A 4 -11.00 22.82 8.68
CA GLY A 4 -12.31 22.66 8.08
C GLY A 4 -13.13 21.59 8.77
N SER A 5 -14.44 21.62 8.55
CA SER A 5 -15.33 20.64 9.15
C SER A 5 -16.21 19.98 8.10
N SER A 6 -15.61 19.64 6.97
CA SER A 6 -16.33 19.00 5.87
C SER A 6 -16.33 17.48 6.02
N GLY A 7 -17.28 16.82 5.36
CA GLY A 7 -17.35 15.37 5.44
C GLY A 7 -18.74 14.89 5.80
N THR A 8 -19.73 15.24 4.98
CA THR A 8 -21.11 14.84 5.23
C THR A 8 -21.80 14.43 3.94
N ASP A 9 -22.74 13.50 4.04
CA ASP A 9 -23.48 13.02 2.88
C ASP A 9 -22.55 12.34 1.88
N VAL A 10 -21.63 11.53 2.39
CA VAL A 10 -20.67 10.82 1.55
C VAL A 10 -21.07 9.36 1.37
N SER A 11 -20.92 8.85 0.15
CA SER A 11 -21.26 7.48 -0.16
C SER A 11 -20.10 6.54 0.18
N SER A 12 -18.94 6.81 -0.41
CA SER A 12 -17.76 5.99 -0.19
C SER A 12 -16.49 6.82 -0.37
N TRP A 13 -15.76 7.03 0.72
CA TRP A 13 -14.52 7.79 0.67
C TRP A 13 -13.59 7.26 -0.42
N ILE A 14 -13.38 5.95 -0.42
CA ILE A 14 -12.50 5.33 -1.41
C ILE A 14 -13.17 5.32 -2.79
N VAL A 15 -12.82 6.29 -3.63
CA VAL A 15 -13.38 6.39 -4.97
C VAL A 15 -12.78 5.33 -5.89
N TYR A 16 -11.55 4.92 -5.58
CA TYR A 16 -10.87 3.91 -6.38
C TYR A 16 -9.65 3.37 -5.64
N PRO A 17 -9.38 2.06 -5.85
CA PRO A 17 -10.18 1.21 -6.72
C PRO A 17 -11.57 0.92 -6.14
N SER A 18 -12.46 0.39 -6.97
CA SER A 18 -13.80 0.07 -6.54
C SER A 18 -13.98 -1.43 -6.36
N GLY A 19 -13.26 -1.99 -5.39
CA GLY A 19 -13.35 -3.41 -5.13
C GLY A 19 -12.01 -4.02 -4.75
N LYS A 20 -11.89 -5.33 -4.90
CA LYS A 20 -10.66 -6.04 -4.57
C LYS A 20 -9.66 -5.96 -5.73
N VAL A 21 -8.38 -5.84 -5.39
CA VAL A 21 -7.34 -5.77 -6.41
C VAL A 21 -6.16 -6.69 -6.05
N TYR A 22 -5.66 -7.41 -7.05
CA TYR A 22 -4.55 -8.31 -6.85
C TYR A 22 -3.26 -7.74 -7.42
N VAL A 23 -2.16 -7.95 -6.71
CA VAL A 23 -0.86 -7.45 -7.14
C VAL A 23 0.25 -8.42 -6.78
N ALA A 24 1.00 -8.88 -7.79
CA ALA A 24 2.09 -9.81 -7.56
C ALA A 24 3.43 -9.09 -7.58
N ALA A 25 4.20 -9.26 -6.50
CA ALA A 25 5.50 -8.62 -6.38
C ALA A 25 6.59 -9.66 -6.14
N VAL A 26 7.85 -9.20 -6.09
CA VAL A 26 8.98 -10.09 -5.87
C VAL A 26 9.89 -9.56 -4.77
N ARG A 27 10.61 -10.46 -4.12
CA ARG A 27 11.52 -10.09 -3.05
C ARG A 27 12.35 -8.86 -3.42
N LEU A 28 12.16 -7.79 -2.67
CA LEU A 28 12.89 -6.54 -2.92
C LEU A 28 12.48 -5.93 -4.26
N GLU A 29 11.18 -6.01 -4.57
CA GLU A 29 10.65 -5.46 -5.81
C GLU A 29 10.01 -4.11 -5.58
N ARG A 30 9.91 -3.32 -6.65
CA ARG A 30 9.32 -1.98 -6.56
C ARG A 30 7.86 -2.01 -7.00
N VAL A 31 6.95 -1.91 -6.04
CA VAL A 31 5.53 -1.92 -6.32
C VAL A 31 4.93 -0.53 -6.16
N VAL A 32 3.79 -0.29 -6.80
CA VAL A 32 3.10 0.99 -6.72
C VAL A 32 1.59 0.81 -6.63
N LEU A 33 1.05 1.05 -5.45
CA LEU A 33 -0.39 0.92 -5.24
C LEU A 33 -1.13 2.19 -5.66
N THR A 34 -2.28 2.01 -6.30
CA THR A 34 -3.08 3.13 -6.77
C THR A 34 -4.38 3.25 -5.97
N CYS A 35 -4.49 4.33 -5.21
CA CYS A 35 -5.69 4.56 -4.39
C CYS A 35 -6.13 6.01 -4.48
N GLU A 36 -7.22 6.24 -5.20
CA GLU A 36 -7.75 7.59 -5.37
C GLU A 36 -8.86 7.87 -4.35
N LEU A 37 -9.12 9.16 -4.10
CA LEU A 37 -10.16 9.56 -3.16
C LEU A 37 -11.10 10.58 -3.78
N CYS A 38 -12.27 10.74 -3.18
CA CYS A 38 -13.26 11.68 -3.67
C CYS A 38 -13.03 13.07 -3.09
N ARG A 39 -11.90 13.25 -2.43
CA ARG A 39 -11.55 14.53 -1.82
C ARG A 39 -10.04 14.75 -1.84
N PRO A 40 -9.63 16.00 -2.11
CA PRO A 40 -8.22 16.38 -2.17
C PRO A 40 -7.56 16.36 -0.79
N TRP A 41 -8.19 17.05 0.16
CA TRP A 41 -7.67 17.11 1.53
C TRP A 41 -8.11 15.90 2.34
N ALA A 42 -8.43 14.81 1.65
CA ALA A 42 -8.87 13.59 2.30
C ALA A 42 -7.68 12.77 2.78
N GLU A 43 -7.49 12.70 4.10
CA GLU A 43 -6.40 11.95 4.67
C GLU A 43 -6.76 10.48 4.84
N VAL A 44 -5.85 9.59 4.46
CA VAL A 44 -6.08 8.16 4.56
C VAL A 44 -5.04 7.50 5.46
N ARG A 45 -5.23 6.21 5.73
CA ARG A 45 -4.31 5.46 6.58
C ARG A 45 -4.29 3.99 6.19
N TRP A 46 -3.10 3.47 5.92
CA TRP A 46 -2.94 2.07 5.54
C TRP A 46 -2.72 1.18 6.77
N THR A 47 -3.31 -0.01 6.74
CA THR A 47 -3.18 -0.95 7.85
C THR A 47 -2.88 -2.35 7.35
N LYS A 48 -1.82 -2.96 7.89
CA LYS A 48 -1.43 -4.30 7.49
C LYS A 48 -1.88 -5.32 8.53
N ASP A 49 -2.98 -6.00 8.24
CA ASP A 49 -3.52 -7.01 9.15
C ASP A 49 -3.99 -6.38 10.45
N GLY A 50 -4.55 -5.17 10.36
CA GLY A 50 -5.02 -4.48 11.54
C GLY A 50 -3.99 -3.52 12.09
N GLU A 51 -2.72 -3.85 11.92
CA GLU A 51 -1.64 -3.00 12.41
C GLU A 51 -1.39 -1.84 11.46
N GLU A 52 -1.47 -0.62 11.98
CA GLU A 52 -1.25 0.57 11.18
C GLU A 52 0.20 0.65 10.70
N VAL A 53 0.37 0.58 9.39
CA VAL A 53 1.72 0.65 8.81
C VAL A 53 2.45 1.92 9.23
N VAL A 54 3.73 1.78 9.52
CA VAL A 54 4.54 2.92 9.93
C VAL A 54 5.69 3.16 8.96
N GLU A 55 5.81 4.40 8.50
CA GLU A 55 6.86 4.77 7.56
C GLU A 55 8.17 4.05 7.90
N SER A 56 8.96 3.73 6.87
CA SER A 56 10.22 3.04 7.06
C SER A 56 11.02 3.01 5.76
N PRO A 57 12.31 2.64 5.87
CA PRO A 57 13.22 2.56 4.72
C PRO A 57 12.85 1.42 3.78
N ALA A 58 11.77 0.72 4.10
CA ALA A 58 11.31 -0.40 3.28
C ALA A 58 9.90 -0.17 2.78
N LEU A 59 9.26 0.88 3.28
CA LEU A 59 7.90 1.20 2.87
C LEU A 59 7.72 2.71 2.72
N LEU A 60 7.65 3.16 1.47
CA LEU A 60 7.48 4.58 1.18
C LEU A 60 6.02 4.90 0.88
N LEU A 61 5.48 5.92 1.54
CA LEU A 61 4.11 6.32 1.34
C LEU A 61 4.02 7.54 0.43
N GLN A 62 3.51 7.34 -0.78
CA GLN A 62 3.37 8.42 -1.75
C GLN A 62 2.00 9.08 -1.64
N LYS A 63 1.95 10.38 -1.91
CA LYS A 63 0.71 11.13 -1.84
C LYS A 63 0.61 12.12 -3.00
N GLU A 64 -0.43 11.97 -3.81
CA GLU A 64 -0.64 12.85 -4.96
C GLU A 64 -1.67 13.92 -4.64
N ASP A 65 -2.03 14.72 -5.64
CA ASP A 65 -3.01 15.78 -5.46
C ASP A 65 -4.27 15.25 -4.79
N THR A 66 -5.05 14.46 -5.53
CA THR A 66 -6.28 13.89 -4.99
C THR A 66 -6.19 12.37 -4.92
N VAL A 67 -5.04 11.83 -5.27
CA VAL A 67 -4.83 10.39 -5.25
C VAL A 67 -3.58 10.03 -4.44
N ARG A 68 -3.63 8.89 -3.76
CA ARG A 68 -2.50 8.44 -2.96
C ARG A 68 -1.92 7.14 -3.52
N ARG A 69 -0.66 6.89 -3.21
CA ARG A 69 0.03 5.68 -3.68
C ARG A 69 1.05 5.20 -2.66
N LEU A 70 1.26 3.88 -2.62
CA LEU A 70 2.21 3.30 -1.69
C LEU A 70 3.33 2.57 -2.44
N VAL A 71 4.49 3.20 -2.52
CA VAL A 71 5.63 2.63 -3.22
C VAL A 71 6.60 1.99 -2.22
N LEU A 72 7.12 0.82 -2.58
CA LEU A 72 8.06 0.10 -1.72
C LEU A 72 9.38 -0.15 -2.45
N PRO A 73 10.44 0.52 -2.01
CA PRO A 73 11.78 0.39 -2.61
C PRO A 73 12.40 -0.97 -2.32
N ALA A 74 11.78 -1.71 -1.40
CA ALA A 74 12.28 -3.04 -1.04
C ALA A 74 11.24 -3.80 -0.23
N VAL A 75 10.68 -4.85 -0.83
CA VAL A 75 9.67 -5.67 -0.16
C VAL A 75 10.27 -7.00 0.31
N GLN A 76 9.50 -7.73 1.10
CA GLN A 76 9.95 -9.02 1.61
C GLN A 76 8.81 -10.04 1.60
N LEU A 77 9.15 -11.29 1.35
CA LEU A 77 8.16 -12.36 1.31
C LEU A 77 7.20 -12.26 2.49
N GLU A 78 7.71 -11.82 3.63
CA GLU A 78 6.90 -11.68 4.83
C GLU A 78 5.87 -10.57 4.65
N ASP A 79 6.27 -9.49 3.99
CA ASP A 79 5.38 -8.36 3.75
C ASP A 79 4.09 -8.81 3.06
N SER A 80 4.22 -9.81 2.21
CA SER A 80 3.07 -10.35 1.48
C SER A 80 1.94 -10.71 2.45
N GLY A 81 0.78 -10.08 2.25
CA GLY A 81 -0.36 -10.35 3.09
C GLY A 81 -1.64 -9.69 2.60
N GLU A 82 -2.21 -8.81 3.43
CA GLU A 82 -3.42 -8.11 3.06
C GLU A 82 -3.31 -6.61 3.38
N TYR A 83 -3.03 -5.81 2.35
CA TYR A 83 -2.89 -4.37 2.52
C TYR A 83 -4.26 -3.69 2.47
N LEU A 84 -4.74 -3.25 3.64
CA LEU A 84 -6.03 -2.58 3.73
C LEU A 84 -5.84 -1.09 3.99
N CYS A 85 -6.35 -0.27 3.07
CA CYS A 85 -6.24 1.18 3.20
C CYS A 85 -7.52 1.77 3.78
N GLU A 86 -7.45 2.20 5.03
CA GLU A 86 -8.60 2.78 5.70
C GLU A 86 -8.53 4.31 5.69
N ILE A 87 -9.67 4.94 5.41
CA ILE A 87 -9.73 6.40 5.36
C ILE A 87 -10.59 6.95 6.49
N ASP A 88 -11.90 6.84 6.33
CA ASP A 88 -12.85 7.32 7.33
C ASP A 88 -13.59 6.16 7.97
N ASP A 89 -14.50 5.56 7.22
CA ASP A 89 -15.29 4.43 7.71
C ASP A 89 -15.13 3.22 6.80
N GLU A 90 -14.63 3.46 5.59
CA GLU A 90 -14.44 2.38 4.63
C GLU A 90 -12.96 2.04 4.49
N SER A 91 -12.67 0.94 3.79
CA SER A 91 -11.29 0.51 3.59
C SER A 91 -11.12 -0.14 2.21
N ALA A 92 -9.93 0.00 1.65
CA ALA A 92 -9.64 -0.57 0.34
C ALA A 92 -8.79 -1.84 0.46
N SER A 93 -9.18 -2.87 -0.28
CA SER A 93 -8.46 -4.15 -0.24
C SER A 93 -7.36 -4.18 -1.30
N PHE A 94 -6.15 -4.47 -0.87
CA PHE A 94 -5.00 -4.52 -1.77
C PHE A 94 -4.16 -5.77 -1.51
N THR A 95 -4.35 -6.80 -2.34
CA THR A 95 -3.62 -8.05 -2.19
C THR A 95 -2.23 -7.95 -2.83
N VAL A 96 -1.20 -8.16 -2.02
CA VAL A 96 0.17 -8.09 -2.51
C VAL A 96 0.93 -9.38 -2.19
N THR A 97 0.94 -10.31 -3.14
CA THR A 97 1.62 -11.58 -2.96
C THR A 97 3.05 -11.51 -3.50
N VAL A 98 4.01 -11.71 -2.61
CA VAL A 98 5.42 -11.68 -3.00
C VAL A 98 6.00 -13.08 -3.12
N THR A 99 6.89 -13.28 -4.09
CA THR A 99 7.50 -14.58 -4.30
C THR A 99 9.00 -14.44 -4.56
N GLU A 100 9.69 -15.57 -4.66
CA GLU A 100 11.13 -15.57 -4.90
C GLU A 100 11.43 -15.23 -6.36
N PRO A 101 12.42 -14.34 -6.57
CA PRO A 101 12.83 -13.92 -7.91
C PRO A 101 13.53 -15.03 -8.69
N PRO A 102 13.64 -14.84 -10.01
CA PRO A 102 14.29 -15.81 -10.90
C PRO A 102 15.80 -15.90 -10.67
N VAL A 103 16.46 -16.78 -11.41
CA VAL A 103 17.90 -16.95 -11.30
C VAL A 103 18.55 -17.02 -12.67
N ARG A 104 19.26 -15.95 -13.05
CA ARG A 104 19.93 -15.90 -14.33
C ARG A 104 21.41 -15.56 -14.16
N ILE A 105 22.11 -15.39 -15.28
CA ILE A 105 23.53 -15.07 -15.25
C ILE A 105 23.79 -13.83 -14.39
N ILE A 106 24.75 -13.93 -13.49
CA ILE A 106 25.10 -12.82 -12.62
C ILE A 106 26.57 -12.42 -12.78
N TYR A 107 26.83 -11.12 -12.73
CA TYR A 107 28.19 -10.61 -12.88
C TYR A 107 28.84 -10.38 -11.51
N SER A 108 28.57 -11.28 -10.58
CA SER A 108 29.12 -11.18 -9.23
C SER A 108 28.93 -12.48 -8.46
N GLY A 109 29.87 -12.79 -7.57
CA GLY A 109 29.79 -14.00 -6.79
C GLY A 109 30.16 -13.78 -5.34
N PRO A 110 29.19 -13.27 -4.55
CA PRO A 110 29.40 -12.99 -3.13
C PRO A 110 29.54 -14.27 -2.31
N SER A 111 30.72 -14.50 -1.76
CA SER A 111 30.98 -15.68 -0.95
C SER A 111 30.23 -15.61 0.37
N SER A 112 29.86 -16.77 0.89
CA SER A 112 29.12 -16.85 2.14
C SER A 112 30.07 -16.74 3.34
N GLY A 113 29.58 -16.14 4.42
CA GLY A 113 30.39 -15.97 5.61
C GLY A 113 31.04 -14.60 5.68
N GLY A 1 -6.31 21.52 16.85
CA GLY A 1 -7.24 21.30 15.77
C GLY A 1 -8.52 22.10 15.92
N SER A 2 -8.83 22.91 14.92
CA SER A 2 -10.04 23.74 14.95
C SER A 2 -10.85 23.57 13.67
N SER A 3 -11.97 22.87 13.79
CA SER A 3 -12.84 22.63 12.64
C SER A 3 -13.46 23.94 12.14
N GLY A 4 -13.27 24.22 10.86
CA GLY A 4 -13.82 25.44 10.28
C GLY A 4 -14.78 25.17 9.14
N SER A 5 -14.25 24.88 7.96
CA SER A 5 -15.07 24.60 6.79
C SER A 5 -14.76 23.22 6.22
N SER A 6 -15.67 22.28 6.46
CA SER A 6 -15.49 20.91 5.98
C SER A 6 -16.83 20.19 5.89
N GLY A 7 -17.14 19.68 4.70
CA GLY A 7 -18.39 18.97 4.50
C GLY A 7 -18.19 17.49 4.22
N THR A 8 -18.34 16.67 5.27
CA THR A 8 -18.17 15.23 5.12
C THR A 8 -19.48 14.55 4.76
N ASP A 9 -20.23 15.18 3.85
CA ASP A 9 -21.51 14.62 3.42
C ASP A 9 -21.30 13.50 2.42
N VAL A 10 -20.05 13.10 2.23
CA VAL A 10 -19.71 12.02 1.30
C VAL A 10 -20.10 10.66 1.89
N SER A 11 -20.43 9.72 1.01
CA SER A 11 -20.82 8.38 1.42
C SER A 11 -19.61 7.45 1.47
N SER A 12 -18.97 7.25 0.32
CA SER A 12 -17.81 6.38 0.22
C SER A 12 -16.54 7.20 -0.04
N TRP A 13 -15.65 7.25 0.93
CA TRP A 13 -14.40 7.98 0.80
C TRP A 13 -13.54 7.41 -0.32
N ILE A 14 -13.24 6.12 -0.22
CA ILE A 14 -12.43 5.45 -1.22
C ILE A 14 -13.14 5.42 -2.58
N VAL A 15 -12.87 6.42 -3.40
CA VAL A 15 -13.48 6.51 -4.72
C VAL A 15 -12.91 5.45 -5.66
N TYR A 16 -11.67 5.06 -5.42
CA TYR A 16 -11.01 4.05 -6.25
C TYR A 16 -9.75 3.53 -5.56
N PRO A 17 -9.46 2.24 -5.76
CA PRO A 17 -10.29 1.35 -6.60
C PRO A 17 -11.64 1.05 -5.94
N SER A 18 -12.57 0.55 -6.74
CA SER A 18 -13.90 0.21 -6.24
C SER A 18 -14.08 -1.30 -6.13
N GLY A 19 -13.32 -1.91 -5.24
CA GLY A 19 -13.40 -3.35 -5.04
C GLY A 19 -12.07 -3.97 -4.67
N LYS A 20 -11.89 -5.23 -5.01
CA LYS A 20 -10.65 -5.94 -4.70
C LYS A 20 -9.59 -5.66 -5.75
N VAL A 21 -8.33 -5.63 -5.32
CA VAL A 21 -7.22 -5.38 -6.24
C VAL A 21 -6.07 -6.35 -5.98
N TYR A 22 -5.67 -7.06 -7.03
CA TYR A 22 -4.58 -8.04 -6.92
C TYR A 22 -3.28 -7.45 -7.47
N VAL A 23 -2.18 -7.70 -6.76
CA VAL A 23 -0.87 -7.21 -7.17
C VAL A 23 0.22 -8.20 -6.84
N ALA A 24 1.03 -8.54 -7.84
CA ALA A 24 2.11 -9.49 -7.66
C ALA A 24 3.47 -8.77 -7.60
N ALA A 25 4.26 -9.08 -6.58
CA ALA A 25 5.57 -8.47 -6.42
C ALA A 25 6.64 -9.53 -6.13
N VAL A 26 7.88 -9.08 -6.04
CA VAL A 26 9.00 -9.99 -5.76
C VAL A 26 9.90 -9.44 -4.67
N ARG A 27 10.61 -10.33 -4.01
CA ARG A 27 11.52 -9.94 -2.92
C ARG A 27 12.33 -8.71 -3.32
N LEU A 28 12.15 -7.63 -2.57
CA LEU A 28 12.86 -6.39 -2.84
C LEU A 28 12.43 -5.78 -4.17
N GLU A 29 11.15 -5.91 -4.48
CA GLU A 29 10.60 -5.38 -5.73
C GLU A 29 9.99 -4.00 -5.51
N ARG A 30 9.87 -3.24 -6.58
CA ARG A 30 9.30 -1.89 -6.52
C ARG A 30 7.84 -1.89 -6.97
N VAL A 31 6.93 -1.92 -6.00
CA VAL A 31 5.51 -1.91 -6.29
C VAL A 31 4.91 -0.51 -6.16
N VAL A 32 3.77 -0.30 -6.80
CA VAL A 32 3.11 1.00 -6.75
C VAL A 32 1.59 0.83 -6.64
N LEU A 33 1.05 1.14 -5.46
CA LEU A 33 -0.38 1.02 -5.23
C LEU A 33 -1.10 2.31 -5.62
N THR A 34 -2.29 2.17 -6.21
CA THR A 34 -3.08 3.32 -6.63
C THR A 34 -4.37 3.41 -5.84
N CYS A 35 -4.58 4.55 -5.19
CA CYS A 35 -5.79 4.76 -4.40
C CYS A 35 -6.27 6.20 -4.51
N GLU A 36 -7.42 6.38 -5.16
CA GLU A 36 -7.98 7.72 -5.33
C GLU A 36 -9.02 8.02 -4.26
N LEU A 37 -9.29 9.30 -4.04
CA LEU A 37 -10.25 9.73 -3.04
C LEU A 37 -11.24 10.74 -3.63
N CYS A 38 -12.44 10.79 -3.05
CA CYS A 38 -13.47 11.71 -3.51
C CYS A 38 -13.11 13.15 -3.19
N ARG A 39 -12.17 13.32 -2.26
CA ARG A 39 -11.73 14.65 -1.86
C ARG A 39 -10.21 14.73 -1.81
N PRO A 40 -9.66 15.90 -2.16
CA PRO A 40 -8.21 16.14 -2.15
C PRO A 40 -7.64 16.18 -0.74
N TRP A 41 -8.24 17.00 0.11
CA TRP A 41 -7.78 17.14 1.49
C TRP A 41 -8.34 16.01 2.36
N ALA A 42 -8.35 14.80 1.82
CA ALA A 42 -8.85 13.64 2.54
C ALA A 42 -7.70 12.83 3.15
N GLU A 43 -7.66 12.79 4.48
CA GLU A 43 -6.61 12.06 5.18
C GLU A 43 -6.93 10.57 5.22
N VAL A 44 -5.94 9.74 4.88
CA VAL A 44 -6.12 8.30 4.89
C VAL A 44 -5.04 7.61 5.72
N ARG A 45 -5.19 6.31 5.93
CA ARG A 45 -4.23 5.54 6.71
C ARG A 45 -4.22 4.08 6.27
N TRP A 46 -3.03 3.56 5.99
CA TRP A 46 -2.89 2.18 5.56
C TRP A 46 -2.71 1.25 6.75
N THR A 47 -3.38 0.10 6.72
CA THR A 47 -3.29 -0.87 7.80
C THR A 47 -3.00 -2.27 7.27
N LYS A 48 -1.96 -2.90 7.82
CA LYS A 48 -1.58 -4.25 7.39
C LYS A 48 -2.06 -5.29 8.40
N ASP A 49 -3.12 -6.00 8.03
CA ASP A 49 -3.69 -7.02 8.91
C ASP A 49 -4.20 -6.42 10.20
N GLY A 50 -4.76 -5.23 10.12
CA GLY A 50 -5.28 -4.55 11.29
C GLY A 50 -4.30 -3.55 11.87
N GLU A 51 -3.01 -3.85 11.76
CA GLU A 51 -1.97 -2.97 12.27
C GLU A 51 -1.77 -1.77 11.35
N GLU A 52 -1.39 -0.64 11.94
CA GLU A 52 -1.16 0.58 11.18
C GLU A 52 0.29 0.66 10.70
N VAL A 53 0.48 0.51 9.39
CA VAL A 53 1.82 0.57 8.81
C VAL A 53 2.54 1.87 9.19
N VAL A 54 3.82 1.77 9.46
CA VAL A 54 4.63 2.93 9.83
C VAL A 54 5.77 3.16 8.86
N GLU A 55 5.99 4.41 8.47
CA GLU A 55 7.06 4.75 7.54
C GLU A 55 8.33 3.98 7.86
N SER A 56 9.11 3.68 6.83
CA SER A 56 10.36 2.95 7.00
C SER A 56 11.17 2.93 5.71
N PRO A 57 12.44 2.53 5.81
CA PRO A 57 13.34 2.47 4.67
C PRO A 57 12.98 1.35 3.70
N ALA A 58 11.86 0.68 3.98
CA ALA A 58 11.39 -0.42 3.13
C ALA A 58 9.97 -0.17 2.65
N LEU A 59 9.32 0.83 3.23
CA LEU A 59 7.95 1.18 2.86
C LEU A 59 7.79 2.68 2.69
N LEU A 60 7.78 3.14 1.44
CA LEU A 60 7.64 4.55 1.15
C LEU A 60 6.18 4.91 0.87
N LEU A 61 5.68 5.91 1.58
CA LEU A 61 4.29 6.35 1.41
C LEU A 61 4.21 7.56 0.50
N GLN A 62 3.63 7.39 -0.68
CA GLN A 62 3.48 8.47 -1.64
C GLN A 62 2.11 9.12 -1.53
N LYS A 63 1.98 10.32 -2.07
CA LYS A 63 0.72 11.05 -2.03
C LYS A 63 0.58 11.96 -3.26
N GLU A 64 -0.37 11.65 -4.12
CA GLU A 64 -0.60 12.45 -5.32
C GLU A 64 -1.65 13.53 -5.07
N ASP A 65 -1.94 14.30 -6.10
CA ASP A 65 -2.93 15.38 -5.99
C ASP A 65 -4.14 14.93 -5.17
N THR A 66 -4.90 13.99 -5.74
CA THR A 66 -6.08 13.48 -5.06
C THR A 66 -6.04 11.96 -4.96
N VAL A 67 -4.91 11.37 -5.36
CA VAL A 67 -4.73 9.92 -5.30
C VAL A 67 -3.46 9.55 -4.54
N ARG A 68 -3.62 8.75 -3.51
CA ARG A 68 -2.48 8.31 -2.70
C ARG A 68 -1.83 7.06 -3.30
N ARG A 69 -0.52 6.95 -3.13
CA ARG A 69 0.22 5.81 -3.66
C ARG A 69 1.21 5.28 -2.62
N LEU A 70 1.41 3.96 -2.62
CA LEU A 70 2.32 3.32 -1.68
C LEU A 70 3.43 2.57 -2.42
N VAL A 71 4.59 3.22 -2.54
CA VAL A 71 5.72 2.61 -3.23
C VAL A 71 6.66 1.94 -2.23
N LEU A 72 7.14 0.75 -2.58
CA LEU A 72 8.06 0.01 -1.72
C LEU A 72 9.36 -0.30 -2.44
N PRO A 73 10.42 0.41 -2.07
CA PRO A 73 11.75 0.23 -2.66
C PRO A 73 12.39 -1.10 -2.28
N ALA A 74 11.77 -1.79 -1.33
CA ALA A 74 12.27 -3.08 -0.88
C ALA A 74 11.20 -3.84 -0.08
N VAL A 75 10.62 -4.85 -0.71
CA VAL A 75 9.59 -5.65 -0.07
C VAL A 75 10.14 -7.00 0.38
N GLN A 76 9.33 -7.75 1.13
CA GLN A 76 9.73 -9.05 1.63
C GLN A 76 8.60 -10.06 1.54
N LEU A 77 8.94 -11.32 1.36
CA LEU A 77 7.94 -12.38 1.24
C LEU A 77 6.95 -12.31 2.39
N GLU A 78 7.43 -11.97 3.57
CA GLU A 78 6.58 -11.87 4.75
C GLU A 78 5.61 -10.70 4.61
N ASP A 79 6.08 -9.62 4.01
CA ASP A 79 5.25 -8.43 3.81
C ASP A 79 3.97 -8.78 3.04
N SER A 80 4.10 -9.71 2.09
CA SER A 80 2.96 -10.13 1.29
C SER A 80 1.79 -10.54 2.17
N GLY A 81 0.66 -9.85 2.00
CA GLY A 81 -0.53 -10.17 2.79
C GLY A 81 -1.76 -9.45 2.30
N GLU A 82 -2.39 -8.69 3.19
CA GLU A 82 -3.59 -7.94 2.84
C GLU A 82 -3.46 -6.47 3.22
N TYR A 83 -3.17 -5.63 2.22
CA TYR A 83 -3.00 -4.20 2.46
C TYR A 83 -4.35 -3.48 2.45
N LEU A 84 -4.85 -3.15 3.63
CA LEU A 84 -6.14 -2.48 3.76
C LEU A 84 -5.94 -0.99 4.05
N CYS A 85 -6.36 -0.15 3.12
CA CYS A 85 -6.23 1.29 3.27
C CYS A 85 -7.53 1.91 3.79
N GLU A 86 -7.51 2.33 5.05
CA GLU A 86 -8.68 2.92 5.68
C GLU A 86 -8.57 4.45 5.69
N ILE A 87 -9.68 5.12 5.42
CA ILE A 87 -9.71 6.57 5.41
C ILE A 87 -10.58 7.12 6.54
N ASP A 88 -11.84 6.70 6.55
CA ASP A 88 -12.79 7.15 7.58
C ASP A 88 -13.58 5.98 8.12
N ASP A 89 -14.51 5.47 7.31
CA ASP A 89 -15.35 4.35 7.71
C ASP A 89 -15.15 3.16 6.79
N GLU A 90 -14.73 3.44 5.55
CA GLU A 90 -14.48 2.39 4.57
C GLU A 90 -12.99 2.06 4.46
N SER A 91 -12.68 0.98 3.77
CA SER A 91 -11.29 0.56 3.59
C SER A 91 -11.09 -0.07 2.21
N ALA A 92 -9.89 0.12 1.67
CA ALA A 92 -9.56 -0.43 0.36
C ALA A 92 -8.67 -1.65 0.48
N SER A 93 -9.10 -2.76 -0.12
CA SER A 93 -8.34 -4.00 -0.07
C SER A 93 -7.29 -4.04 -1.19
N PHE A 94 -6.06 -4.36 -0.81
CA PHE A 94 -4.96 -4.43 -1.78
C PHE A 94 -4.13 -5.68 -1.55
N THR A 95 -4.35 -6.70 -2.38
CA THR A 95 -3.62 -7.95 -2.27
C THR A 95 -2.24 -7.85 -2.91
N VAL A 96 -1.20 -8.06 -2.10
CA VAL A 96 0.17 -7.99 -2.60
C VAL A 96 0.93 -9.27 -2.31
N THR A 97 0.91 -10.18 -3.28
CA THR A 97 1.59 -11.47 -3.13
C THR A 97 3.04 -11.38 -3.61
N VAL A 98 3.97 -11.69 -2.72
CA VAL A 98 5.39 -11.64 -3.06
C VAL A 98 5.97 -13.04 -3.21
N THR A 99 6.96 -13.18 -4.09
CA THR A 99 7.59 -14.47 -4.33
C THR A 99 9.10 -14.32 -4.50
N GLU A 100 9.77 -15.43 -4.78
CA GLU A 100 11.22 -15.41 -4.96
C GLU A 100 11.58 -15.04 -6.40
N PRO A 101 12.56 -14.13 -6.53
CA PRO A 101 13.02 -13.67 -7.84
C PRO A 101 13.79 -14.74 -8.60
N PRO A 102 14.01 -14.50 -9.90
CA PRO A 102 14.74 -15.44 -10.76
C PRO A 102 16.22 -15.52 -10.42
N VAL A 103 16.90 -16.52 -10.97
CA VAL A 103 18.32 -16.72 -10.72
C VAL A 103 19.17 -16.06 -11.81
N ARG A 104 20.10 -15.21 -11.39
CA ARG A 104 20.98 -14.52 -12.32
C ARG A 104 22.44 -14.65 -11.90
N ILE A 105 22.75 -14.19 -10.70
CA ILE A 105 24.10 -14.25 -10.18
C ILE A 105 24.12 -14.68 -8.72
N ILE A 106 24.78 -15.79 -8.43
CA ILE A 106 24.87 -16.30 -7.08
C ILE A 106 26.10 -15.75 -6.36
N TYR A 107 25.87 -15.10 -5.22
CA TYR A 107 26.95 -14.52 -4.44
C TYR A 107 26.64 -14.57 -2.95
N SER A 108 27.63 -14.24 -2.13
CA SER A 108 27.46 -14.24 -0.68
C SER A 108 27.00 -12.88 -0.18
N GLY A 109 26.13 -12.88 0.83
CA GLY A 109 25.64 -11.64 1.38
C GLY A 109 25.49 -11.69 2.89
N PRO A 110 24.45 -12.39 3.37
CA PRO A 110 24.18 -12.53 4.80
C PRO A 110 25.21 -13.41 5.49
N SER A 111 25.10 -13.50 6.82
CA SER A 111 26.03 -14.31 7.61
C SER A 111 25.62 -15.78 7.59
N SER A 112 26.55 -16.65 7.97
CA SER A 112 26.28 -18.09 8.00
C SER A 112 25.61 -18.49 9.31
N GLY A 113 25.79 -17.66 10.33
CA GLY A 113 25.19 -17.95 11.62
C GLY A 113 26.22 -18.37 12.66
N GLY A 1 -3.32 7.09 16.45
CA GLY A 1 -4.52 6.27 16.51
C GLY A 1 -5.56 6.84 17.45
N SER A 2 -5.12 7.29 18.61
CA SER A 2 -6.03 7.85 19.62
C SER A 2 -6.90 8.94 19.00
N SER A 3 -8.18 8.61 18.78
CA SER A 3 -9.12 9.56 18.19
C SER A 3 -10.55 9.16 18.51
N GLY A 4 -11.47 10.13 18.44
CA GLY A 4 -12.87 9.86 18.73
C GLY A 4 -13.79 10.41 17.66
N SER A 5 -14.95 9.79 17.50
CA SER A 5 -15.92 10.22 16.50
C SER A 5 -17.28 9.58 16.76
N SER A 6 -18.33 10.21 16.25
CA SER A 6 -19.68 9.71 16.43
C SER A 6 -20.52 9.95 15.17
N GLY A 7 -21.20 8.90 14.71
CA GLY A 7 -22.03 9.02 13.53
C GLY A 7 -21.21 9.09 12.26
N THR A 8 -21.46 8.18 11.33
CA THR A 8 -20.74 8.14 10.06
C THR A 8 -21.70 8.23 8.88
N ASP A 9 -21.96 9.45 8.43
CA ASP A 9 -22.86 9.69 7.30
C ASP A 9 -22.13 10.40 6.17
N VAL A 10 -21.50 9.62 5.30
CA VAL A 10 -20.76 10.18 4.17
C VAL A 10 -20.69 9.18 3.02
N SER A 11 -20.44 9.69 1.81
CA SER A 11 -20.35 8.84 0.63
C SER A 11 -19.04 8.07 0.61
N SER A 12 -19.07 6.87 0.04
CA SER A 12 -17.88 6.03 -0.05
C SER A 12 -16.62 6.88 -0.22
N TRP A 13 -15.80 6.93 0.81
CA TRP A 13 -14.55 7.70 0.77
C TRP A 13 -13.65 7.20 -0.35
N ILE A 14 -13.35 5.90 -0.34
CA ILE A 14 -12.49 5.31 -1.36
C ILE A 14 -13.18 5.29 -2.71
N VAL A 15 -12.81 6.23 -3.58
CA VAL A 15 -13.39 6.32 -4.91
C VAL A 15 -12.80 5.26 -5.84
N TYR A 16 -11.57 4.85 -5.55
CA TYR A 16 -10.88 3.85 -6.36
C TYR A 16 -9.68 3.29 -5.62
N PRO A 17 -9.38 2.00 -5.85
CA PRO A 17 -10.18 1.17 -6.77
C PRO A 17 -11.57 0.86 -6.20
N SER A 18 -12.43 0.32 -7.06
CA SER A 18 -13.79 -0.03 -6.65
C SER A 18 -13.93 -1.53 -6.41
N GLY A 19 -13.20 -2.03 -5.42
CA GLY A 19 -13.25 -3.45 -5.11
C GLY A 19 -11.90 -4.00 -4.69
N LYS A 20 -11.70 -5.29 -4.90
CA LYS A 20 -10.45 -5.95 -4.55
C LYS A 20 -9.43 -5.83 -5.68
N VAL A 21 -8.16 -5.73 -5.31
CA VAL A 21 -7.09 -5.61 -6.29
C VAL A 21 -5.94 -6.56 -5.98
N TYR A 22 -5.56 -7.37 -6.96
CA TYR A 22 -4.48 -8.33 -6.79
C TYR A 22 -3.17 -7.79 -7.36
N VAL A 23 -2.10 -7.93 -6.59
CA VAL A 23 -0.79 -7.45 -7.01
C VAL A 23 0.30 -8.48 -6.70
N ALA A 24 1.21 -8.66 -7.64
CA ALA A 24 2.30 -9.61 -7.47
C ALA A 24 3.65 -8.91 -7.48
N ALA A 25 4.49 -9.23 -6.50
CA ALA A 25 5.82 -8.62 -6.40
C ALA A 25 6.88 -9.68 -6.11
N VAL A 26 8.14 -9.27 -6.17
CA VAL A 26 9.26 -10.17 -5.92
C VAL A 26 10.17 -9.64 -4.83
N ARG A 27 10.96 -10.53 -4.24
CA ARG A 27 11.89 -10.14 -3.19
C ARG A 27 12.70 -8.92 -3.59
N LEU A 28 12.56 -7.83 -2.84
CA LEU A 28 13.28 -6.59 -3.12
C LEU A 28 12.76 -5.96 -4.40
N GLU A 29 11.47 -6.09 -4.66
CA GLU A 29 10.86 -5.52 -5.85
C GLU A 29 10.17 -4.19 -5.53
N ARG A 30 9.96 -3.39 -6.56
CA ARG A 30 9.32 -2.10 -6.40
C ARG A 30 7.87 -2.13 -6.89
N VAL A 31 6.93 -1.80 -6.01
CA VAL A 31 5.52 -1.80 -6.35
C VAL A 31 4.91 -0.41 -6.21
N VAL A 32 3.73 -0.22 -6.78
CA VAL A 32 3.05 1.07 -6.70
C VAL A 32 1.54 0.88 -6.59
N LEU A 33 1.01 1.14 -5.40
CA LEU A 33 -0.43 0.99 -5.16
C LEU A 33 -1.18 2.25 -5.59
N THR A 34 -2.34 2.06 -6.20
CA THR A 34 -3.15 3.18 -6.65
C THR A 34 -4.44 3.29 -5.85
N CYS A 35 -4.61 4.40 -5.15
CA CYS A 35 -5.79 4.63 -4.34
C CYS A 35 -6.23 6.10 -4.40
N GLU A 36 -7.30 6.36 -5.13
CA GLU A 36 -7.82 7.72 -5.28
C GLU A 36 -8.93 7.99 -4.28
N LEU A 37 -9.22 9.26 -4.05
CA LEU A 37 -10.27 9.66 -3.11
C LEU A 37 -11.19 10.71 -3.73
N CYS A 38 -12.42 10.77 -3.23
CA CYS A 38 -13.38 11.74 -3.73
C CYS A 38 -13.17 13.12 -3.11
N ARG A 39 -12.05 13.26 -2.40
CA ARG A 39 -11.73 14.52 -1.75
C ARG A 39 -10.23 14.77 -1.76
N PRO A 40 -9.82 16.01 -2.07
CA PRO A 40 -8.41 16.40 -2.13
C PRO A 40 -7.77 16.44 -0.75
N TRP A 41 -8.43 17.13 0.18
CA TRP A 41 -7.92 17.25 1.55
C TRP A 41 -8.28 16.02 2.37
N ALA A 42 -8.62 14.93 1.69
CA ALA A 42 -8.98 13.69 2.35
C ALA A 42 -7.75 12.87 2.73
N GLU A 43 -7.57 12.62 4.02
CA GLU A 43 -6.43 11.86 4.50
C GLU A 43 -6.76 10.38 4.56
N VAL A 44 -5.75 9.55 4.28
CA VAL A 44 -5.93 8.10 4.30
C VAL A 44 -4.90 7.43 5.21
N ARG A 45 -5.13 6.16 5.52
CA ARG A 45 -4.23 5.41 6.38
C ARG A 45 -4.24 3.93 6.02
N TRP A 46 -3.05 3.38 5.76
CA TRP A 46 -2.92 1.97 5.39
C TRP A 46 -2.70 1.11 6.63
N THR A 47 -3.45 0.01 6.72
CA THR A 47 -3.34 -0.90 7.86
C THR A 47 -2.94 -2.29 7.40
N LYS A 48 -1.95 -2.87 8.08
CA LYS A 48 -1.47 -4.21 7.75
C LYS A 48 -1.81 -5.20 8.86
N ASP A 49 -2.85 -6.00 8.64
CA ASP A 49 -3.27 -6.99 9.62
C ASP A 49 -3.94 -6.32 10.82
N GLY A 50 -4.75 -5.30 10.55
CA GLY A 50 -5.44 -4.59 11.61
C GLY A 50 -4.62 -3.43 12.14
N GLU A 51 -3.31 -3.56 12.12
CA GLU A 51 -2.42 -2.51 12.59
C GLU A 51 -2.15 -1.48 11.51
N GLU A 52 -1.70 -0.30 11.91
CA GLU A 52 -1.40 0.78 10.96
C GLU A 52 0.04 0.70 10.49
N VAL A 53 0.24 0.88 9.19
CA VAL A 53 1.58 0.84 8.61
C VAL A 53 2.43 2.00 9.11
N VAL A 54 3.71 1.72 9.34
CA VAL A 54 4.64 2.75 9.81
C VAL A 54 5.75 3.00 8.80
N GLU A 55 5.96 4.26 8.46
CA GLU A 55 6.99 4.65 7.50
C GLU A 55 8.30 3.92 7.80
N SER A 56 9.04 3.60 6.75
CA SER A 56 10.32 2.90 6.89
C SER A 56 11.09 2.90 5.58
N PRO A 57 12.37 2.53 5.65
CA PRO A 57 13.25 2.47 4.48
C PRO A 57 12.87 1.36 3.51
N ALA A 58 11.81 0.62 3.85
CA ALA A 58 11.34 -0.48 3.02
C ALA A 58 9.92 -0.23 2.53
N LEU A 59 9.26 0.77 3.12
CA LEU A 59 7.89 1.11 2.74
C LEU A 59 7.73 2.61 2.59
N LEU A 60 7.69 3.07 1.35
CA LEU A 60 7.54 4.49 1.05
C LEU A 60 6.08 4.84 0.77
N LEU A 61 5.56 5.82 1.50
CA LEU A 61 4.18 6.25 1.33
C LEU A 61 4.10 7.48 0.44
N GLN A 62 3.57 7.30 -0.77
CA GLN A 62 3.43 8.41 -1.71
C GLN A 62 2.05 9.05 -1.60
N LYS A 63 2.00 10.36 -1.83
CA LYS A 63 0.76 11.10 -1.75
C LYS A 63 0.62 12.06 -2.92
N GLU A 64 -0.35 11.79 -3.80
CA GLU A 64 -0.58 12.64 -4.96
C GLU A 64 -1.53 13.79 -4.63
N ASP A 65 -1.89 14.56 -5.65
CA ASP A 65 -2.79 15.69 -5.45
C ASP A 65 -4.05 15.26 -4.71
N THR A 66 -4.86 14.42 -5.36
CA THR A 66 -6.09 13.94 -4.78
C THR A 66 -6.09 12.41 -4.66
N VAL A 67 -4.97 11.81 -5.04
CA VAL A 67 -4.84 10.34 -4.97
C VAL A 67 -3.59 9.95 -4.20
N ARG A 68 -3.69 8.86 -3.45
CA ARG A 68 -2.57 8.36 -2.65
C ARG A 68 -1.95 7.13 -3.30
N ARG A 69 -0.68 6.89 -2.99
CA ARG A 69 0.03 5.73 -3.54
C ARG A 69 1.08 5.22 -2.56
N LEU A 70 1.24 3.90 -2.51
CA LEU A 70 2.22 3.29 -1.61
C LEU A 70 3.28 2.53 -2.39
N VAL A 71 4.50 3.05 -2.39
CA VAL A 71 5.61 2.42 -3.11
C VAL A 71 6.57 1.74 -2.13
N LEU A 72 7.01 0.54 -2.48
CA LEU A 72 7.93 -0.22 -1.65
C LEU A 72 9.24 -0.48 -2.38
N PRO A 73 10.28 0.30 -2.04
CA PRO A 73 11.60 0.17 -2.66
C PRO A 73 12.30 -1.12 -2.25
N ALA A 74 11.73 -1.81 -1.26
CA ALA A 74 12.30 -3.06 -0.77
C ALA A 74 11.27 -3.89 -0.03
N VAL A 75 10.79 -4.95 -0.67
CA VAL A 75 9.79 -5.82 -0.07
C VAL A 75 10.42 -7.14 0.40
N GLN A 76 9.65 -7.91 1.16
CA GLN A 76 10.14 -9.18 1.68
C GLN A 76 9.00 -10.20 1.74
N LEU A 77 9.34 -11.46 1.48
CA LEU A 77 8.35 -12.54 1.51
C LEU A 77 7.44 -12.41 2.72
N GLU A 78 7.97 -11.85 3.79
CA GLU A 78 7.21 -11.67 5.03
C GLU A 78 6.15 -10.59 4.86
N ASP A 79 6.50 -9.53 4.13
CA ASP A 79 5.58 -8.44 3.89
C ASP A 79 4.28 -8.94 3.25
N SER A 80 4.41 -9.94 2.39
CA SER A 80 3.25 -10.51 1.70
C SER A 80 2.11 -10.74 2.69
N GLY A 81 1.00 -10.04 2.46
CA GLY A 81 -0.15 -10.19 3.33
C GLY A 81 -1.39 -9.52 2.77
N GLU A 82 -2.15 -8.86 3.63
CA GLU A 82 -3.37 -8.19 3.21
C GLU A 82 -3.29 -6.69 3.51
N TYR A 83 -3.02 -5.90 2.48
CA TYR A 83 -2.92 -4.46 2.63
C TYR A 83 -4.29 -3.80 2.54
N LEU A 84 -4.77 -3.29 3.67
CA LEU A 84 -6.07 -2.64 3.71
C LEU A 84 -5.92 -1.13 3.94
N CYS A 85 -6.30 -0.35 2.94
CA CYS A 85 -6.21 1.10 3.02
C CYS A 85 -7.47 1.70 3.65
N GLU A 86 -7.35 2.16 4.89
CA GLU A 86 -8.48 2.74 5.60
C GLU A 86 -8.40 4.26 5.60
N ILE A 87 -9.51 4.92 5.30
CA ILE A 87 -9.55 6.38 5.26
C ILE A 87 -10.38 6.93 6.42
N ASP A 88 -11.66 6.56 6.47
CA ASP A 88 -12.54 7.01 7.53
C ASP A 88 -13.36 5.86 8.09
N ASP A 89 -14.32 5.38 7.30
CA ASP A 89 -15.17 4.28 7.72
C ASP A 89 -15.02 3.09 6.77
N GLU A 90 -14.54 3.36 5.55
CA GLU A 90 -14.36 2.32 4.55
C GLU A 90 -12.89 1.94 4.43
N SER A 91 -12.62 0.85 3.72
CA SER A 91 -11.25 0.38 3.53
C SER A 91 -11.08 -0.25 2.15
N ALA A 92 -9.88 -0.12 1.59
CA ALA A 92 -9.59 -0.67 0.27
C ALA A 92 -8.75 -1.95 0.39
N SER A 93 -9.17 -3.00 -0.31
CA SER A 93 -8.45 -4.27 -0.28
C SER A 93 -7.33 -4.28 -1.30
N PHE A 94 -6.11 -4.55 -0.83
CA PHE A 94 -4.95 -4.59 -1.71
C PHE A 94 -4.12 -5.84 -1.44
N THR A 95 -4.28 -6.85 -2.29
CA THR A 95 -3.55 -8.11 -2.14
C THR A 95 -2.16 -8.00 -2.77
N VAL A 96 -1.14 -8.33 -1.99
CA VAL A 96 0.24 -8.28 -2.46
C VAL A 96 1.01 -9.54 -2.08
N THR A 97 1.27 -10.39 -3.06
CA THR A 97 1.99 -11.63 -2.83
C THR A 97 3.43 -11.54 -3.32
N VAL A 98 4.38 -11.67 -2.40
CA VAL A 98 5.80 -11.61 -2.74
C VAL A 98 6.40 -13.00 -2.84
N THR A 99 7.37 -13.15 -3.75
CA THR A 99 8.04 -14.43 -3.94
C THR A 99 9.51 -14.23 -4.26
N GLU A 100 10.25 -15.34 -4.32
CA GLU A 100 11.68 -15.29 -4.61
C GLU A 100 11.92 -15.06 -6.10
N PRO A 101 12.88 -14.17 -6.40
CA PRO A 101 13.23 -13.83 -7.79
C PRO A 101 13.92 -14.98 -8.51
N PRO A 102 13.98 -14.89 -9.85
CA PRO A 102 14.61 -15.92 -10.69
C PRO A 102 16.12 -15.94 -10.53
N VAL A 103 16.76 -16.95 -11.12
CA VAL A 103 18.21 -17.08 -11.05
C VAL A 103 18.82 -17.14 -12.44
N ARG A 104 19.76 -16.22 -12.70
CA ARG A 104 20.43 -16.16 -14.00
C ARG A 104 21.75 -16.92 -13.96
N ILE A 105 22.53 -16.69 -12.91
CA ILE A 105 23.82 -17.34 -12.75
C ILE A 105 23.90 -18.10 -11.42
N ILE A 106 24.22 -19.39 -11.50
CA ILE A 106 24.33 -20.22 -10.31
C ILE A 106 25.78 -20.47 -9.95
N TYR A 107 26.18 -20.04 -8.76
CA TYR A 107 27.55 -20.22 -8.29
C TYR A 107 27.64 -21.38 -7.31
N SER A 108 26.82 -21.32 -6.26
CA SER A 108 26.81 -22.36 -5.24
C SER A 108 25.74 -23.40 -5.53
N GLY A 109 24.49 -22.94 -5.64
CA GLY A 109 23.38 -23.84 -5.91
C GLY A 109 22.17 -23.54 -5.06
N PRO A 110 21.33 -24.57 -4.83
CA PRO A 110 20.11 -24.44 -4.03
C PRO A 110 20.42 -24.20 -2.55
N SER A 111 19.53 -23.46 -1.88
CA SER A 111 19.70 -23.17 -0.47
C SER A 111 20.10 -24.43 0.31
N SER A 112 21.10 -24.28 1.18
CA SER A 112 21.57 -25.39 1.99
C SER A 112 21.78 -26.64 1.12
N GLY A 113 22.36 -26.43 -0.06
CA GLY A 113 22.61 -27.54 -0.96
C GLY A 113 23.36 -27.11 -2.20
N GLY A 1 -24.19 21.09 11.63
CA GLY A 1 -24.19 21.67 12.96
C GLY A 1 -23.84 20.66 14.03
N SER A 2 -22.88 19.80 13.74
CA SER A 2 -22.45 18.78 14.69
C SER A 2 -21.08 18.24 14.33
N SER A 3 -20.39 17.68 15.33
CA SER A 3 -19.05 17.13 15.12
C SER A 3 -19.01 16.24 13.88
N GLY A 4 -17.81 15.95 13.40
CA GLY A 4 -17.66 15.11 12.23
C GLY A 4 -17.66 13.63 12.57
N SER A 5 -18.76 13.16 13.15
CA SER A 5 -18.87 11.75 13.54
C SER A 5 -19.11 10.88 12.31
N SER A 6 -20.03 11.29 11.45
CA SER A 6 -20.36 10.55 10.25
C SER A 6 -20.43 11.48 9.03
N GLY A 7 -19.65 11.14 8.00
CA GLY A 7 -19.63 11.96 6.80
C GLY A 7 -20.99 12.56 6.48
N THR A 8 -21.01 13.86 6.20
CA THR A 8 -22.25 14.56 5.88
C THR A 8 -22.53 14.52 4.39
N ASP A 9 -23.42 13.62 3.99
CA ASP A 9 -23.78 13.50 2.58
C ASP A 9 -22.55 13.25 1.72
N VAL A 10 -21.66 12.37 2.21
CA VAL A 10 -20.45 12.05 1.49
C VAL A 10 -20.44 10.59 1.04
N SER A 11 -20.13 10.37 -0.24
CA SER A 11 -20.09 9.02 -0.79
C SER A 11 -18.86 8.27 -0.32
N SER A 12 -18.86 6.95 -0.49
CA SER A 12 -17.74 6.12 -0.08
C SER A 12 -16.42 6.85 -0.26
N TRP A 13 -15.84 7.29 0.85
CA TRP A 13 -14.57 8.02 0.82
C TRP A 13 -13.65 7.45 -0.26
N ILE A 14 -13.45 6.14 -0.23
CA ILE A 14 -12.60 5.49 -1.22
C ILE A 14 -13.27 5.43 -2.58
N VAL A 15 -12.91 6.38 -3.45
CA VAL A 15 -13.48 6.42 -4.80
C VAL A 15 -12.89 5.33 -5.68
N TYR A 16 -11.67 4.92 -5.38
CA TYR A 16 -11.01 3.87 -6.15
C TYR A 16 -9.78 3.34 -5.40
N PRO A 17 -9.51 2.04 -5.56
CA PRO A 17 -10.33 1.16 -6.39
C PRO A 17 -11.70 0.90 -5.78
N SER A 18 -12.60 0.35 -6.59
CA SER A 18 -13.96 0.05 -6.14
C SER A 18 -14.14 -1.44 -5.91
N GLY A 19 -13.41 -1.97 -4.93
CA GLY A 19 -13.50 -3.39 -4.63
C GLY A 19 -12.17 -3.99 -4.24
N LYS A 20 -11.97 -5.26 -4.56
CA LYS A 20 -10.73 -5.96 -4.24
C LYS A 20 -9.76 -5.89 -5.41
N VAL A 21 -8.46 -5.81 -5.10
CA VAL A 21 -7.43 -5.74 -6.13
C VAL A 21 -6.31 -6.73 -5.84
N TYR A 22 -5.73 -7.29 -6.90
CA TYR A 22 -4.64 -8.25 -6.75
C TYR A 22 -3.34 -7.68 -7.32
N VAL A 23 -2.24 -7.93 -6.61
CA VAL A 23 -0.94 -7.45 -7.04
C VAL A 23 0.15 -8.46 -6.71
N ALA A 24 1.15 -8.58 -7.60
CA ALA A 24 2.25 -9.50 -7.40
C ALA A 24 3.56 -8.75 -7.21
N ALA A 25 4.37 -9.21 -6.26
CA ALA A 25 5.66 -8.59 -5.98
C ALA A 25 6.75 -9.63 -5.81
N VAL A 26 8.00 -9.18 -5.78
CA VAL A 26 9.14 -10.08 -5.62
C VAL A 26 10.11 -9.55 -4.56
N ARG A 27 10.95 -10.45 -4.04
CA ARG A 27 11.93 -10.07 -3.02
C ARG A 27 12.64 -8.78 -3.41
N LEU A 28 12.39 -7.72 -2.64
CA LEU A 28 13.02 -6.42 -2.91
C LEU A 28 12.51 -5.83 -4.21
N GLU A 29 11.20 -5.92 -4.43
CA GLU A 29 10.59 -5.39 -5.65
C GLU A 29 9.98 -4.02 -5.40
N ARG A 30 9.73 -3.28 -6.47
CA ARG A 30 9.15 -1.94 -6.36
C ARG A 30 7.68 -1.96 -6.80
N VAL A 31 6.78 -1.98 -5.83
CA VAL A 31 5.35 -1.99 -6.12
C VAL A 31 4.75 -0.59 -6.01
N VAL A 32 3.60 -0.39 -6.65
CA VAL A 32 2.94 0.91 -6.63
C VAL A 32 1.42 0.74 -6.52
N LEU A 33 0.88 1.01 -5.34
CA LEU A 33 -0.56 0.89 -5.11
C LEU A 33 -1.28 2.16 -5.54
N THR A 34 -2.44 1.99 -6.16
CA THR A 34 -3.23 3.12 -6.62
C THR A 34 -4.51 3.27 -5.79
N CYS A 35 -4.65 4.40 -5.12
CA CYS A 35 -5.83 4.66 -4.30
C CYS A 35 -6.25 6.12 -4.41
N GLU A 36 -7.34 6.37 -5.13
CA GLU A 36 -7.85 7.72 -5.31
C GLU A 36 -8.95 8.03 -4.30
N LEU A 37 -9.18 9.31 -4.05
CA LEU A 37 -10.21 9.74 -3.11
C LEU A 37 -11.14 10.76 -3.75
N CYS A 38 -12.34 10.91 -3.17
CA CYS A 38 -13.31 11.84 -3.69
C CYS A 38 -13.05 13.25 -3.15
N ARG A 39 -11.93 13.41 -2.45
CA ARG A 39 -11.57 14.70 -1.87
C ARG A 39 -10.06 14.84 -1.81
N PRO A 40 -9.57 16.07 -2.08
CA PRO A 40 -8.13 16.37 -2.06
C PRO A 40 -7.56 16.36 -0.64
N TRP A 41 -8.22 17.08 0.26
CA TRP A 41 -7.78 17.14 1.64
C TRP A 41 -8.26 15.93 2.43
N ALA A 42 -8.36 14.78 1.77
CA ALA A 42 -8.81 13.56 2.40
C ALA A 42 -7.63 12.71 2.86
N GLU A 43 -7.45 12.62 4.18
CA GLU A 43 -6.35 11.85 4.74
C GLU A 43 -6.73 10.39 4.89
N VAL A 44 -5.79 9.50 4.60
CA VAL A 44 -6.03 8.07 4.69
C VAL A 44 -4.96 7.38 5.54
N ARG A 45 -5.21 6.13 5.90
CA ARG A 45 -4.28 5.36 6.72
C ARG A 45 -4.24 3.90 6.27
N TRP A 46 -3.05 3.42 5.90
CA TRP A 46 -2.88 2.04 5.46
C TRP A 46 -2.64 1.12 6.66
N THR A 47 -3.34 -0.02 6.66
CA THR A 47 -3.19 -0.99 7.73
C THR A 47 -2.88 -2.37 7.19
N LYS A 48 -1.83 -2.99 7.71
CA LYS A 48 -1.42 -4.32 7.28
C LYS A 48 -1.90 -5.38 8.26
N ASP A 49 -3.07 -5.95 7.98
CA ASP A 49 -3.64 -6.98 8.85
C ASP A 49 -4.16 -6.38 10.14
N GLY A 50 -4.71 -5.17 10.06
CA GLY A 50 -5.23 -4.51 11.23
C GLY A 50 -4.25 -3.52 11.83
N GLU A 51 -2.96 -3.81 11.69
CA GLU A 51 -1.92 -2.94 12.22
C GLU A 51 -1.67 -1.76 11.27
N GLU A 52 -1.41 -0.59 11.86
CA GLU A 52 -1.16 0.61 11.07
C GLU A 52 0.29 0.65 10.59
N VAL A 53 0.47 0.61 9.27
CA VAL A 53 1.81 0.64 8.69
C VAL A 53 2.55 1.92 9.08
N VAL A 54 3.80 1.76 9.49
CA VAL A 54 4.62 2.91 9.88
C VAL A 54 5.74 3.15 8.87
N GLU A 55 5.89 4.42 8.46
CA GLU A 55 6.92 4.79 7.51
C GLU A 55 8.24 4.09 7.82
N SER A 56 9.01 3.80 6.79
CA SER A 56 10.30 3.13 6.96
C SER A 56 11.07 3.09 5.64
N PRO A 57 12.36 2.73 5.72
CA PRO A 57 13.23 2.64 4.55
C PRO A 57 12.86 1.47 3.63
N ALA A 58 11.80 0.76 3.98
CA ALA A 58 11.33 -0.36 3.20
C ALA A 58 9.91 -0.14 2.68
N LEU A 59 9.24 0.86 3.24
CA LEU A 59 7.88 1.18 2.83
C LEU A 59 7.71 2.68 2.65
N LEU A 60 7.74 3.12 1.39
CA LEU A 60 7.58 4.54 1.07
C LEU A 60 6.14 4.87 0.77
N LEU A 61 5.61 5.89 1.45
CA LEU A 61 4.22 6.31 1.25
C LEU A 61 4.15 7.49 0.30
N GLN A 62 3.58 7.25 -0.88
CA GLN A 62 3.45 8.30 -1.89
C GLN A 62 2.07 8.95 -1.81
N LYS A 63 2.02 10.26 -2.08
CA LYS A 63 0.77 11.00 -2.04
C LYS A 63 0.65 11.93 -3.24
N GLU A 64 -0.44 11.81 -3.99
CA GLU A 64 -0.67 12.64 -5.16
C GLU A 64 -1.63 13.78 -4.84
N ASP A 65 -1.97 14.57 -5.86
CA ASP A 65 -2.89 15.69 -5.67
C ASP A 65 -4.12 15.26 -4.90
N THR A 66 -4.89 14.34 -5.47
CA THR A 66 -6.11 13.85 -4.83
C THR A 66 -6.08 12.33 -4.70
N VAL A 67 -5.02 11.72 -5.20
CA VAL A 67 -4.88 10.27 -5.14
C VAL A 67 -3.61 9.87 -4.38
N ARG A 68 -3.73 8.86 -3.53
CA ARG A 68 -2.60 8.39 -2.75
C ARG A 68 -1.98 7.14 -3.37
N ARG A 69 -0.71 6.90 -3.08
CA ARG A 69 0.00 5.75 -3.61
C ARG A 69 1.04 5.23 -2.62
N LEU A 70 1.20 3.92 -2.57
CA LEU A 70 2.17 3.30 -1.66
C LEU A 70 3.26 2.58 -2.44
N VAL A 71 4.48 3.11 -2.36
CA VAL A 71 5.61 2.51 -3.05
C VAL A 71 6.57 1.84 -2.07
N LEU A 72 6.99 0.64 -2.40
CA LEU A 72 7.92 -0.11 -1.55
C LEU A 72 9.23 -0.39 -2.27
N PRO A 73 10.27 0.38 -1.91
CA PRO A 73 11.60 0.24 -2.51
C PRO A 73 12.29 -1.07 -2.11
N ALA A 74 11.73 -1.73 -1.09
CA ALA A 74 12.29 -2.99 -0.61
C ALA A 74 11.25 -3.78 0.18
N VAL A 75 10.72 -4.83 -0.43
CA VAL A 75 9.73 -5.67 0.22
C VAL A 75 10.33 -6.97 0.73
N GLN A 76 9.56 -7.73 1.50
CA GLN A 76 10.03 -8.99 2.05
C GLN A 76 8.96 -10.07 1.94
N LEU A 77 9.39 -11.32 1.80
CA LEU A 77 8.46 -12.44 1.69
C LEU A 77 7.44 -12.43 2.81
N GLU A 78 7.90 -12.05 4.01
CA GLU A 78 7.02 -12.00 5.17
C GLU A 78 5.96 -10.92 5.00
N ASP A 79 6.34 -9.81 4.39
CA ASP A 79 5.43 -8.70 4.17
C ASP A 79 4.20 -9.17 3.40
N SER A 80 4.40 -10.12 2.50
CA SER A 80 3.30 -10.64 1.69
C SER A 80 2.05 -10.85 2.54
N GLY A 81 0.97 -10.18 2.17
CA GLY A 81 -0.27 -10.31 2.90
C GLY A 81 -1.40 -9.47 2.30
N GLU A 82 -2.15 -8.79 3.15
CA GLU A 82 -3.26 -7.96 2.70
C GLU A 82 -3.10 -6.52 3.20
N TYR A 83 -3.17 -5.57 2.27
CA TYR A 83 -3.04 -4.16 2.62
C TYR A 83 -4.40 -3.47 2.62
N LEU A 84 -4.91 -3.19 3.81
CA LEU A 84 -6.21 -2.53 3.95
C LEU A 84 -6.03 -1.02 4.18
N CYS A 85 -6.41 -0.22 3.20
CA CYS A 85 -6.29 1.22 3.31
C CYS A 85 -7.60 1.84 3.81
N GLU A 86 -7.59 2.28 5.06
CA GLU A 86 -8.78 2.88 5.65
C GLU A 86 -8.64 4.41 5.74
N ILE A 87 -9.70 5.12 5.39
CA ILE A 87 -9.69 6.57 5.42
C ILE A 87 -10.51 7.10 6.60
N ASP A 88 -11.77 6.68 6.68
CA ASP A 88 -12.64 7.10 7.75
C ASP A 88 -13.42 5.92 8.32
N ASP A 89 -14.39 5.44 7.55
CA ASP A 89 -15.21 4.30 7.98
C ASP A 89 -15.06 3.13 7.00
N GLU A 90 -14.57 3.42 5.81
CA GLU A 90 -14.38 2.39 4.79
C GLU A 90 -12.90 2.05 4.62
N SER A 91 -12.62 0.96 3.92
CA SER A 91 -11.25 0.52 3.70
C SER A 91 -11.11 -0.14 2.33
N ALA A 92 -9.93 0.00 1.72
CA ALA A 92 -9.67 -0.59 0.41
C ALA A 92 -8.81 -1.84 0.54
N SER A 93 -9.22 -2.90 -0.15
CA SER A 93 -8.50 -4.17 -0.11
C SER A 93 -7.40 -4.19 -1.17
N PHE A 94 -6.18 -4.50 -0.73
CA PHE A 94 -5.04 -4.56 -1.64
C PHE A 94 -4.21 -5.81 -1.39
N THR A 95 -4.41 -6.83 -2.22
CA THR A 95 -3.68 -8.08 -2.10
C THR A 95 -2.30 -7.98 -2.72
N VAL A 96 -1.28 -8.26 -1.92
CA VAL A 96 0.11 -8.20 -2.39
C VAL A 96 0.87 -9.46 -2.02
N THR A 97 1.10 -10.32 -3.01
CA THR A 97 1.82 -11.58 -2.78
C THR A 97 3.26 -11.48 -3.28
N VAL A 98 4.20 -11.66 -2.37
CA VAL A 98 5.62 -11.59 -2.72
C VAL A 98 6.18 -12.99 -3.00
N THR A 99 7.22 -13.05 -3.84
CA THR A 99 7.85 -14.31 -4.18
C THR A 99 9.33 -14.14 -4.43
N GLU A 100 10.03 -15.26 -4.63
CA GLU A 100 11.47 -15.22 -4.88
C GLU A 100 11.76 -14.90 -6.34
N PRO A 101 12.71 -13.98 -6.56
CA PRO A 101 13.10 -13.56 -7.91
C PRO A 101 13.85 -14.65 -8.67
N PRO A 102 13.98 -14.48 -10.00
CA PRO A 102 14.66 -15.44 -10.85
C PRO A 102 16.17 -15.47 -10.62
N VAL A 103 16.82 -16.50 -11.13
CA VAL A 103 18.27 -16.64 -10.97
C VAL A 103 19.00 -16.32 -12.27
N ARG A 104 19.81 -15.25 -12.24
CA ARG A 104 20.55 -14.83 -13.41
C ARG A 104 22.03 -14.61 -13.05
N ILE A 105 22.27 -13.95 -11.93
CA ILE A 105 23.63 -13.67 -11.48
C ILE A 105 24.19 -14.82 -10.66
N ILE A 106 25.43 -15.21 -10.94
CA ILE A 106 26.07 -16.29 -10.22
C ILE A 106 27.44 -15.88 -9.69
N TYR A 107 27.45 -15.29 -8.50
CA TYR A 107 28.69 -14.84 -7.87
C TYR A 107 29.15 -15.82 -6.80
N SER A 108 30.35 -15.58 -6.28
CA SER A 108 30.90 -16.45 -5.24
C SER A 108 30.35 -16.09 -3.86
N GLY A 109 30.62 -14.87 -3.43
CA GLY A 109 30.14 -14.41 -2.14
C GLY A 109 30.91 -13.21 -1.62
N PRO A 110 30.54 -12.01 -2.10
CA PRO A 110 31.19 -10.77 -1.69
C PRO A 110 30.88 -10.39 -0.25
N SER A 111 31.74 -9.56 0.34
CA SER A 111 31.57 -9.14 1.72
C SER A 111 31.02 -7.71 1.79
N SER A 112 30.01 -7.51 2.62
CA SER A 112 29.39 -6.20 2.77
C SER A 112 30.30 -5.25 3.57
N GLY A 113 30.02 -3.96 3.47
CA GLY A 113 30.82 -2.98 4.18
C GLY A 113 30.19 -1.60 4.18
N GLY A 1 -13.68 15.64 23.60
CA GLY A 1 -13.51 16.37 22.37
C GLY A 1 -14.70 17.28 22.07
N SER A 2 -14.45 18.36 21.35
CA SER A 2 -15.51 19.30 20.99
C SER A 2 -16.69 18.60 20.35
N SER A 3 -17.89 18.95 20.78
CA SER A 3 -19.11 18.34 20.24
C SER A 3 -19.84 19.32 19.33
N GLY A 4 -19.81 19.02 18.03
CA GLY A 4 -20.48 19.89 17.07
C GLY A 4 -21.09 19.10 15.91
N SER A 5 -20.23 18.52 15.09
CA SER A 5 -20.67 17.75 13.94
C SER A 5 -21.11 16.35 14.37
N SER A 6 -21.73 15.62 13.43
CA SER A 6 -22.19 14.27 13.71
C SER A 6 -21.42 13.24 12.88
N GLY A 7 -21.51 13.36 11.56
CA GLY A 7 -20.81 12.44 10.68
C GLY A 7 -20.48 13.06 9.34
N THR A 8 -19.75 12.33 8.52
CA THR A 8 -19.37 12.81 7.19
C THR A 8 -20.23 12.20 6.11
N ASP A 9 -21.26 12.93 5.69
CA ASP A 9 -22.18 12.45 4.66
C ASP A 9 -21.51 12.46 3.30
N VAL A 10 -21.18 11.28 2.79
CA VAL A 10 -20.52 11.16 1.49
C VAL A 10 -20.83 9.81 0.85
N SER A 11 -20.87 9.78 -0.48
CA SER A 11 -21.15 8.55 -1.21
C SER A 11 -20.18 7.46 -0.83
N SER A 12 -18.89 7.70 -1.06
CA SER A 12 -17.85 6.72 -0.75
C SER A 12 -16.47 7.37 -0.78
N TRP A 13 -15.82 7.43 0.38
CA TRP A 13 -14.49 8.03 0.48
C TRP A 13 -13.56 7.46 -0.57
N ILE A 14 -13.46 6.13 -0.61
CA ILE A 14 -12.60 5.46 -1.58
C ILE A 14 -13.23 5.43 -2.96
N VAL A 15 -12.90 6.42 -3.78
CA VAL A 15 -13.45 6.51 -5.13
C VAL A 15 -12.85 5.44 -6.04
N TYR A 16 -11.70 4.90 -5.62
CA TYR A 16 -11.02 3.86 -6.39
C TYR A 16 -9.83 3.30 -5.63
N PRO A 17 -9.57 2.00 -5.80
CA PRO A 17 -10.39 1.15 -6.67
C PRO A 17 -11.79 0.90 -6.10
N SER A 18 -12.66 0.31 -6.92
CA SER A 18 -14.02 0.03 -6.51
C SER A 18 -14.21 -1.47 -6.25
N GLY A 19 -13.50 -1.98 -5.24
CA GLY A 19 -13.61 -3.39 -4.90
C GLY A 19 -12.28 -3.97 -4.47
N LYS A 20 -12.00 -5.20 -4.90
CA LYS A 20 -10.77 -5.87 -4.54
C LYS A 20 -9.76 -5.81 -5.69
N VAL A 21 -8.49 -5.66 -5.33
CA VAL A 21 -7.42 -5.58 -6.33
C VAL A 21 -6.25 -6.48 -5.96
N TYR A 22 -5.85 -7.34 -6.90
CA TYR A 22 -4.74 -8.25 -6.67
C TYR A 22 -3.44 -7.70 -7.25
N VAL A 23 -2.35 -7.88 -6.52
CA VAL A 23 -1.05 -7.39 -6.95
C VAL A 23 0.06 -8.38 -6.61
N ALA A 24 0.97 -8.60 -7.55
CA ALA A 24 2.08 -9.53 -7.35
C ALA A 24 3.40 -8.78 -7.23
N ALA A 25 4.26 -9.24 -6.32
CA ALA A 25 5.56 -8.61 -6.12
C ALA A 25 6.66 -9.66 -5.99
N VAL A 26 7.90 -9.21 -5.92
CA VAL A 26 9.05 -10.11 -5.81
C VAL A 26 10.03 -9.61 -4.76
N ARG A 27 10.88 -10.52 -4.28
CA ARG A 27 11.89 -10.17 -3.28
C ARG A 27 12.58 -8.86 -3.63
N LEU A 28 12.30 -7.82 -2.86
CA LEU A 28 12.90 -6.51 -3.08
C LEU A 28 12.38 -5.89 -4.37
N GLU A 29 11.06 -5.98 -4.58
CA GLU A 29 10.43 -5.42 -5.77
C GLU A 29 9.85 -4.04 -5.49
N ARG A 30 9.67 -3.26 -6.55
CA ARG A 30 9.11 -1.91 -6.41
C ARG A 30 7.66 -1.88 -6.86
N VAL A 31 6.74 -2.02 -5.91
CA VAL A 31 5.32 -2.00 -6.21
C VAL A 31 4.74 -0.59 -6.08
N VAL A 32 3.59 -0.37 -6.68
CA VAL A 32 2.93 0.93 -6.64
C VAL A 32 1.42 0.78 -6.52
N LEU A 33 0.91 1.04 -5.31
CA LEU A 33 -0.53 0.93 -5.06
C LEU A 33 -1.26 2.18 -5.55
N THR A 34 -2.42 1.98 -6.17
CA THR A 34 -3.22 3.08 -6.67
C THR A 34 -4.52 3.22 -5.91
N CYS A 35 -4.66 4.32 -5.17
CA CYS A 35 -5.86 4.57 -4.39
C CYS A 35 -6.28 6.04 -4.49
N GLU A 36 -7.34 6.29 -5.25
CA GLU A 36 -7.84 7.65 -5.43
C GLU A 36 -8.98 7.95 -4.45
N LEU A 37 -9.19 9.23 -4.18
CA LEU A 37 -10.23 9.65 -3.26
C LEU A 37 -11.13 10.71 -3.90
N CYS A 38 -12.29 10.93 -3.30
CA CYS A 38 -13.23 11.93 -3.81
C CYS A 38 -12.96 13.30 -3.22
N ARG A 39 -11.82 13.42 -2.54
CA ARG A 39 -11.43 14.68 -1.93
C ARG A 39 -9.92 14.82 -1.86
N PRO A 40 -9.41 16.03 -2.16
CA PRO A 40 -7.98 16.32 -2.14
C PRO A 40 -7.40 16.31 -0.73
N TRP A 41 -8.05 17.04 0.17
CA TRP A 41 -7.61 17.12 1.55
C TRP A 41 -8.11 15.93 2.37
N ALA A 42 -8.29 14.80 1.68
CA ALA A 42 -8.77 13.58 2.34
C ALA A 42 -7.61 12.74 2.85
N GLU A 43 -7.47 12.69 4.18
CA GLU A 43 -6.38 11.92 4.79
C GLU A 43 -6.77 10.45 4.91
N VAL A 44 -5.84 9.57 4.52
CA VAL A 44 -6.08 8.14 4.58
C VAL A 44 -5.03 7.44 5.45
N ARG A 45 -5.28 6.17 5.75
CA ARG A 45 -4.36 5.40 6.57
C ARG A 45 -4.34 3.93 6.13
N TRP A 46 -3.15 3.42 5.85
CA TRP A 46 -3.00 2.03 5.42
C TRP A 46 -2.79 1.11 6.62
N THR A 47 -3.49 -0.02 6.62
CA THR A 47 -3.38 -0.98 7.71
C THR A 47 -2.94 -2.35 7.19
N LYS A 48 -1.89 -2.90 7.79
CA LYS A 48 -1.37 -4.20 7.39
C LYS A 48 -1.67 -5.25 8.44
N ASP A 49 -2.70 -6.05 8.20
CA ASP A 49 -3.09 -7.11 9.12
C ASP A 49 -3.72 -6.51 10.39
N GLY A 50 -4.46 -5.42 10.21
CA GLY A 50 -5.10 -4.77 11.34
C GLY A 50 -4.27 -3.66 11.92
N GLU A 51 -2.94 -3.79 11.82
CA GLU A 51 -2.04 -2.77 12.34
C GLU A 51 -1.83 -1.65 11.33
N GLU A 52 -1.47 -0.48 11.83
CA GLU A 52 -1.25 0.68 10.96
C GLU A 52 0.22 0.77 10.53
N VAL A 53 0.47 0.53 9.26
CA VAL A 53 1.82 0.58 8.72
C VAL A 53 2.52 1.88 9.10
N VAL A 54 3.79 1.78 9.48
CA VAL A 54 4.57 2.95 9.87
C VAL A 54 5.69 3.22 8.87
N GLU A 55 5.84 4.49 8.50
CA GLU A 55 6.88 4.88 7.55
C GLU A 55 8.21 4.20 7.89
N SER A 56 9.00 3.89 6.86
CA SER A 56 10.28 3.24 7.04
C SER A 56 11.07 3.21 5.73
N PRO A 57 12.36 2.86 5.83
CA PRO A 57 13.25 2.80 4.66
C PRO A 57 12.91 1.64 3.74
N ALA A 58 11.86 0.90 4.09
CA ALA A 58 11.43 -0.24 3.29
C ALA A 58 10.00 -0.04 2.78
N LEU A 59 9.31 0.95 3.33
CA LEU A 59 7.94 1.25 2.93
C LEU A 59 7.75 2.76 2.74
N LEU A 60 7.70 3.19 1.48
CA LEU A 60 7.52 4.60 1.16
C LEU A 60 6.05 4.90 0.90
N LEU A 61 5.53 5.93 1.55
CA LEU A 61 4.14 6.33 1.38
C LEU A 61 4.03 7.56 0.49
N GLN A 62 3.54 7.35 -0.73
CA GLN A 62 3.38 8.44 -1.69
C GLN A 62 1.99 9.06 -1.59
N LYS A 63 1.90 10.36 -1.83
CA LYS A 63 0.64 11.08 -1.77
C LYS A 63 0.52 12.07 -2.92
N GLU A 64 -0.41 11.82 -3.83
CA GLU A 64 -0.62 12.70 -4.97
C GLU A 64 -1.61 13.81 -4.62
N ASP A 65 -1.96 14.61 -5.62
CA ASP A 65 -2.89 15.72 -5.42
C ASP A 65 -4.17 15.23 -4.74
N THR A 66 -4.86 14.30 -5.38
CA THR A 66 -6.10 13.75 -4.84
C THR A 66 -6.05 12.23 -4.77
N VAL A 67 -4.93 11.66 -5.23
CA VAL A 67 -4.76 10.21 -5.22
C VAL A 67 -3.52 9.81 -4.42
N ARG A 68 -3.65 8.74 -3.64
CA ARG A 68 -2.54 8.26 -2.83
C ARG A 68 -1.93 6.99 -3.43
N ARG A 69 -0.68 6.73 -3.10
CA ARG A 69 0.02 5.56 -3.60
C ARG A 69 1.06 5.07 -2.60
N LEU A 70 1.18 3.75 -2.48
CA LEU A 70 2.14 3.15 -1.55
C LEU A 70 3.25 2.43 -2.31
N VAL A 71 4.42 3.06 -2.37
CA VAL A 71 5.57 2.48 -3.06
C VAL A 71 6.52 1.81 -2.08
N LEU A 72 7.01 0.63 -2.44
CA LEU A 72 7.93 -0.11 -1.59
C LEU A 72 9.23 -0.41 -2.33
N PRO A 73 10.29 0.33 -1.98
CA PRO A 73 11.62 0.16 -2.60
C PRO A 73 12.27 -1.16 -2.21
N ALA A 74 11.71 -1.81 -1.20
CA ALA A 74 12.25 -3.09 -0.72
C ALA A 74 11.20 -3.87 0.06
N VAL A 75 10.70 -4.94 -0.53
CA VAL A 75 9.69 -5.77 0.13
C VAL A 75 10.29 -7.09 0.61
N GLN A 76 9.47 -7.89 1.30
CA GLN A 76 9.93 -9.17 1.82
C GLN A 76 8.82 -10.21 1.73
N LEU A 77 9.19 -11.46 1.48
CA LEU A 77 8.22 -12.54 1.37
C LEU A 77 7.24 -12.51 2.53
N GLU A 78 7.75 -12.22 3.73
CA GLU A 78 6.91 -12.15 4.92
C GLU A 78 5.86 -11.06 4.79
N ASP A 79 6.26 -9.92 4.21
CA ASP A 79 5.35 -8.80 4.03
C ASP A 79 4.11 -9.22 3.25
N SER A 80 4.29 -10.18 2.33
CA SER A 80 3.19 -10.67 1.52
C SER A 80 1.96 -10.98 2.39
N GLY A 81 0.85 -10.32 2.07
CA GLY A 81 -0.37 -10.53 2.83
C GLY A 81 -1.53 -9.70 2.30
N GLU A 82 -2.17 -8.94 3.18
CA GLU A 82 -3.30 -8.10 2.80
C GLU A 82 -3.07 -6.66 3.21
N TYR A 83 -3.44 -5.73 2.34
CA TYR A 83 -3.27 -4.31 2.62
C TYR A 83 -4.62 -3.59 2.60
N LEU A 84 -5.11 -3.25 3.79
CA LEU A 84 -6.39 -2.56 3.92
C LEU A 84 -6.17 -1.07 4.15
N CYS A 85 -6.56 -0.26 3.16
CA CYS A 85 -6.42 1.19 3.27
C CYS A 85 -7.70 1.83 3.78
N GLU A 86 -7.67 2.28 5.03
CA GLU A 86 -8.82 2.91 5.65
C GLU A 86 -8.68 4.43 5.65
N ILE A 87 -9.77 5.12 5.32
CA ILE A 87 -9.76 6.59 5.29
C ILE A 87 -10.58 7.16 6.44
N ASP A 88 -11.85 6.78 6.51
CA ASP A 88 -12.73 7.25 7.56
C ASP A 88 -13.55 6.11 8.14
N ASP A 89 -14.52 5.63 7.38
CA ASP A 89 -15.38 4.53 7.82
C ASP A 89 -15.27 3.35 6.87
N GLU A 90 -14.65 3.57 5.72
CA GLU A 90 -14.48 2.52 4.72
C GLU A 90 -13.00 2.15 4.56
N SER A 91 -12.75 1.04 3.89
CA SER A 91 -11.38 0.57 3.67
C SER A 91 -11.25 -0.09 2.30
N ALA A 92 -10.07 0.03 1.70
CA ALA A 92 -9.81 -0.56 0.40
C ALA A 92 -8.97 -1.83 0.52
N SER A 93 -9.38 -2.87 -0.19
CA SER A 93 -8.68 -4.15 -0.16
C SER A 93 -7.55 -4.17 -1.20
N PHE A 94 -6.33 -4.45 -0.73
CA PHE A 94 -5.17 -4.50 -1.61
C PHE A 94 -4.34 -5.74 -1.33
N THR A 95 -4.50 -6.77 -2.16
CA THR A 95 -3.77 -8.02 -2.00
C THR A 95 -2.37 -7.91 -2.59
N VAL A 96 -1.36 -8.22 -1.79
CA VAL A 96 0.03 -8.16 -2.24
C VAL A 96 0.77 -9.44 -1.90
N THR A 97 1.04 -10.25 -2.93
CA THR A 97 1.75 -11.51 -2.73
C THR A 97 3.15 -11.45 -3.33
N VAL A 98 4.16 -11.61 -2.48
CA VAL A 98 5.54 -11.58 -2.93
C VAL A 98 6.08 -12.98 -3.14
N THR A 99 6.98 -13.13 -4.11
CA THR A 99 7.58 -14.43 -4.41
C THR A 99 9.06 -14.28 -4.71
N GLU A 100 9.72 -15.42 -4.93
CA GLU A 100 11.15 -15.42 -5.22
C GLU A 100 11.41 -15.05 -6.68
N PRO A 101 12.40 -14.17 -6.90
CA PRO A 101 12.77 -13.71 -8.24
C PRO A 101 13.43 -14.81 -9.07
N PRO A 102 13.58 -14.56 -10.37
CA PRO A 102 14.19 -15.52 -11.30
C PRO A 102 15.69 -15.68 -11.06
N VAL A 103 16.31 -16.59 -11.81
CA VAL A 103 17.74 -16.85 -11.67
C VAL A 103 18.38 -17.06 -13.04
N ARG A 104 19.61 -16.58 -13.19
CA ARG A 104 20.33 -16.72 -14.44
C ARG A 104 21.60 -17.54 -14.25
N ILE A 105 22.36 -17.21 -13.20
CA ILE A 105 23.60 -17.92 -12.91
C ILE A 105 23.36 -19.04 -11.91
N ILE A 106 23.63 -20.27 -12.33
CA ILE A 106 23.46 -21.44 -11.48
C ILE A 106 24.80 -22.04 -11.07
N TYR A 107 25.04 -22.10 -9.76
CA TYR A 107 26.28 -22.65 -9.24
C TYR A 107 26.08 -24.07 -8.74
N SER A 108 27.18 -24.80 -8.59
CA SER A 108 27.13 -26.19 -8.13
C SER A 108 27.65 -26.29 -6.70
N GLY A 109 26.81 -26.78 -5.79
CA GLY A 109 27.21 -26.93 -4.41
C GLY A 109 26.03 -27.26 -3.51
N PRO A 110 26.26 -28.20 -2.57
CA PRO A 110 25.23 -28.63 -1.62
C PRO A 110 24.89 -27.56 -0.60
N SER A 111 23.79 -26.84 -0.85
CA SER A 111 23.35 -25.78 0.05
C SER A 111 22.20 -26.25 0.94
N SER A 112 22.45 -26.32 2.23
CA SER A 112 21.44 -26.76 3.19
C SER A 112 20.14 -25.99 2.99
N GLY A 113 19.06 -26.72 2.75
CA GLY A 113 17.77 -26.09 2.55
C GLY A 113 17.69 -25.33 1.23
N GLY A 1 -7.53 29.86 2.34
CA GLY A 1 -8.54 29.95 3.39
C GLY A 1 -9.50 28.78 3.37
N SER A 2 -10.48 28.81 4.27
CA SER A 2 -11.46 27.73 4.37
C SER A 2 -12.79 28.26 4.87
N SER A 3 -13.85 27.48 4.67
CA SER A 3 -15.19 27.87 5.11
C SER A 3 -16.02 26.65 5.45
N GLY A 4 -17.22 26.89 5.98
CA GLY A 4 -18.11 25.79 6.35
C GLY A 4 -19.35 25.74 5.48
N SER A 5 -19.56 24.64 4.80
CA SER A 5 -20.72 24.47 3.93
C SER A 5 -21.11 23.00 3.81
N SER A 6 -22.34 22.68 4.23
CA SER A 6 -22.83 21.31 4.17
C SER A 6 -23.14 20.90 2.74
N GLY A 7 -22.98 19.61 2.45
CA GLY A 7 -23.24 19.11 1.11
C GLY A 7 -22.20 18.11 0.66
N THR A 8 -21.87 18.16 -0.63
CA THR A 8 -20.88 17.25 -1.21
C THR A 8 -20.99 15.86 -0.57
N ASP A 9 -22.22 15.40 -0.38
CA ASP A 9 -22.44 14.09 0.21
C ASP A 9 -21.69 13.00 -0.55
N VAL A 10 -20.55 12.59 -0.01
CA VAL A 10 -19.73 11.56 -0.63
C VAL A 10 -20.33 10.18 -0.42
N SER A 11 -20.42 9.41 -1.51
CA SER A 11 -20.99 8.07 -1.45
C SER A 11 -20.05 7.12 -0.72
N SER A 12 -18.78 7.12 -1.13
CA SER A 12 -17.78 6.26 -0.52
C SER A 12 -16.40 6.90 -0.58
N TRP A 13 -15.85 7.24 0.59
CA TRP A 13 -14.54 7.87 0.68
C TRP A 13 -13.61 7.31 -0.40
N ILE A 14 -13.44 5.99 -0.41
CA ILE A 14 -12.58 5.34 -1.39
C ILE A 14 -13.24 5.31 -2.76
N VAL A 15 -12.90 6.29 -3.60
CA VAL A 15 -13.45 6.37 -4.94
C VAL A 15 -12.85 5.29 -5.85
N TYR A 16 -11.60 4.94 -5.59
CA TYR A 16 -10.91 3.93 -6.39
C TYR A 16 -9.73 3.35 -5.62
N PRO A 17 -9.46 2.05 -5.84
CA PRO A 17 -10.25 1.23 -6.76
C PRO A 17 -11.66 0.96 -6.22
N SER A 18 -12.51 0.38 -7.08
CA SER A 18 -13.88 0.07 -6.69
C SER A 18 -14.04 -1.43 -6.42
N GLY A 19 -13.34 -1.90 -5.39
CA GLY A 19 -13.42 -3.31 -5.05
C GLY A 19 -12.08 -3.87 -4.60
N LYS A 20 -11.79 -5.10 -5.03
CA LYS A 20 -10.54 -5.76 -4.67
C LYS A 20 -9.52 -5.65 -5.81
N VAL A 21 -8.26 -5.52 -5.45
CA VAL A 21 -7.19 -5.40 -6.44
C VAL A 21 -6.01 -6.31 -6.09
N TYR A 22 -5.68 -7.21 -7.00
CA TYR A 22 -4.57 -8.14 -6.79
C TYR A 22 -3.28 -7.59 -7.39
N VAL A 23 -2.20 -7.66 -6.61
CA VAL A 23 -0.90 -7.17 -7.06
C VAL A 23 0.20 -8.16 -6.71
N ALA A 24 1.00 -8.52 -7.70
CA ALA A 24 2.10 -9.47 -7.50
C ALA A 24 3.44 -8.74 -7.46
N ALA A 25 4.28 -9.10 -6.51
CA ALA A 25 5.60 -8.49 -6.37
C ALA A 25 6.67 -9.55 -6.15
N VAL A 26 7.93 -9.11 -6.13
CA VAL A 26 9.05 -10.02 -5.93
C VAL A 26 9.98 -9.51 -4.84
N ARG A 27 10.72 -10.42 -4.22
CA ARG A 27 11.66 -10.06 -3.16
C ARG A 27 12.46 -8.83 -3.53
N LEU A 28 12.29 -7.76 -2.75
CA LEU A 28 13.01 -6.50 -3.01
C LEU A 28 12.54 -5.87 -4.32
N GLU A 29 11.25 -6.00 -4.60
CA GLU A 29 10.68 -5.43 -5.83
C GLU A 29 10.07 -4.06 -5.56
N ARG A 30 9.92 -3.27 -6.61
CA ARG A 30 9.34 -1.94 -6.49
C ARG A 30 7.91 -1.91 -7.01
N VAL A 31 6.95 -1.91 -6.08
CA VAL A 31 5.54 -1.88 -6.43
C VAL A 31 4.94 -0.50 -6.22
N VAL A 32 3.78 -0.25 -6.82
CA VAL A 32 3.11 1.02 -6.69
C VAL A 32 1.60 0.84 -6.59
N LEU A 33 1.05 1.12 -5.41
CA LEU A 33 -0.39 0.99 -5.19
C LEU A 33 -1.13 2.26 -5.60
N THR A 34 -2.30 2.08 -6.20
CA THR A 34 -3.10 3.21 -6.64
C THR A 34 -4.39 3.33 -5.82
N CYS A 35 -4.54 4.45 -5.12
CA CYS A 35 -5.73 4.68 -4.29
C CYS A 35 -6.19 6.13 -4.40
N GLU A 36 -7.30 6.34 -5.11
CA GLU A 36 -7.85 7.67 -5.29
C GLU A 36 -8.94 7.95 -4.26
N LEU A 37 -9.25 9.24 -4.07
CA LEU A 37 -10.28 9.64 -3.12
C LEU A 37 -11.22 10.68 -3.74
N CYS A 38 -12.43 10.75 -3.22
CA CYS A 38 -13.43 11.70 -3.72
C CYS A 38 -13.19 13.08 -3.15
N ARG A 39 -12.11 13.23 -2.38
CA ARG A 39 -11.77 14.51 -1.77
C ARG A 39 -10.25 14.72 -1.75
N PRO A 40 -9.83 15.95 -2.09
CA PRO A 40 -8.40 16.30 -2.11
C PRO A 40 -7.79 16.36 -0.71
N TRP A 41 -8.47 17.05 0.20
CA TRP A 41 -7.99 17.18 1.57
C TRP A 41 -8.42 15.98 2.40
N ALA A 42 -8.60 14.84 1.75
CA ALA A 42 -8.99 13.62 2.42
C ALA A 42 -7.78 12.81 2.87
N GLU A 43 -7.54 12.76 4.18
CA GLU A 43 -6.41 12.02 4.72
C GLU A 43 -6.72 10.53 4.81
N VAL A 44 -5.76 9.71 4.41
CA VAL A 44 -5.94 8.26 4.45
C VAL A 44 -4.88 7.61 5.33
N ARG A 45 -5.09 6.34 5.66
CA ARG A 45 -4.17 5.59 6.50
C ARG A 45 -4.15 4.11 6.12
N TRP A 46 -2.96 3.59 5.85
CA TRP A 46 -2.81 2.18 5.47
C TRP A 46 -2.59 1.31 6.71
N THR A 47 -3.23 0.15 6.72
CA THR A 47 -3.11 -0.78 7.84
C THR A 47 -2.86 -2.20 7.35
N LYS A 48 -1.88 -2.87 7.96
CA LYS A 48 -1.55 -4.23 7.59
C LYS A 48 -2.10 -5.23 8.61
N ASP A 49 -3.16 -5.93 8.22
CA ASP A 49 -3.77 -6.91 9.11
C ASP A 49 -4.27 -6.26 10.39
N GLY A 50 -4.95 -5.12 10.25
CA GLY A 50 -5.48 -4.42 11.40
C GLY A 50 -4.49 -3.41 11.96
N GLU A 51 -3.20 -3.73 11.85
CA GLU A 51 -2.16 -2.84 12.34
C GLU A 51 -1.92 -1.68 11.38
N GLU A 52 -1.45 -0.56 11.91
CA GLU A 52 -1.18 0.62 11.09
C GLU A 52 0.28 0.65 10.64
N VAL A 53 0.49 0.56 9.33
CA VAL A 53 1.84 0.58 8.78
C VAL A 53 2.57 1.87 9.14
N VAL A 54 3.84 1.74 9.49
CA VAL A 54 4.65 2.90 9.85
C VAL A 54 5.77 3.14 8.84
N GLU A 55 6.02 4.40 8.52
CA GLU A 55 7.05 4.76 7.56
C GLU A 55 8.36 4.05 7.89
N SER A 56 9.13 3.75 6.85
CA SER A 56 10.41 3.06 7.03
C SER A 56 11.19 3.01 5.72
N PRO A 57 12.48 2.64 5.81
CA PRO A 57 13.36 2.55 4.64
C PRO A 57 12.99 1.39 3.73
N ALA A 58 11.90 0.69 4.08
CA ALA A 58 11.44 -0.45 3.29
C ALA A 58 10.01 -0.23 2.81
N LEU A 59 9.38 0.85 3.28
CA LEU A 59 8.01 1.16 2.90
C LEU A 59 7.84 2.66 2.72
N LEU A 60 7.74 3.10 1.46
CA LEU A 60 7.56 4.51 1.15
C LEU A 60 6.10 4.82 0.85
N LEU A 61 5.56 5.81 1.55
CA LEU A 61 4.17 6.21 1.36
C LEU A 61 4.07 7.39 0.39
N GLN A 62 3.52 7.14 -0.79
CA GLN A 62 3.37 8.19 -1.79
C GLN A 62 2.00 8.85 -1.68
N LYS A 63 1.94 10.13 -2.01
CA LYS A 63 0.69 10.89 -1.94
C LYS A 63 0.60 11.89 -3.09
N GLU A 64 -0.38 11.70 -3.96
CA GLU A 64 -0.58 12.59 -5.10
C GLU A 64 -1.58 13.70 -4.76
N ASP A 65 -1.91 14.51 -5.76
CA ASP A 65 -2.86 15.61 -5.57
C ASP A 65 -4.08 15.14 -4.78
N THR A 66 -4.84 14.24 -5.37
CA THR A 66 -6.04 13.71 -4.73
C THR A 66 -5.98 12.20 -4.61
N VAL A 67 -4.97 11.59 -5.23
CA VAL A 67 -4.80 10.15 -5.18
C VAL A 67 -3.52 9.77 -4.44
N ARG A 68 -3.64 8.82 -3.52
CA ARG A 68 -2.49 8.35 -2.74
C ARG A 68 -1.94 7.06 -3.31
N ARG A 69 -0.65 6.81 -3.06
CA ARG A 69 0.01 5.61 -3.55
C ARG A 69 1.03 5.11 -2.53
N LEU A 70 1.26 3.80 -2.54
CA LEU A 70 2.22 3.18 -1.63
C LEU A 70 3.32 2.46 -2.39
N VAL A 71 4.49 3.07 -2.45
CA VAL A 71 5.63 2.49 -3.15
C VAL A 71 6.61 1.86 -2.17
N LEU A 72 7.10 0.67 -2.51
CA LEU A 72 8.05 -0.05 -1.67
C LEU A 72 9.36 -0.30 -2.40
N PRO A 73 10.41 0.42 -1.99
CA PRO A 73 11.74 0.29 -2.60
C PRO A 73 12.40 -1.06 -2.28
N ALA A 74 11.81 -1.78 -1.33
CA ALA A 74 12.34 -3.08 -0.92
C ALA A 74 11.30 -3.88 -0.16
N VAL A 75 10.76 -4.91 -0.81
CA VAL A 75 9.74 -5.75 -0.18
C VAL A 75 10.34 -7.09 0.26
N GLN A 76 9.57 -7.85 1.02
CA GLN A 76 10.03 -9.15 1.52
C GLN A 76 8.88 -10.17 1.49
N LEU A 77 9.23 -11.42 1.24
CA LEU A 77 8.23 -12.50 1.20
C LEU A 77 7.26 -12.38 2.36
N GLU A 78 7.75 -11.91 3.51
CA GLU A 78 6.93 -11.75 4.69
C GLU A 78 5.89 -10.65 4.49
N ASP A 79 6.28 -9.60 3.78
CA ASP A 79 5.39 -8.48 3.52
C ASP A 79 4.11 -8.95 2.84
N SER A 80 4.23 -10.02 2.07
CA SER A 80 3.08 -10.58 1.35
C SER A 80 1.94 -10.89 2.32
N GLY A 81 0.78 -10.26 2.08
CA GLY A 81 -0.36 -10.49 2.93
C GLY A 81 -1.59 -9.73 2.47
N GLU A 82 -2.14 -8.90 3.34
CA GLU A 82 -3.33 -8.12 3.02
C GLU A 82 -3.14 -6.65 3.40
N TYR A 83 -3.15 -5.78 2.40
CA TYR A 83 -2.98 -4.35 2.64
C TYR A 83 -4.31 -3.62 2.59
N LEU A 84 -4.79 -3.19 3.74
CA LEU A 84 -6.06 -2.47 3.83
C LEU A 84 -5.84 -0.99 4.07
N CYS A 85 -6.33 -0.16 3.15
CA CYS A 85 -6.18 1.28 3.28
C CYS A 85 -7.46 1.92 3.80
N GLU A 86 -7.44 2.36 5.05
CA GLU A 86 -8.60 2.98 5.67
C GLU A 86 -8.48 4.50 5.65
N ILE A 87 -9.59 5.18 5.38
CA ILE A 87 -9.60 6.64 5.35
C ILE A 87 -10.41 7.21 6.50
N ASP A 88 -11.69 6.83 6.58
CA ASP A 88 -12.56 7.31 7.63
C ASP A 88 -13.39 6.16 8.22
N ASP A 89 -14.36 5.68 7.45
CA ASP A 89 -15.22 4.58 7.89
C ASP A 89 -15.10 3.39 6.95
N GLU A 90 -14.47 3.62 5.79
CA GLU A 90 -14.30 2.56 4.80
C GLU A 90 -12.82 2.24 4.61
N SER A 91 -12.55 1.13 3.91
CA SER A 91 -11.18 0.72 3.65
C SER A 91 -11.05 0.07 2.28
N ALA A 92 -9.87 0.18 1.69
CA ALA A 92 -9.62 -0.39 0.37
C ALA A 92 -8.82 -1.68 0.47
N SER A 93 -9.22 -2.68 -0.30
CA SER A 93 -8.54 -3.97 -0.30
C SER A 93 -7.40 -4.01 -1.31
N PHE A 94 -6.20 -4.29 -0.84
CA PHE A 94 -5.03 -4.35 -1.71
C PHE A 94 -4.20 -5.59 -1.43
N THR A 95 -4.38 -6.61 -2.27
CA THR A 95 -3.65 -7.87 -2.11
C THR A 95 -2.26 -7.78 -2.72
N VAL A 96 -1.25 -8.08 -1.92
CA VAL A 96 0.14 -8.03 -2.38
C VAL A 96 0.84 -9.36 -2.14
N THR A 97 0.91 -10.19 -3.16
CA THR A 97 1.56 -11.50 -3.06
C THR A 97 2.99 -11.43 -3.59
N VAL A 98 3.95 -11.64 -2.70
CA VAL A 98 5.36 -11.62 -3.08
C VAL A 98 5.90 -13.03 -3.23
N THR A 99 6.85 -13.20 -4.16
CA THR A 99 7.46 -14.50 -4.41
C THR A 99 8.96 -14.36 -4.65
N GLU A 100 9.62 -15.50 -4.85
CA GLU A 100 11.06 -15.51 -5.09
C GLU A 100 11.36 -15.17 -6.55
N PRO A 101 12.39 -14.32 -6.76
CA PRO A 101 12.80 -13.89 -8.10
C PRO A 101 13.45 -15.02 -8.89
N PRO A 102 13.50 -14.86 -10.22
CA PRO A 102 14.09 -15.87 -11.12
C PRO A 102 15.60 -15.93 -10.97
N VAL A 103 16.23 -16.80 -11.78
CA VAL A 103 17.68 -16.95 -11.74
C VAL A 103 18.39 -15.69 -12.23
N ARG A 104 19.46 -15.32 -11.54
CA ARG A 104 20.22 -14.13 -11.90
C ARG A 104 21.70 -14.46 -12.04
N ILE A 105 22.37 -13.79 -12.98
CA ILE A 105 23.79 -14.01 -13.22
C ILE A 105 24.61 -13.61 -12.00
N ILE A 106 24.74 -14.55 -11.06
CA ILE A 106 25.50 -14.29 -9.84
C ILE A 106 27.01 -14.27 -10.14
N TYR A 107 27.65 -13.15 -9.80
CA TYR A 107 29.07 -12.99 -10.02
C TYR A 107 29.82 -12.80 -8.71
N SER A 108 30.94 -13.51 -8.56
CA SER A 108 31.74 -13.41 -7.34
C SER A 108 32.09 -11.96 -7.03
N GLY A 109 31.60 -11.47 -5.89
CA GLY A 109 31.86 -10.10 -5.49
C GLY A 109 31.85 -9.92 -3.99
N PRO A 110 31.36 -8.76 -3.53
CA PRO A 110 31.30 -8.44 -2.10
C PRO A 110 30.25 -9.28 -1.37
N SER A 111 30.34 -9.30 -0.04
CA SER A 111 29.41 -10.06 0.78
C SER A 111 29.32 -11.51 0.29
N SER A 112 30.47 -12.08 -0.06
CA SER A 112 30.52 -13.45 -0.54
C SER A 112 30.53 -14.43 0.62
N GLY A 113 29.68 -15.46 0.53
CA GLY A 113 29.60 -16.46 1.57
C GLY A 113 30.23 -17.78 1.17
N GLY A 1 -14.46 30.10 4.79
CA GLY A 1 -15.37 31.06 4.19
C GLY A 1 -16.69 30.44 3.78
N SER A 2 -16.64 29.51 2.83
CA SER A 2 -17.84 28.84 2.35
C SER A 2 -18.14 27.59 3.19
N SER A 3 -18.89 27.77 4.27
CA SER A 3 -19.23 26.67 5.16
C SER A 3 -20.54 26.00 4.71
N GLY A 4 -20.41 24.87 4.02
CA GLY A 4 -21.58 24.15 3.55
C GLY A 4 -21.22 22.86 2.84
N SER A 5 -21.66 22.74 1.60
CA SER A 5 -21.38 21.53 0.81
C SER A 5 -21.23 21.88 -0.67
N SER A 6 -20.89 20.87 -1.47
CA SER A 6 -20.71 21.06 -2.90
C SER A 6 -21.78 20.31 -3.69
N GLY A 7 -21.79 18.99 -3.56
CA GLY A 7 -22.76 18.18 -4.27
C GLY A 7 -22.12 17.02 -5.01
N THR A 8 -21.76 15.97 -4.29
CA THR A 8 -21.14 14.80 -4.89
C THR A 8 -21.91 13.54 -4.57
N ASP A 9 -21.91 12.60 -5.51
CA ASP A 9 -22.62 11.33 -5.34
C ASP A 9 -21.64 10.18 -5.21
N VAL A 10 -20.56 10.40 -4.46
CA VAL A 10 -19.55 9.38 -4.25
C VAL A 10 -20.00 8.35 -3.22
N SER A 11 -20.75 8.82 -2.22
CA SER A 11 -21.25 7.95 -1.17
C SER A 11 -20.19 6.92 -0.76
N SER A 12 -18.93 7.32 -0.90
CA SER A 12 -17.82 6.44 -0.55
C SER A 12 -16.49 7.17 -0.66
N TRP A 13 -15.74 7.20 0.44
CA TRP A 13 -14.44 7.86 0.47
C TRP A 13 -13.51 7.28 -0.58
N ILE A 14 -13.40 5.95 -0.60
CA ILE A 14 -12.54 5.27 -1.56
C ILE A 14 -13.14 5.30 -2.97
N VAL A 15 -12.81 6.34 -3.72
CA VAL A 15 -13.31 6.49 -5.08
C VAL A 15 -12.71 5.43 -6.01
N TYR A 16 -11.56 4.89 -5.61
CA TYR A 16 -10.89 3.88 -6.40
C TYR A 16 -9.70 3.29 -5.64
N PRO A 17 -9.44 1.99 -5.86
CA PRO A 17 -10.24 1.16 -6.77
C PRO A 17 -11.64 0.90 -6.23
N SER A 18 -12.51 0.35 -7.07
CA SER A 18 -13.87 0.04 -6.68
C SER A 18 -14.05 -1.45 -6.45
N GLY A 19 -13.35 -1.98 -5.45
CA GLY A 19 -13.45 -3.40 -5.14
C GLY A 19 -12.13 -3.97 -4.64
N LYS A 20 -11.80 -5.18 -5.10
CA LYS A 20 -10.57 -5.84 -4.70
C LYS A 20 -9.48 -5.66 -5.76
N VAL A 21 -8.24 -5.57 -5.33
CA VAL A 21 -7.11 -5.41 -6.24
C VAL A 21 -5.97 -6.35 -5.88
N TYR A 22 -5.71 -7.30 -6.76
CA TYR A 22 -4.64 -8.27 -6.55
C TYR A 22 -3.33 -7.81 -7.20
N VAL A 23 -2.24 -7.87 -6.45
CA VAL A 23 -0.94 -7.47 -6.97
C VAL A 23 0.12 -8.51 -6.64
N ALA A 24 0.99 -8.79 -7.62
CA ALA A 24 2.06 -9.76 -7.44
C ALA A 24 3.43 -9.08 -7.49
N ALA A 25 4.16 -9.16 -6.38
CA ALA A 25 5.49 -8.57 -6.30
C ALA A 25 6.55 -9.63 -6.04
N VAL A 26 7.82 -9.21 -6.02
CA VAL A 26 8.92 -10.12 -5.80
C VAL A 26 9.85 -9.60 -4.71
N ARG A 27 10.63 -10.49 -4.10
CA ARG A 27 11.56 -10.12 -3.05
C ARG A 27 12.40 -8.90 -3.47
N LEU A 28 12.23 -7.80 -2.75
CA LEU A 28 12.96 -6.57 -3.04
C LEU A 28 12.49 -5.96 -4.36
N GLU A 29 11.19 -6.05 -4.61
CA GLU A 29 10.61 -5.50 -5.83
C GLU A 29 9.99 -4.12 -5.57
N ARG A 30 9.86 -3.33 -6.63
CA ARG A 30 9.28 -2.00 -6.51
C ARG A 30 7.82 -1.99 -6.98
N VAL A 31 6.90 -1.85 -6.03
CA VAL A 31 5.48 -1.84 -6.35
C VAL A 31 4.89 -0.44 -6.14
N VAL A 32 3.75 -0.19 -6.78
CA VAL A 32 3.07 1.10 -6.66
C VAL A 32 1.57 0.92 -6.55
N LEU A 33 1.04 1.12 -5.35
CA LEU A 33 -0.40 0.98 -5.11
C LEU A 33 -1.14 2.24 -5.56
N THR A 34 -2.32 2.04 -6.15
CA THR A 34 -3.13 3.16 -6.63
C THR A 34 -4.43 3.26 -5.84
N CYS A 35 -4.58 4.36 -5.11
CA CYS A 35 -5.78 4.59 -4.31
C CYS A 35 -6.24 6.03 -4.41
N GLU A 36 -7.32 6.25 -5.16
CA GLU A 36 -7.86 7.59 -5.34
C GLU A 36 -8.99 7.87 -4.35
N LEU A 37 -9.17 9.14 -4.01
CA LEU A 37 -10.21 9.54 -3.06
C LEU A 37 -11.19 10.50 -3.71
N CYS A 38 -12.27 10.80 -3.00
CA CYS A 38 -13.30 11.71 -3.51
C CYS A 38 -13.05 13.12 -3.00
N ARG A 39 -11.86 13.37 -2.46
CA ARG A 39 -11.51 14.68 -1.94
C ARG A 39 -10.01 14.92 -2.03
N PRO A 40 -9.62 16.19 -2.23
CA PRO A 40 -8.21 16.57 -2.35
C PRO A 40 -7.47 16.45 -1.03
N TRP A 41 -8.02 17.05 0.02
CA TRP A 41 -7.41 17.00 1.35
C TRP A 41 -7.85 15.77 2.11
N ALA A 42 -8.39 14.79 1.39
CA ALA A 42 -8.85 13.54 2.00
C ALA A 42 -7.68 12.68 2.45
N GLU A 43 -7.50 12.58 3.76
CA GLU A 43 -6.41 11.78 4.32
C GLU A 43 -6.81 10.32 4.44
N VAL A 44 -5.82 9.44 4.41
CA VAL A 44 -6.07 8.00 4.52
C VAL A 44 -5.02 7.33 5.41
N ARG A 45 -5.27 6.06 5.74
CA ARG A 45 -4.36 5.30 6.58
C ARG A 45 -4.29 3.84 6.13
N TRP A 46 -3.08 3.36 5.87
CA TRP A 46 -2.87 1.98 5.44
C TRP A 46 -2.60 1.07 6.64
N THR A 47 -3.28 -0.08 6.66
CA THR A 47 -3.11 -1.03 7.75
C THR A 47 -2.79 -2.42 7.21
N LYS A 48 -1.88 -3.12 7.88
CA LYS A 48 -1.49 -4.46 7.47
C LYS A 48 -1.99 -5.51 8.47
N ASP A 49 -3.15 -6.07 8.18
CA ASP A 49 -3.75 -7.09 9.05
C ASP A 49 -4.31 -6.45 10.31
N GLY A 50 -4.73 -5.20 10.19
CA GLY A 50 -5.29 -4.50 11.34
C GLY A 50 -4.34 -3.47 11.92
N GLU A 51 -3.04 -3.77 11.85
CA GLU A 51 -2.02 -2.86 12.37
C GLU A 51 -1.76 -1.71 11.40
N GLU A 52 -1.36 -0.57 11.94
CA GLU A 52 -1.08 0.60 11.12
C GLU A 52 0.40 0.64 10.71
N VAL A 53 0.64 0.63 9.40
CA VAL A 53 2.00 0.67 8.88
C VAL A 53 2.71 1.95 9.26
N VAL A 54 4.00 1.86 9.58
CA VAL A 54 4.79 3.01 9.97
C VAL A 54 5.92 3.26 8.98
N GLU A 55 6.02 4.50 8.49
CA GLU A 55 7.06 4.85 7.54
C GLU A 55 8.38 4.16 7.87
N SER A 56 9.14 3.82 6.84
CA SER A 56 10.42 3.14 7.02
C SER A 56 11.19 3.08 5.71
N PRO A 57 12.48 2.70 5.80
CA PRO A 57 13.35 2.59 4.63
C PRO A 57 12.98 1.44 3.72
N ALA A 58 11.89 0.75 4.07
CA ALA A 58 11.42 -0.38 3.28
C ALA A 58 9.97 -0.17 2.83
N LEU A 59 9.38 0.93 3.27
CA LEU A 59 8.00 1.24 2.92
C LEU A 59 7.81 2.75 2.75
N LEU A 60 7.70 3.19 1.51
CA LEU A 60 7.52 4.61 1.20
C LEU A 60 6.04 4.92 0.96
N LEU A 61 5.56 5.99 1.58
CA LEU A 61 4.16 6.40 1.43
C LEU A 61 4.06 7.61 0.51
N GLN A 62 3.48 7.41 -0.67
CA GLN A 62 3.32 8.48 -1.65
C GLN A 62 1.93 9.09 -1.55
N LYS A 63 1.84 10.40 -1.79
CA LYS A 63 0.57 11.10 -1.73
C LYS A 63 0.44 12.10 -2.88
N GLU A 64 -0.48 11.81 -3.79
CA GLU A 64 -0.70 12.68 -4.95
C GLU A 64 -1.70 13.79 -4.61
N ASP A 65 -2.06 14.58 -5.62
CA ASP A 65 -3.00 15.68 -5.43
C ASP A 65 -4.27 15.19 -4.73
N THR A 66 -5.07 14.42 -5.45
CA THR A 66 -6.31 13.89 -4.90
C THR A 66 -6.26 12.37 -4.79
N VAL A 67 -5.12 11.79 -5.14
CA VAL A 67 -4.93 10.35 -5.05
C VAL A 67 -3.68 9.99 -4.26
N ARG A 68 -3.73 8.88 -3.55
CA ARG A 68 -2.60 8.43 -2.75
C ARG A 68 -2.00 7.15 -3.32
N ARG A 69 -0.72 6.92 -3.03
CA ARG A 69 -0.03 5.73 -3.52
C ARG A 69 1.01 5.25 -2.52
N LEU A 70 1.26 3.95 -2.51
CA LEU A 70 2.23 3.36 -1.59
C LEU A 70 3.32 2.61 -2.36
N VAL A 71 4.51 3.21 -2.43
CA VAL A 71 5.63 2.59 -3.13
C VAL A 71 6.57 1.89 -2.15
N LEU A 72 7.09 0.74 -2.56
CA LEU A 72 8.00 -0.02 -1.72
C LEU A 72 9.32 -0.29 -2.45
N PRO A 73 10.38 0.42 -2.03
CA PRO A 73 11.71 0.27 -2.63
C PRO A 73 12.35 -1.06 -2.29
N ALA A 74 11.78 -1.77 -1.33
CA ALA A 74 12.30 -3.06 -0.91
C ALA A 74 11.25 -3.86 -0.14
N VAL A 75 10.70 -4.88 -0.77
CA VAL A 75 9.68 -5.72 -0.14
C VAL A 75 10.27 -7.07 0.28
N GLN A 76 9.55 -7.76 1.17
CA GLN A 76 9.99 -9.06 1.65
C GLN A 76 8.84 -10.06 1.68
N LEU A 77 9.15 -11.32 1.42
CA LEU A 77 8.13 -12.37 1.41
C LEU A 77 7.19 -12.22 2.61
N GLU A 78 7.75 -11.84 3.74
CA GLU A 78 6.96 -11.66 4.96
C GLU A 78 5.91 -10.57 4.77
N ASP A 79 6.29 -9.50 4.08
CA ASP A 79 5.38 -8.39 3.83
C ASP A 79 4.13 -8.87 3.12
N SER A 80 4.26 -9.93 2.32
CA SER A 80 3.13 -10.48 1.58
C SER A 80 1.98 -10.81 2.52
N GLY A 81 0.86 -10.09 2.35
CA GLY A 81 -0.30 -10.31 3.19
C GLY A 81 -1.55 -9.64 2.65
N GLU A 82 -2.18 -8.81 3.46
CA GLU A 82 -3.39 -8.11 3.06
C GLU A 82 -3.31 -6.63 3.44
N TYR A 83 -3.06 -5.79 2.45
CA TYR A 83 -2.96 -4.34 2.68
C TYR A 83 -4.33 -3.69 2.63
N LEU A 84 -4.80 -3.25 3.79
CA LEU A 84 -6.11 -2.59 3.88
C LEU A 84 -5.96 -1.10 4.13
N CYS A 85 -6.37 -0.29 3.15
CA CYS A 85 -6.28 1.15 3.26
C CYS A 85 -7.57 1.75 3.81
N GLU A 86 -7.52 2.19 5.06
CA GLU A 86 -8.70 2.77 5.71
C GLU A 86 -8.59 4.29 5.76
N ILE A 87 -9.69 4.96 5.43
CA ILE A 87 -9.72 6.42 5.44
C ILE A 87 -10.50 6.95 6.64
N ASP A 88 -11.82 6.89 6.55
CA ASP A 88 -12.68 7.36 7.64
C ASP A 88 -13.50 6.21 8.21
N ASP A 89 -14.43 5.69 7.44
CA ASP A 89 -15.28 4.59 7.87
C ASP A 89 -15.23 3.43 6.88
N GLU A 90 -14.46 3.61 5.81
CA GLU A 90 -14.33 2.59 4.78
C GLU A 90 -12.88 2.10 4.68
N SER A 91 -12.69 1.02 3.94
CA SER A 91 -11.35 0.45 3.76
C SER A 91 -11.21 -0.18 2.38
N ALA A 92 -10.01 -0.09 1.81
CA ALA A 92 -9.75 -0.65 0.50
C ALA A 92 -8.89 -1.91 0.60
N SER A 93 -9.27 -2.95 -0.15
CA SER A 93 -8.54 -4.20 -0.13
C SER A 93 -7.42 -4.20 -1.17
N PHE A 94 -6.21 -4.46 -0.71
CA PHE A 94 -5.04 -4.49 -1.60
C PHE A 94 -4.17 -5.70 -1.31
N THR A 95 -4.32 -6.74 -2.14
CA THR A 95 -3.55 -7.96 -1.98
C THR A 95 -2.19 -7.85 -2.65
N VAL A 96 -1.13 -8.10 -1.89
CA VAL A 96 0.23 -8.02 -2.43
C VAL A 96 1.02 -9.30 -2.11
N THR A 97 0.98 -10.25 -3.04
CA THR A 97 1.69 -11.51 -2.86
C THR A 97 3.12 -11.42 -3.37
N VAL A 98 4.07 -11.78 -2.51
CA VAL A 98 5.48 -11.73 -2.88
C VAL A 98 6.04 -13.14 -3.05
N THR A 99 6.83 -13.33 -4.11
CA THR A 99 7.42 -14.63 -4.39
C THR A 99 8.94 -14.50 -4.60
N GLU A 100 9.61 -15.65 -4.69
CA GLU A 100 11.06 -15.66 -4.89
C GLU A 100 11.41 -15.29 -6.33
N PRO A 101 12.34 -14.34 -6.47
CA PRO A 101 12.79 -13.87 -7.80
C PRO A 101 13.61 -14.92 -8.54
N PRO A 102 13.86 -14.67 -9.83
CA PRO A 102 14.63 -15.59 -10.67
C PRO A 102 16.11 -15.62 -10.29
N VAL A 103 16.83 -16.59 -10.85
CA VAL A 103 18.25 -16.74 -10.56
C VAL A 103 19.08 -15.78 -11.41
N ARG A 104 20.01 -15.08 -10.76
CA ARG A 104 20.88 -14.12 -11.45
C ARG A 104 22.35 -14.44 -11.20
N ILE A 105 23.18 -14.17 -12.19
CA ILE A 105 24.61 -14.41 -12.08
C ILE A 105 25.12 -14.06 -10.69
N ILE A 106 25.81 -15.00 -10.06
CA ILE A 106 26.36 -14.78 -8.72
C ILE A 106 27.79 -14.26 -8.80
N TYR A 107 27.93 -12.94 -8.86
CA TYR A 107 29.25 -12.31 -8.93
C TYR A 107 30.04 -12.56 -7.65
N SER A 108 29.53 -12.05 -6.54
CA SER A 108 30.19 -12.21 -5.25
C SER A 108 29.75 -13.50 -4.57
N GLY A 109 30.56 -13.98 -3.63
CA GLY A 109 30.25 -15.21 -2.92
C GLY A 109 29.02 -15.06 -2.04
N PRO A 110 28.65 -16.15 -1.34
CA PRO A 110 27.50 -16.16 -0.44
C PRO A 110 27.73 -15.33 0.81
N SER A 111 26.64 -14.92 1.45
CA SER A 111 26.73 -14.10 2.66
C SER A 111 25.86 -14.69 3.77
N SER A 112 25.91 -14.07 4.94
CA SER A 112 25.14 -14.53 6.09
C SER A 112 23.74 -14.95 5.67
N GLY A 113 23.14 -15.88 6.42
CA GLY A 113 21.81 -16.35 6.10
C GLY A 113 21.74 -17.86 5.99
N GLY A 1 -12.25 17.59 29.32
CA GLY A 1 -13.15 17.53 28.17
C GLY A 1 -12.93 16.30 27.33
N SER A 2 -13.60 16.24 26.19
CA SER A 2 -13.48 15.09 25.28
C SER A 2 -13.34 15.56 23.84
N SER A 3 -12.62 14.77 23.04
CA SER A 3 -12.40 15.10 21.63
C SER A 3 -13.47 14.46 20.76
N GLY A 4 -13.85 15.18 19.70
CA GLY A 4 -14.87 14.66 18.79
C GLY A 4 -14.68 15.17 17.38
N SER A 5 -14.88 14.29 16.40
CA SER A 5 -14.74 14.65 14.99
C SER A 5 -16.01 15.30 14.46
N SER A 6 -15.85 16.26 13.56
CA SER A 6 -16.99 16.96 12.98
C SER A 6 -17.84 16.01 12.13
N GLY A 7 -19.05 16.45 11.80
CA GLY A 7 -19.93 15.62 11.00
C GLY A 7 -19.32 15.22 9.68
N THR A 8 -19.41 13.93 9.35
CA THR A 8 -18.85 13.41 8.11
C THR A 8 -19.94 12.81 7.22
N ASP A 9 -20.48 13.63 6.32
CA ASP A 9 -21.52 13.16 5.41
C ASP A 9 -20.95 12.84 4.04
N VAL A 10 -20.75 11.56 3.77
CA VAL A 10 -20.21 11.11 2.50
C VAL A 10 -20.70 9.70 2.15
N SER A 11 -20.91 9.45 0.87
CA SER A 11 -21.37 8.15 0.40
C SER A 11 -20.25 7.12 0.46
N SER A 12 -19.08 7.50 -0.04
CA SER A 12 -17.92 6.60 -0.03
C SER A 12 -16.63 7.39 -0.23
N TRP A 13 -15.74 7.30 0.75
CA TRP A 13 -14.46 8.00 0.70
C TRP A 13 -13.59 7.44 -0.41
N ILE A 14 -13.36 6.13 -0.39
CA ILE A 14 -12.53 5.47 -1.39
C ILE A 14 -13.23 5.48 -2.75
N VAL A 15 -12.95 6.50 -3.54
CA VAL A 15 -13.54 6.62 -4.88
C VAL A 15 -12.93 5.60 -5.84
N TYR A 16 -11.78 5.07 -5.47
CA TYR A 16 -11.09 4.09 -6.30
C TYR A 16 -9.87 3.53 -5.60
N PRO A 17 -9.60 2.23 -5.82
CA PRO A 17 -10.42 1.40 -6.69
C PRO A 17 -11.79 1.10 -6.09
N SER A 18 -12.69 0.59 -6.93
CA SER A 18 -14.05 0.28 -6.48
C SER A 18 -14.20 -1.22 -6.22
N GLY A 19 -13.44 -1.72 -5.24
CA GLY A 19 -13.51 -3.13 -4.91
C GLY A 19 -12.15 -3.70 -4.52
N LYS A 20 -12.00 -5.01 -4.67
CA LYS A 20 -10.74 -5.66 -4.33
C LYS A 20 -9.76 -5.60 -5.49
N VAL A 21 -8.47 -5.45 -5.17
CA VAL A 21 -7.43 -5.37 -6.18
C VAL A 21 -6.28 -6.30 -5.86
N TYR A 22 -5.79 -7.01 -6.88
CA TYR A 22 -4.68 -7.94 -6.70
C TYR A 22 -3.40 -7.38 -7.30
N VAL A 23 -2.30 -7.51 -6.56
CA VAL A 23 -1.00 -7.01 -7.02
C VAL A 23 0.11 -8.02 -6.70
N ALA A 24 0.91 -8.33 -7.72
CA ALA A 24 2.02 -9.26 -7.55
C ALA A 24 3.35 -8.53 -7.45
N ALA A 25 4.25 -9.05 -6.62
CA ALA A 25 5.56 -8.44 -6.44
C ALA A 25 6.63 -9.51 -6.24
N VAL A 26 7.88 -9.07 -6.14
CA VAL A 26 9.00 -9.99 -5.95
C VAL A 26 9.95 -9.50 -4.86
N ARG A 27 10.72 -10.41 -4.29
CA ARG A 27 11.66 -10.06 -3.23
C ARG A 27 12.42 -8.79 -3.58
N LEU A 28 12.23 -7.75 -2.76
CA LEU A 28 12.91 -6.47 -2.99
C LEU A 28 12.44 -5.84 -4.29
N GLU A 29 11.15 -5.97 -4.58
CA GLU A 29 10.58 -5.40 -5.80
C GLU A 29 10.02 -4.01 -5.54
N ARG A 30 9.81 -3.25 -6.62
CA ARG A 30 9.27 -1.90 -6.51
C ARG A 30 7.81 -1.87 -6.95
N VAL A 31 6.91 -1.95 -5.98
CA VAL A 31 5.47 -1.92 -6.26
C VAL A 31 4.91 -0.51 -6.09
N VAL A 32 3.78 -0.26 -6.73
CA VAL A 32 3.13 1.05 -6.64
C VAL A 32 1.61 0.91 -6.54
N LEU A 33 1.07 1.23 -5.38
CA LEU A 33 -0.37 1.14 -5.15
C LEU A 33 -1.07 2.42 -5.59
N THR A 34 -2.32 2.29 -6.03
CA THR A 34 -3.09 3.44 -6.48
C THR A 34 -4.42 3.52 -5.73
N CYS A 35 -4.65 4.65 -5.07
CA CYS A 35 -5.87 4.87 -4.31
C CYS A 35 -6.35 6.31 -4.43
N GLU A 36 -7.45 6.51 -5.15
CA GLU A 36 -8.01 7.84 -5.34
C GLU A 36 -9.10 8.13 -4.32
N LEU A 37 -9.32 9.41 -4.04
CA LEU A 37 -10.34 9.82 -3.07
C LEU A 37 -11.32 10.81 -3.70
N CYS A 38 -12.53 10.85 -3.18
CA CYS A 38 -13.55 11.75 -3.69
C CYS A 38 -13.23 13.20 -3.35
N ARG A 39 -12.26 13.39 -2.45
CA ARG A 39 -11.84 14.73 -2.03
C ARG A 39 -10.32 14.81 -1.92
N PRO A 40 -9.78 15.99 -2.26
CA PRO A 40 -8.33 16.23 -2.21
C PRO A 40 -7.81 16.29 -0.79
N TRP A 41 -8.51 17.02 0.08
CA TRP A 41 -8.11 17.16 1.47
C TRP A 41 -8.59 15.96 2.29
N ALA A 42 -8.59 14.78 1.66
CA ALA A 42 -9.02 13.57 2.34
C ALA A 42 -7.82 12.76 2.83
N GLU A 43 -7.66 12.70 4.15
CA GLU A 43 -6.56 11.97 4.76
C GLU A 43 -6.86 10.48 4.83
N VAL A 44 -5.85 9.66 4.59
CA VAL A 44 -6.01 8.21 4.63
C VAL A 44 -4.95 7.56 5.50
N ARG A 45 -5.08 6.25 5.72
CA ARG A 45 -4.13 5.51 6.54
C ARG A 45 -4.11 4.04 6.16
N TRP A 46 -2.92 3.52 5.87
CA TRP A 46 -2.76 2.12 5.49
C TRP A 46 -2.54 1.25 6.71
N THR A 47 -3.19 0.09 6.72
CA THR A 47 -3.07 -0.84 7.84
C THR A 47 -2.79 -2.26 7.35
N LYS A 48 -1.81 -2.90 7.96
CA LYS A 48 -1.44 -4.27 7.59
C LYS A 48 -1.95 -5.27 8.61
N ASP A 49 -3.00 -5.99 8.25
CA ASP A 49 -3.58 -6.99 9.14
C ASP A 49 -4.14 -6.34 10.40
N GLY A 50 -4.85 -5.23 10.21
CA GLY A 50 -5.43 -4.52 11.35
C GLY A 50 -4.48 -3.49 11.93
N GLU A 51 -3.18 -3.77 11.85
CA GLU A 51 -2.18 -2.85 12.38
C GLU A 51 -1.91 -1.72 11.41
N GLU A 52 -1.41 -0.60 11.93
CA GLU A 52 -1.11 0.56 11.10
C GLU A 52 0.36 0.58 10.71
N VAL A 53 0.61 0.61 9.39
CA VAL A 53 1.97 0.62 8.87
C VAL A 53 2.71 1.88 9.32
N VAL A 54 4.01 1.74 9.60
CA VAL A 54 4.83 2.86 10.03
C VAL A 54 5.97 3.11 9.06
N GLU A 55 6.07 4.35 8.57
CA GLU A 55 7.11 4.72 7.62
C GLU A 55 8.42 3.99 7.95
N SER A 56 9.14 3.60 6.90
CA SER A 56 10.41 2.89 7.07
C SER A 56 11.18 2.85 5.76
N PRO A 57 12.47 2.44 5.84
CA PRO A 57 13.34 2.37 4.68
C PRO A 57 12.95 1.24 3.72
N ALA A 58 11.85 0.56 4.06
CA ALA A 58 11.36 -0.55 3.23
C ALA A 58 9.94 -0.29 2.76
N LEU A 59 9.34 0.78 3.27
CA LEU A 59 7.97 1.14 2.90
C LEU A 59 7.83 2.65 2.75
N LEU A 60 7.75 3.11 1.50
CA LEU A 60 7.61 4.53 1.22
C LEU A 60 6.15 4.88 0.93
N LEU A 61 5.64 5.87 1.65
CA LEU A 61 4.26 6.31 1.48
C LEU A 61 4.18 7.53 0.56
N GLN A 62 3.57 7.35 -0.61
CA GLN A 62 3.43 8.43 -1.57
C GLN A 62 2.05 9.08 -1.47
N LYS A 63 1.93 10.29 -1.99
CA LYS A 63 0.67 11.02 -1.97
C LYS A 63 0.55 11.95 -3.17
N GLU A 64 -0.37 11.64 -4.08
CA GLU A 64 -0.58 12.45 -5.26
C GLU A 64 -1.66 13.51 -5.02
N ASP A 65 -1.88 14.36 -6.01
CA ASP A 65 -2.88 15.41 -5.90
C ASP A 65 -4.08 14.94 -5.08
N THR A 66 -4.89 14.07 -5.67
CA THR A 66 -6.07 13.55 -4.98
C THR A 66 -6.02 12.03 -4.89
N VAL A 67 -4.90 11.46 -5.28
CA VAL A 67 -4.71 10.00 -5.24
C VAL A 67 -3.44 9.63 -4.49
N ARG A 68 -3.59 8.77 -3.49
CA ARG A 68 -2.44 8.33 -2.69
C ARG A 68 -1.85 7.04 -3.26
N ARG A 69 -0.56 6.86 -3.07
CA ARG A 69 0.14 5.68 -3.56
C ARG A 69 1.16 5.17 -2.55
N LEU A 70 1.37 3.87 -2.52
CA LEU A 70 2.32 3.26 -1.59
C LEU A 70 3.42 2.53 -2.34
N VAL A 71 4.59 3.17 -2.43
CA VAL A 71 5.73 2.58 -3.12
C VAL A 71 6.66 1.87 -2.14
N LEU A 72 7.13 0.70 -2.53
CA LEU A 72 8.04 -0.08 -1.68
C LEU A 72 9.35 -0.36 -2.41
N PRO A 73 10.41 0.35 -1.99
CA PRO A 73 11.74 0.19 -2.58
C PRO A 73 12.38 -1.15 -2.23
N ALA A 74 11.78 -1.85 -1.28
CA ALA A 74 12.29 -3.14 -0.85
C ALA A 74 11.24 -3.92 -0.07
N VAL A 75 10.66 -4.93 -0.71
CA VAL A 75 9.64 -5.76 -0.08
C VAL A 75 10.21 -7.09 0.39
N GLN A 76 9.41 -7.84 1.13
CA GLN A 76 9.84 -9.14 1.65
C GLN A 76 8.71 -10.16 1.56
N LEU A 77 9.07 -11.41 1.27
CA LEU A 77 8.08 -12.48 1.15
C LEU A 77 7.06 -12.40 2.28
N GLU A 78 7.50 -11.92 3.44
CA GLU A 78 6.62 -11.80 4.60
C GLU A 78 5.69 -10.59 4.45
N ASP A 79 6.19 -9.55 3.81
CA ASP A 79 5.41 -8.34 3.59
C ASP A 79 4.13 -8.63 2.84
N SER A 80 4.15 -9.71 2.04
CA SER A 80 2.99 -10.11 1.26
C SER A 80 1.84 -10.54 2.17
N GLY A 81 0.71 -9.85 2.06
CA GLY A 81 -0.44 -10.19 2.88
C GLY A 81 -1.70 -9.48 2.43
N GLU A 82 -2.29 -8.69 3.32
CA GLU A 82 -3.50 -7.95 3.00
C GLU A 82 -3.37 -6.48 3.40
N TYR A 83 -3.12 -5.63 2.42
CA TYR A 83 -2.97 -4.20 2.68
C TYR A 83 -4.31 -3.49 2.62
N LEU A 84 -4.79 -3.04 3.78
CA LEU A 84 -6.07 -2.36 3.87
C LEU A 84 -5.87 -0.87 4.13
N CYS A 85 -6.31 -0.05 3.19
CA CYS A 85 -6.18 1.41 3.32
C CYS A 85 -7.47 2.03 3.83
N GLU A 86 -7.46 2.45 5.08
CA GLU A 86 -8.64 3.06 5.69
C GLU A 86 -8.58 4.58 5.59
N ILE A 87 -9.75 5.21 5.56
CA ILE A 87 -9.82 6.67 5.47
C ILE A 87 -10.68 7.25 6.59
N ASP A 88 -11.96 6.89 6.59
CA ASP A 88 -12.89 7.37 7.61
C ASP A 88 -13.74 6.22 8.15
N ASP A 89 -14.68 5.76 7.33
CA ASP A 89 -15.56 4.67 7.73
C ASP A 89 -15.40 3.47 6.80
N GLU A 90 -14.79 3.71 5.64
CA GLU A 90 -14.57 2.64 4.66
C GLU A 90 -13.10 2.27 4.59
N SER A 91 -12.82 1.16 3.92
CA SER A 91 -11.44 0.68 3.78
C SER A 91 -11.21 0.09 2.39
N ALA A 92 -10.00 0.27 1.88
CA ALA A 92 -9.65 -0.25 0.56
C ALA A 92 -8.79 -1.51 0.66
N SER A 93 -9.22 -2.57 -0.01
CA SER A 93 -8.50 -3.82 0.01
C SER A 93 -7.41 -3.86 -1.06
N PHE A 94 -6.18 -4.15 -0.64
CA PHE A 94 -5.06 -4.21 -1.57
C PHE A 94 -4.22 -5.46 -1.32
N THR A 95 -4.43 -6.48 -2.15
CA THR A 95 -3.69 -7.73 -2.01
C THR A 95 -2.30 -7.62 -2.65
N VAL A 96 -1.28 -7.99 -1.88
CA VAL A 96 0.10 -7.93 -2.37
C VAL A 96 0.81 -9.26 -2.16
N THR A 97 0.92 -10.04 -3.22
CA THR A 97 1.58 -11.34 -3.16
C THR A 97 3.03 -11.25 -3.64
N VAL A 98 3.96 -11.68 -2.79
CA VAL A 98 5.37 -11.64 -3.13
C VAL A 98 5.93 -13.05 -3.32
N THR A 99 6.72 -13.23 -4.37
CA THR A 99 7.32 -14.53 -4.66
C THR A 99 8.81 -14.41 -4.89
N GLU A 100 9.48 -15.56 -5.05
CA GLU A 100 10.92 -15.57 -5.27
C GLU A 100 11.25 -15.22 -6.72
N PRO A 101 12.27 -14.37 -6.90
CA PRO A 101 12.70 -13.93 -8.23
C PRO A 101 13.38 -15.06 -9.02
N PRO A 102 13.55 -14.83 -10.33
CA PRO A 102 14.18 -15.82 -11.21
C PRO A 102 15.67 -15.96 -10.95
N VAL A 103 16.32 -16.82 -11.73
CA VAL A 103 17.75 -17.06 -11.57
C VAL A 103 18.56 -15.86 -12.06
N ARG A 104 19.55 -15.45 -11.26
CA ARG A 104 20.38 -14.32 -11.61
C ARG A 104 21.80 -14.52 -11.07
N ILE A 105 22.72 -13.65 -11.50
CA ILE A 105 24.11 -13.73 -11.06
C ILE A 105 24.20 -14.17 -9.61
N ILE A 106 25.11 -15.10 -9.33
CA ILE A 106 25.30 -15.60 -7.97
C ILE A 106 26.58 -15.05 -7.36
N TYR A 107 26.44 -13.97 -6.59
CA TYR A 107 27.58 -13.34 -5.95
C TYR A 107 28.25 -14.31 -4.96
N SER A 108 29.52 -14.04 -4.65
CA SER A 108 30.27 -14.88 -3.73
C SER A 108 30.62 -14.11 -2.46
N GLY A 109 30.39 -14.74 -1.30
CA GLY A 109 30.68 -14.10 -0.04
C GLY A 109 30.74 -15.09 1.11
N PRO A 110 31.95 -15.52 1.47
CA PRO A 110 32.16 -16.48 2.57
C PRO A 110 31.86 -15.88 3.93
N SER A 111 30.97 -16.50 4.67
CA SER A 111 30.58 -16.03 6.00
C SER A 111 29.85 -17.12 6.77
N SER A 112 30.08 -17.16 8.08
CA SER A 112 29.45 -18.15 8.95
C SER A 112 29.25 -17.61 10.35
N GLY A 113 28.04 -17.77 10.89
CA GLY A 113 27.74 -17.29 12.21
C GLY A 113 26.47 -17.89 12.79
N GLY A 1 -0.85 16.27 13.74
CA GLY A 1 -1.16 16.76 12.42
C GLY A 1 -2.46 17.53 12.37
N SER A 2 -3.27 17.26 11.35
CA SER A 2 -4.55 17.94 11.19
C SER A 2 -5.52 17.52 12.28
N SER A 3 -6.61 18.28 12.43
CA SER A 3 -7.62 17.99 13.45
C SER A 3 -8.80 17.24 12.84
N GLY A 4 -9.25 17.71 11.68
CA GLY A 4 -10.38 17.08 11.02
C GLY A 4 -11.45 18.07 10.62
N SER A 5 -12.09 17.84 9.47
CA SER A 5 -13.14 18.72 8.98
C SER A 5 -14.37 17.92 8.56
N SER A 6 -15.38 17.89 9.43
CA SER A 6 -16.61 17.16 9.15
C SER A 6 -17.69 18.09 8.64
N GLY A 7 -18.35 17.68 7.55
CA GLY A 7 -19.41 18.50 6.98
C GLY A 7 -19.52 18.33 5.47
N THR A 8 -19.45 17.08 5.02
CA THR A 8 -19.54 16.78 3.60
C THR A 8 -20.35 15.51 3.35
N ASP A 9 -21.27 15.58 2.39
CA ASP A 9 -22.11 14.44 2.05
C ASP A 9 -21.34 13.43 1.21
N VAL A 10 -20.63 12.53 1.88
CA VAL A 10 -19.85 11.51 1.19
C VAL A 10 -20.41 10.11 1.45
N SER A 11 -20.53 9.32 0.39
CA SER A 11 -21.05 7.97 0.51
C SER A 11 -19.92 6.95 0.65
N SER A 12 -19.04 6.93 -0.33
CA SER A 12 -17.90 6.00 -0.32
C SER A 12 -16.59 6.75 -0.48
N TRP A 13 -15.94 7.04 0.65
CA TRP A 13 -14.67 7.76 0.64
C TRP A 13 -13.76 7.22 -0.46
N ILE A 14 -13.46 5.92 -0.38
CA ILE A 14 -12.59 5.29 -1.37
C ILE A 14 -13.26 5.24 -2.74
N VAL A 15 -12.95 6.23 -3.58
CA VAL A 15 -13.52 6.30 -4.91
C VAL A 15 -12.92 5.24 -5.83
N TYR A 16 -11.70 4.82 -5.51
CA TYR A 16 -11.00 3.81 -6.30
C TYR A 16 -9.80 3.25 -5.54
N PRO A 17 -9.53 1.95 -5.74
CA PRO A 17 -10.32 1.11 -6.64
C PRO A 17 -11.72 0.82 -6.08
N SER A 18 -12.57 0.25 -6.92
CA SER A 18 -13.94 -0.07 -6.51
C SER A 18 -14.10 -1.57 -6.30
N GLY A 19 -13.40 -2.11 -5.32
CA GLY A 19 -13.48 -3.54 -5.03
C GLY A 19 -12.14 -4.12 -4.60
N LYS A 20 -11.90 -5.36 -4.99
CA LYS A 20 -10.65 -6.04 -4.63
C LYS A 20 -9.64 -5.92 -5.76
N VAL A 21 -8.37 -5.80 -5.40
CA VAL A 21 -7.30 -5.69 -6.38
C VAL A 21 -6.13 -6.60 -6.02
N TYR A 22 -5.60 -7.30 -7.02
CA TYR A 22 -4.48 -8.20 -6.82
C TYR A 22 -3.19 -7.62 -7.39
N VAL A 23 -2.09 -7.78 -6.65
CA VAL A 23 -0.80 -7.27 -7.08
C VAL A 23 0.32 -8.24 -6.74
N ALA A 24 1.01 -8.72 -7.77
CA ALA A 24 2.11 -9.67 -7.58
C ALA A 24 3.45 -8.94 -7.50
N ALA A 25 4.24 -9.28 -6.50
CA ALA A 25 5.55 -8.67 -6.31
C ALA A 25 6.64 -9.73 -6.16
N VAL A 26 7.89 -9.27 -6.05
CA VAL A 26 9.02 -10.18 -5.90
C VAL A 26 9.98 -9.69 -4.83
N ARG A 27 10.76 -10.60 -4.27
CA ARG A 27 11.73 -10.27 -3.23
C ARG A 27 12.46 -8.98 -3.58
N LEU A 28 12.22 -7.93 -2.79
CA LEU A 28 12.87 -6.64 -3.02
C LEU A 28 12.40 -6.02 -4.33
N GLU A 29 11.09 -6.06 -4.56
CA GLU A 29 10.52 -5.50 -5.78
C GLU A 29 9.90 -4.12 -5.51
N ARG A 30 9.77 -3.33 -6.57
CA ARG A 30 9.20 -1.99 -6.45
C ARG A 30 7.74 -1.98 -6.91
N VAL A 31 6.81 -1.99 -5.96
CA VAL A 31 5.39 -1.97 -6.29
C VAL A 31 4.81 -0.56 -6.14
N VAL A 32 3.65 -0.34 -6.76
CA VAL A 32 3.00 0.95 -6.72
C VAL A 32 1.48 0.79 -6.58
N LEU A 33 0.97 1.04 -5.38
CA LEU A 33 -0.46 0.93 -5.12
C LEU A 33 -1.19 2.18 -5.56
N THR A 34 -2.36 2.00 -6.18
CA THR A 34 -3.17 3.12 -6.66
C THR A 34 -4.45 3.24 -5.86
N CYS A 35 -4.61 4.37 -5.16
CA CYS A 35 -5.80 4.62 -4.36
C CYS A 35 -6.24 6.07 -4.47
N GLU A 36 -7.33 6.30 -5.19
CA GLU A 36 -7.86 7.65 -5.37
C GLU A 36 -8.95 7.95 -4.36
N LEU A 37 -9.27 9.23 -4.19
CA LEU A 37 -10.30 9.66 -3.26
C LEU A 37 -11.22 10.69 -3.89
N CYS A 38 -12.41 10.84 -3.32
CA CYS A 38 -13.39 11.80 -3.83
C CYS A 38 -13.16 13.18 -3.22
N ARG A 39 -12.03 13.33 -2.52
CA ARG A 39 -11.70 14.60 -1.89
C ARG A 39 -10.20 14.83 -1.89
N PRO A 40 -9.78 16.08 -2.18
CA PRO A 40 -8.36 16.45 -2.21
C PRO A 40 -7.73 16.45 -0.82
N TRP A 41 -8.39 17.11 0.13
CA TRP A 41 -7.88 17.18 1.49
C TRP A 41 -8.34 15.97 2.31
N ALA A 42 -8.50 14.84 1.64
CA ALA A 42 -8.93 13.61 2.30
C ALA A 42 -7.73 12.78 2.75
N GLU A 43 -7.58 12.63 4.06
CA GLU A 43 -6.48 11.85 4.61
C GLU A 43 -6.87 10.38 4.77
N VAL A 44 -5.93 9.49 4.45
CA VAL A 44 -6.18 8.05 4.55
C VAL A 44 -5.14 7.38 5.44
N ARG A 45 -5.36 6.11 5.73
CA ARG A 45 -4.44 5.35 6.57
C ARG A 45 -4.37 3.89 6.14
N TRP A 46 -3.16 3.42 5.86
CA TRP A 46 -2.97 2.04 5.42
C TRP A 46 -2.77 1.11 6.62
N THR A 47 -3.47 -0.01 6.63
CA THR A 47 -3.36 -0.98 7.72
C THR A 47 -2.93 -2.35 7.19
N LYS A 48 -1.88 -2.90 7.78
CA LYS A 48 -1.37 -4.21 7.38
C LYS A 48 -1.68 -5.25 8.45
N ASP A 49 -2.75 -6.02 8.22
CA ASP A 49 -3.13 -7.06 9.17
C ASP A 49 -3.78 -6.46 10.40
N GLY A 50 -4.35 -5.26 10.25
CA GLY A 50 -4.99 -4.59 11.37
C GLY A 50 -4.16 -3.46 11.93
N GLU A 51 -2.84 -3.63 11.89
CA GLU A 51 -1.92 -2.61 12.41
C GLU A 51 -1.68 -1.52 11.37
N GLU A 52 -1.50 -0.30 11.84
CA GLU A 52 -1.26 0.84 10.95
C GLU A 52 0.21 0.89 10.52
N VAL A 53 0.45 0.61 9.24
CA VAL A 53 1.82 0.63 8.72
C VAL A 53 2.52 1.94 9.05
N VAL A 54 3.76 1.84 9.51
CA VAL A 54 4.55 3.01 9.87
C VAL A 54 5.69 3.24 8.89
N GLU A 55 5.87 4.48 8.47
CA GLU A 55 6.94 4.82 7.52
C GLU A 55 8.23 4.09 7.88
N SER A 56 9.04 3.81 6.86
CA SER A 56 10.30 3.11 7.07
C SER A 56 11.12 3.09 5.78
N PRO A 57 12.42 2.74 5.91
CA PRO A 57 13.34 2.68 4.77
C PRO A 57 13.01 1.52 3.83
N ALA A 58 11.92 0.83 4.11
CA ALA A 58 11.50 -0.30 3.29
C ALA A 58 10.07 -0.11 2.78
N LEU A 59 9.38 0.88 3.33
CA LEU A 59 8.01 1.17 2.94
C LEU A 59 7.81 2.67 2.73
N LEU A 60 7.82 3.10 1.48
CA LEU A 60 7.64 4.51 1.15
C LEU A 60 6.17 4.82 0.88
N LEU A 61 5.66 5.86 1.54
CA LEU A 61 4.27 6.26 1.37
C LEU A 61 4.16 7.48 0.48
N GLN A 62 3.62 7.30 -0.73
CA GLN A 62 3.46 8.39 -1.67
C GLN A 62 2.08 9.04 -1.53
N LYS A 63 2.02 10.34 -1.80
CA LYS A 63 0.76 11.07 -1.70
C LYS A 63 0.62 12.06 -2.85
N GLU A 64 -0.33 11.79 -3.74
CA GLU A 64 -0.56 12.67 -4.89
C GLU A 64 -1.51 13.80 -4.52
N ASP A 65 -1.86 14.61 -5.52
CA ASP A 65 -2.77 15.73 -5.30
C ASP A 65 -4.06 15.28 -4.64
N THR A 66 -4.82 14.44 -5.34
CA THR A 66 -6.08 13.93 -4.82
C THR A 66 -6.05 12.41 -4.72
N VAL A 67 -4.92 11.82 -5.08
CA VAL A 67 -4.78 10.36 -5.03
C VAL A 67 -3.54 9.97 -4.22
N ARG A 68 -3.61 8.83 -3.56
CA ARG A 68 -2.51 8.34 -2.75
C ARG A 68 -1.89 7.09 -3.38
N ARG A 69 -0.63 6.83 -3.05
CA ARG A 69 0.08 5.67 -3.59
C ARG A 69 1.11 5.16 -2.59
N LEU A 70 1.29 3.83 -2.55
CA LEU A 70 2.25 3.22 -1.64
C LEU A 70 3.34 2.49 -2.41
N VAL A 71 4.55 3.05 -2.40
CA VAL A 71 5.68 2.46 -3.10
C VAL A 71 6.63 1.79 -2.12
N LEU A 72 7.07 0.58 -2.47
CA LEU A 72 7.99 -0.18 -1.62
C LEU A 72 9.28 -0.49 -2.36
N PRO A 73 10.36 0.23 -2.02
CA PRO A 73 11.67 0.05 -2.64
C PRO A 73 12.32 -1.29 -2.25
N ALA A 74 11.73 -1.95 -1.26
CA ALA A 74 12.24 -3.23 -0.78
C ALA A 74 11.19 -3.98 0.02
N VAL A 75 10.63 -5.04 -0.59
CA VAL A 75 9.61 -5.84 0.07
C VAL A 75 10.19 -7.16 0.56
N GLN A 76 9.38 -7.92 1.30
CA GLN A 76 9.81 -9.21 1.83
C GLN A 76 8.69 -10.24 1.73
N LEU A 77 9.08 -11.49 1.49
CA LEU A 77 8.11 -12.58 1.37
C LEU A 77 7.08 -12.51 2.50
N GLU A 78 7.49 -11.98 3.64
CA GLU A 78 6.60 -11.86 4.79
C GLU A 78 5.64 -10.69 4.61
N ASP A 79 6.14 -9.60 4.03
CA ASP A 79 5.33 -8.41 3.81
C ASP A 79 4.07 -8.76 3.02
N SER A 80 4.17 -9.74 2.15
CA SER A 80 3.03 -10.17 1.34
C SER A 80 1.88 -10.62 2.22
N GLY A 81 0.73 -9.94 2.09
CA GLY A 81 -0.43 -10.29 2.89
C GLY A 81 -1.68 -9.59 2.40
N GLU A 82 -2.33 -8.84 3.30
CA GLU A 82 -3.55 -8.12 2.95
C GLU A 82 -3.43 -6.65 3.33
N TYR A 83 -3.20 -5.80 2.33
CA TYR A 83 -3.06 -4.37 2.57
C TYR A 83 -4.43 -3.67 2.50
N LEU A 84 -4.93 -3.27 3.65
CA LEU A 84 -6.22 -2.59 3.73
C LEU A 84 -6.04 -1.10 4.00
N CYS A 85 -6.45 -0.28 3.04
CA CYS A 85 -6.33 1.17 3.17
C CYS A 85 -7.64 1.77 3.67
N GLU A 86 -7.66 2.20 4.92
CA GLU A 86 -8.84 2.80 5.52
C GLU A 86 -8.72 4.32 5.58
N ILE A 87 -9.81 5.01 5.26
CA ILE A 87 -9.82 6.47 5.27
C ILE A 87 -10.68 6.99 6.42
N ASP A 88 -11.94 6.57 6.44
CA ASP A 88 -12.87 7.01 7.49
C ASP A 88 -13.67 5.83 8.03
N ASP A 89 -14.61 5.34 7.22
CA ASP A 89 -15.44 4.22 7.61
C ASP A 89 -15.25 3.04 6.66
N GLU A 90 -14.80 3.32 5.44
CA GLU A 90 -14.58 2.29 4.44
C GLU A 90 -13.09 1.95 4.34
N SER A 91 -12.79 0.88 3.63
CA SER A 91 -11.41 0.43 3.45
C SER A 91 -11.20 -0.18 2.07
N ALA A 92 -9.99 -0.03 1.54
CA ALA A 92 -9.66 -0.59 0.23
C ALA A 92 -8.82 -1.86 0.36
N SER A 93 -9.24 -2.92 -0.31
CA SER A 93 -8.53 -4.18 -0.26
C SER A 93 -7.41 -4.21 -1.31
N PHE A 94 -6.18 -4.42 -0.85
CA PHE A 94 -5.04 -4.48 -1.74
C PHE A 94 -4.19 -5.72 -1.46
N THR A 95 -4.36 -6.74 -2.29
CA THR A 95 -3.61 -7.99 -2.14
C THR A 95 -2.22 -7.87 -2.73
N VAL A 96 -1.21 -8.20 -1.92
CA VAL A 96 0.17 -8.13 -2.38
C VAL A 96 0.90 -9.45 -2.13
N THR A 97 0.96 -10.28 -3.17
CA THR A 97 1.62 -11.58 -3.08
C THR A 97 3.04 -11.52 -3.65
N VAL A 98 4.02 -11.71 -2.78
CA VAL A 98 5.43 -11.68 -3.19
C VAL A 98 6.00 -13.09 -3.29
N THR A 99 6.84 -13.31 -4.29
CA THR A 99 7.45 -14.61 -4.50
C THR A 99 8.95 -14.48 -4.75
N GLU A 100 9.63 -15.61 -4.90
CA GLU A 100 11.07 -15.62 -5.15
C GLU A 100 11.37 -15.26 -6.60
N PRO A 101 12.35 -14.36 -6.79
CA PRO A 101 12.76 -13.92 -8.13
C PRO A 101 13.46 -15.02 -8.91
N PRO A 102 13.55 -14.85 -10.24
CA PRO A 102 14.21 -15.81 -11.13
C PRO A 102 15.72 -15.84 -10.93
N VAL A 103 16.39 -16.74 -11.66
CA VAL A 103 17.84 -16.86 -11.57
C VAL A 103 18.54 -15.80 -12.41
N ARG A 104 19.48 -15.09 -11.79
CA ARG A 104 20.23 -14.05 -12.48
C ARG A 104 21.54 -13.75 -11.75
N ILE A 105 22.65 -13.96 -12.43
CA ILE A 105 23.96 -13.70 -11.84
C ILE A 105 23.97 -14.00 -10.36
N ILE A 106 23.53 -15.20 -9.99
CA ILE A 106 23.49 -15.62 -8.60
C ILE A 106 24.84 -16.16 -8.14
N TYR A 107 25.65 -15.29 -7.54
CA TYR A 107 26.97 -15.69 -7.05
C TYR A 107 26.96 -17.12 -6.55
N SER A 108 26.02 -17.42 -5.65
CA SER A 108 25.90 -18.75 -5.08
C SER A 108 26.12 -19.82 -6.14
N GLY A 109 27.12 -20.68 -5.92
CA GLY A 109 27.42 -21.73 -6.86
C GLY A 109 28.28 -22.82 -6.25
N PRO A 110 29.00 -23.57 -7.12
CA PRO A 110 29.89 -24.65 -6.68
C PRO A 110 31.12 -24.14 -5.95
N SER A 111 31.65 -24.97 -5.06
CA SER A 111 32.84 -24.60 -4.29
C SER A 111 33.76 -25.79 -4.10
N SER A 112 35.04 -25.60 -4.38
CA SER A 112 36.04 -26.66 -4.24
C SER A 112 37.45 -26.10 -4.24
N GLY A 113 38.35 -26.76 -3.53
CA GLY A 113 39.72 -26.32 -3.46
C GLY A 113 40.20 -25.69 -4.75
N GLY A 1 -3.39 16.22 15.70
CA GLY A 1 -4.51 16.79 14.97
C GLY A 1 -5.61 15.78 14.71
N SER A 2 -6.63 15.80 15.56
CA SER A 2 -7.75 14.88 15.42
C SER A 2 -8.89 15.52 14.61
N SER A 3 -9.19 14.92 13.46
CA SER A 3 -10.23 15.43 12.59
C SER A 3 -11.31 14.38 12.36
N GLY A 4 -12.55 14.72 12.68
CA GLY A 4 -13.65 13.79 12.50
C GLY A 4 -14.91 14.23 13.23
N SER A 5 -15.82 14.87 12.49
CA SER A 5 -17.07 15.35 13.08
C SER A 5 -18.13 15.53 12.00
N SER A 6 -19.31 14.98 12.24
CA SER A 6 -20.42 15.08 11.29
C SER A 6 -20.43 16.45 10.62
N GLY A 7 -19.98 16.49 9.36
CA GLY A 7 -19.95 17.73 8.62
C GLY A 7 -20.03 17.53 7.13
N THR A 8 -19.31 16.53 6.63
CA THR A 8 -19.30 16.23 5.21
C THR A 8 -20.20 15.04 4.89
N ASP A 9 -21.04 15.19 3.86
CA ASP A 9 -21.95 14.13 3.46
C ASP A 9 -21.38 13.35 2.27
N VAL A 10 -20.62 12.30 2.58
CA VAL A 10 -20.02 11.47 1.53
C VAL A 10 -20.52 10.03 1.62
N SER A 11 -20.70 9.41 0.46
CA SER A 11 -21.17 8.03 0.41
C SER A 11 -20.02 7.04 0.61
N SER A 12 -19.04 7.11 -0.28
CA SER A 12 -17.87 6.23 -0.21
C SER A 12 -16.59 7.02 -0.38
N TRP A 13 -15.78 7.05 0.67
CA TRP A 13 -14.51 7.77 0.65
C TRP A 13 -13.60 7.21 -0.44
N ILE A 14 -13.38 5.90 -0.41
CA ILE A 14 -12.53 5.24 -1.39
C ILE A 14 -13.21 5.19 -2.76
N VAL A 15 -12.90 6.16 -3.62
CA VAL A 15 -13.48 6.21 -4.94
C VAL A 15 -12.88 5.14 -5.86
N TYR A 16 -11.62 4.80 -5.59
CA TYR A 16 -10.92 3.79 -6.38
C TYR A 16 -9.74 3.21 -5.62
N PRO A 17 -9.47 1.91 -5.84
CA PRO A 17 -10.25 1.09 -6.77
C PRO A 17 -11.64 0.80 -6.25
N SER A 18 -12.49 0.26 -7.11
CA SER A 18 -13.87 -0.06 -6.74
C SER A 18 -14.04 -1.56 -6.52
N GLY A 19 -13.35 -2.09 -5.51
CA GLY A 19 -13.43 -3.51 -5.22
C GLY A 19 -12.11 -4.07 -4.71
N LYS A 20 -11.76 -5.27 -5.18
CA LYS A 20 -10.52 -5.91 -4.76
C LYS A 20 -9.44 -5.73 -5.82
N VAL A 21 -8.19 -5.62 -5.36
CA VAL A 21 -7.06 -5.45 -6.27
C VAL A 21 -5.91 -6.38 -5.90
N TYR A 22 -5.63 -7.34 -6.77
CA TYR A 22 -4.55 -8.29 -6.54
C TYR A 22 -3.26 -7.84 -7.20
N VAL A 23 -2.18 -7.85 -6.43
CA VAL A 23 -0.87 -7.43 -6.95
C VAL A 23 0.19 -8.48 -6.65
N ALA A 24 1.05 -8.74 -7.63
CA ALA A 24 2.13 -9.72 -7.46
C ALA A 24 3.49 -9.05 -7.50
N ALA A 25 4.23 -9.17 -6.40
CA ALA A 25 5.56 -8.57 -6.30
C ALA A 25 6.62 -9.64 -6.08
N VAL A 26 7.89 -9.22 -6.05
CA VAL A 26 9.00 -10.13 -5.84
C VAL A 26 9.95 -9.61 -4.78
N ARG A 27 10.71 -10.51 -4.17
CA ARG A 27 11.67 -10.14 -3.14
C ARG A 27 12.49 -8.93 -3.57
N LEU A 28 12.34 -7.83 -2.85
CA LEU A 28 13.06 -6.59 -3.16
C LEU A 28 12.58 -5.99 -4.47
N GLU A 29 11.26 -6.06 -4.70
CA GLU A 29 10.68 -5.52 -5.91
C GLU A 29 10.07 -4.14 -5.65
N ARG A 30 9.91 -3.36 -6.71
CA ARG A 30 9.34 -2.03 -6.60
C ARG A 30 7.88 -2.01 -7.06
N VAL A 31 6.96 -1.92 -6.10
CA VAL A 31 5.54 -1.90 -6.41
C VAL A 31 4.95 -0.51 -6.18
N VAL A 32 3.80 -0.25 -6.80
CA VAL A 32 3.13 1.03 -6.66
C VAL A 32 1.62 0.86 -6.58
N LEU A 33 1.07 1.09 -5.39
CA LEU A 33 -0.36 0.97 -5.17
C LEU A 33 -1.09 2.23 -5.62
N THR A 34 -2.30 2.05 -6.16
CA THR A 34 -3.10 3.17 -6.63
C THR A 34 -4.40 3.28 -5.84
N CYS A 35 -4.59 4.40 -5.17
CA CYS A 35 -5.79 4.63 -4.37
C CYS A 35 -6.24 6.08 -4.47
N GLU A 36 -7.32 6.31 -5.22
CA GLU A 36 -7.86 7.66 -5.39
C GLU A 36 -8.98 7.93 -4.40
N LEU A 37 -9.24 9.21 -4.14
CA LEU A 37 -10.30 9.62 -3.21
C LEU A 37 -11.23 10.63 -3.86
N CYS A 38 -12.44 10.74 -3.31
CA CYS A 38 -13.43 11.68 -3.84
C CYS A 38 -13.21 13.07 -3.26
N ARG A 39 -12.12 13.24 -2.52
CA ARG A 39 -11.79 14.52 -1.92
C ARG A 39 -10.28 14.75 -1.91
N PRO A 40 -9.87 16.00 -2.18
CA PRO A 40 -8.46 16.38 -2.20
C PRO A 40 -7.82 16.37 -0.82
N TRP A 41 -8.48 17.03 0.13
CA TRP A 41 -7.99 17.08 1.50
C TRP A 41 -8.39 15.84 2.29
N ALA A 42 -8.49 14.72 1.59
CA ALA A 42 -8.87 13.46 2.22
C ALA A 42 -7.64 12.67 2.65
N GLU A 43 -7.43 12.56 3.95
CA GLU A 43 -6.29 11.84 4.49
C GLU A 43 -6.62 10.36 4.68
N VAL A 44 -5.77 9.50 4.14
CA VAL A 44 -5.97 8.06 4.27
C VAL A 44 -4.92 7.42 5.16
N ARG A 45 -5.15 6.16 5.54
CA ARG A 45 -4.22 5.45 6.39
C ARG A 45 -4.20 3.96 6.05
N TRP A 46 -3.01 3.44 5.77
CA TRP A 46 -2.86 2.03 5.42
C TRP A 46 -2.62 1.18 6.67
N THR A 47 -3.31 0.05 6.75
CA THR A 47 -3.18 -0.84 7.89
C THR A 47 -2.93 -2.28 7.43
N LYS A 48 -1.94 -2.93 8.04
CA LYS A 48 -1.61 -4.31 7.70
C LYS A 48 -2.15 -5.27 8.75
N ASP A 49 -3.25 -5.96 8.41
CA ASP A 49 -3.86 -6.92 9.31
C ASP A 49 -4.36 -6.22 10.58
N GLY A 50 -5.00 -5.07 10.41
CA GLY A 50 -5.50 -4.32 11.54
C GLY A 50 -4.51 -3.32 12.07
N GLU A 51 -3.23 -3.65 11.97
CA GLU A 51 -2.16 -2.77 12.45
C GLU A 51 -1.90 -1.64 11.46
N GLU A 52 -1.42 -0.52 11.96
CA GLU A 52 -1.13 0.64 11.12
C GLU A 52 0.33 0.65 10.69
N VAL A 53 0.56 0.56 9.39
CA VAL A 53 1.92 0.55 8.85
C VAL A 53 2.67 1.80 9.26
N VAL A 54 3.98 1.65 9.50
CA VAL A 54 4.82 2.77 9.90
C VAL A 54 5.88 3.05 8.85
N GLU A 55 6.12 4.33 8.59
CA GLU A 55 7.11 4.73 7.60
C GLU A 55 8.46 4.06 7.88
N SER A 56 9.19 3.77 6.81
CA SER A 56 10.49 3.12 6.92
C SER A 56 11.22 3.09 5.59
N PRO A 57 12.50 2.72 5.61
CA PRO A 57 13.33 2.64 4.40
C PRO A 57 12.92 1.50 3.49
N ALA A 58 11.90 0.76 3.90
CA ALA A 58 11.42 -0.37 3.12
C ALA A 58 9.98 -0.14 2.66
N LEU A 59 9.33 0.85 3.25
CA LEU A 59 7.95 1.17 2.91
C LEU A 59 7.77 2.68 2.75
N LEU A 60 7.72 3.14 1.50
CA LEU A 60 7.55 4.56 1.21
C LEU A 60 6.09 4.88 0.95
N LEU A 61 5.58 5.91 1.63
CA LEU A 61 4.20 6.33 1.47
C LEU A 61 4.09 7.56 0.58
N GLN A 62 3.56 7.36 -0.63
CA GLN A 62 3.41 8.47 -1.58
C GLN A 62 2.03 9.09 -1.48
N LYS A 63 1.95 10.39 -1.69
CA LYS A 63 0.68 11.11 -1.62
C LYS A 63 0.55 12.10 -2.78
N GLU A 64 -0.39 11.82 -3.67
CA GLU A 64 -0.62 12.68 -4.83
C GLU A 64 -1.60 13.80 -4.49
N ASP A 65 -1.92 14.62 -5.49
CA ASP A 65 -2.85 15.73 -5.29
C ASP A 65 -4.13 15.26 -4.62
N THR A 66 -4.90 14.44 -5.33
CA THR A 66 -6.16 13.92 -4.80
C THR A 66 -6.11 12.40 -4.70
N VAL A 67 -4.98 11.81 -5.06
CA VAL A 67 -4.81 10.36 -5.03
C VAL A 67 -3.57 9.98 -4.23
N ARG A 68 -3.63 8.84 -3.55
CA ARG A 68 -2.52 8.35 -2.74
C ARG A 68 -1.88 7.12 -3.37
N ARG A 69 -0.62 6.88 -3.04
CA ARG A 69 0.10 5.73 -3.58
C ARG A 69 1.11 5.20 -2.56
N LEU A 70 1.34 3.89 -2.60
CA LEU A 70 2.28 3.26 -1.68
C LEU A 70 3.38 2.54 -2.44
N VAL A 71 4.55 3.16 -2.51
CA VAL A 71 5.69 2.57 -3.21
C VAL A 71 6.63 1.88 -2.23
N LEU A 72 7.18 0.74 -2.65
CA LEU A 72 8.10 -0.02 -1.81
C LEU A 72 9.42 -0.26 -2.54
N PRO A 73 10.47 0.46 -2.12
CA PRO A 73 11.80 0.35 -2.72
C PRO A 73 12.47 -0.98 -2.38
N ALA A 74 11.88 -1.71 -1.43
CA ALA A 74 12.42 -3.01 -1.02
C ALA A 74 11.39 -3.80 -0.23
N VAL A 75 10.86 -4.85 -0.85
CA VAL A 75 9.86 -5.69 -0.22
C VAL A 75 10.46 -7.03 0.20
N GLN A 76 9.73 -7.78 1.02
CA GLN A 76 10.18 -9.08 1.49
C GLN A 76 9.03 -10.07 1.55
N LEU A 77 9.34 -11.35 1.37
CA LEU A 77 8.33 -12.40 1.40
C LEU A 77 7.39 -12.21 2.58
N GLU A 78 7.92 -11.72 3.69
CA GLU A 78 7.11 -11.47 4.88
C GLU A 78 6.11 -10.35 4.65
N ASP A 79 6.53 -9.33 3.91
CA ASP A 79 5.66 -8.20 3.61
C ASP A 79 4.36 -8.66 2.96
N SER A 80 4.44 -9.78 2.25
CA SER A 80 3.26 -10.33 1.57
C SER A 80 2.14 -10.61 2.57
N GLY A 81 0.96 -10.07 2.29
CA GLY A 81 -0.18 -10.27 3.15
C GLY A 81 -1.43 -9.60 2.64
N GLU A 82 -2.12 -8.87 3.52
CA GLU A 82 -3.35 -8.17 3.14
C GLU A 82 -3.25 -6.69 3.48
N TYR A 83 -2.98 -5.86 2.47
CA TYR A 83 -2.87 -4.42 2.67
C TYR A 83 -4.23 -3.76 2.58
N LEU A 84 -4.72 -3.26 3.71
CA LEU A 84 -6.00 -2.59 3.77
C LEU A 84 -5.84 -1.09 4.00
N CYS A 85 -6.30 -0.29 3.04
CA CYS A 85 -6.19 1.15 3.14
C CYS A 85 -7.45 1.76 3.75
N GLU A 86 -7.35 2.21 4.99
CA GLU A 86 -8.48 2.79 5.69
C GLU A 86 -8.41 4.31 5.67
N ILE A 87 -9.51 4.96 5.30
CA ILE A 87 -9.57 6.42 5.25
C ILE A 87 -10.39 6.97 6.39
N ASP A 88 -11.71 6.85 6.29
CA ASP A 88 -12.60 7.35 7.32
C ASP A 88 -13.38 6.20 7.97
N ASP A 89 -14.31 5.63 7.22
CA ASP A 89 -15.11 4.51 7.72
C ASP A 89 -14.99 3.30 6.82
N GLU A 90 -14.52 3.52 5.59
CA GLU A 90 -14.35 2.44 4.63
C GLU A 90 -12.88 2.08 4.48
N SER A 91 -12.61 0.96 3.80
CA SER A 91 -11.25 0.48 3.59
C SER A 91 -11.11 -0.18 2.22
N ALA A 92 -9.92 -0.08 1.64
CA ALA A 92 -9.66 -0.68 0.35
C ALA A 92 -8.83 -1.95 0.48
N SER A 93 -9.23 -3.00 -0.25
CA SER A 93 -8.53 -4.27 -0.21
C SER A 93 -7.40 -4.31 -1.24
N PHE A 94 -6.17 -4.48 -0.76
CA PHE A 94 -5.01 -4.53 -1.63
C PHE A 94 -4.15 -5.76 -1.33
N THR A 95 -4.30 -6.80 -2.13
CA THR A 95 -3.54 -8.02 -1.94
C THR A 95 -2.15 -7.91 -2.56
N VAL A 96 -1.12 -8.16 -1.76
CA VAL A 96 0.25 -8.09 -2.22
C VAL A 96 1.00 -9.39 -1.95
N THR A 97 1.13 -10.23 -2.98
CA THR A 97 1.81 -11.50 -2.83
C THR A 97 3.24 -11.42 -3.35
N VAL A 98 4.20 -11.63 -2.46
CA VAL A 98 5.62 -11.57 -2.82
C VAL A 98 6.22 -12.97 -2.89
N THR A 99 7.04 -13.21 -3.91
CA THR A 99 7.69 -14.50 -4.09
C THR A 99 9.17 -14.33 -4.39
N GLU A 100 9.86 -15.46 -4.57
CA GLU A 100 11.29 -15.44 -4.85
C GLU A 100 11.55 -15.13 -6.32
N PRO A 101 12.52 -14.25 -6.58
CA PRO A 101 12.88 -13.85 -7.94
C PRO A 101 13.57 -14.98 -8.71
N PRO A 102 13.72 -14.79 -10.03
CA PRO A 102 14.36 -15.78 -10.90
C PRO A 102 15.86 -15.88 -10.65
N VAL A 103 16.49 -16.91 -11.23
CA VAL A 103 17.92 -17.12 -11.07
C VAL A 103 18.69 -16.47 -12.21
N ARG A 104 20.01 -16.64 -12.19
CA ARG A 104 20.88 -16.07 -13.22
C ARG A 104 20.49 -14.62 -13.50
N ILE A 105 20.15 -13.89 -12.45
CA ILE A 105 19.76 -12.49 -12.60
C ILE A 105 20.47 -11.61 -11.56
N ILE A 106 21.60 -12.08 -11.08
CA ILE A 106 22.37 -11.35 -10.08
C ILE A 106 23.06 -10.14 -10.71
N TYR A 107 22.59 -8.95 -10.35
CA TYR A 107 23.17 -7.72 -10.87
C TYR A 107 24.68 -7.70 -10.73
N SER A 108 25.35 -6.98 -11.63
CA SER A 108 26.80 -6.89 -11.60
C SER A 108 27.26 -5.58 -10.95
N GLY A 109 27.45 -5.62 -9.63
CA GLY A 109 27.88 -4.43 -8.92
C GLY A 109 29.13 -4.67 -8.09
N PRO A 110 29.46 -3.70 -7.22
CA PRO A 110 30.64 -3.80 -6.35
C PRO A 110 30.47 -4.85 -5.26
N SER A 111 31.58 -5.18 -4.59
CA SER A 111 31.55 -6.19 -3.54
C SER A 111 32.08 -5.60 -2.22
N SER A 112 31.27 -5.70 -1.18
CA SER A 112 31.65 -5.18 0.14
C SER A 112 31.85 -6.32 1.14
N GLY A 113 32.81 -6.14 2.04
CA GLY A 113 33.09 -7.15 3.04
C GLY A 113 33.81 -6.60 4.24
N GLY A 1 -4.73 18.89 13.98
CA GLY A 1 -5.90 19.45 13.34
C GLY A 1 -5.78 19.48 11.83
N SER A 2 -6.92 19.53 11.15
CA SER A 2 -6.95 19.56 9.69
C SER A 2 -7.81 20.70 9.18
N SER A 3 -7.25 21.91 9.17
CA SER A 3 -7.98 23.09 8.71
C SER A 3 -9.18 23.36 9.60
N GLY A 4 -8.99 23.22 10.91
CA GLY A 4 -10.08 23.46 11.85
C GLY A 4 -11.13 22.35 11.81
N SER A 5 -12.05 22.46 10.87
CA SER A 5 -13.12 21.47 10.73
C SER A 5 -13.26 21.01 9.28
N SER A 6 -14.02 19.94 9.07
CA SER A 6 -14.23 19.41 7.73
C SER A 6 -15.45 18.48 7.70
N GLY A 7 -16.48 18.90 6.99
CA GLY A 7 -17.69 18.11 6.89
C GLY A 7 -17.40 16.62 6.85
N THR A 8 -16.38 16.24 6.09
CA THR A 8 -15.99 14.83 5.97
C THR A 8 -17.22 13.94 5.85
N ASP A 9 -18.23 14.40 5.11
CA ASP A 9 -19.45 13.64 4.92
C ASP A 9 -19.61 13.21 3.46
N VAL A 10 -19.56 11.90 3.23
CA VAL A 10 -19.69 11.37 1.88
C VAL A 10 -20.11 9.90 1.92
N SER A 11 -20.74 9.45 0.84
CA SER A 11 -21.20 8.07 0.75
C SER A 11 -20.02 7.10 0.81
N SER A 12 -19.14 7.18 -0.18
CA SER A 12 -17.97 6.31 -0.25
C SER A 12 -16.69 7.13 -0.37
N TRP A 13 -15.85 7.08 0.66
CA TRP A 13 -14.60 7.83 0.66
C TRP A 13 -13.67 7.31 -0.43
N ILE A 14 -13.44 6.00 -0.44
CA ILE A 14 -12.57 5.39 -1.44
C ILE A 14 -13.24 5.36 -2.81
N VAL A 15 -12.86 6.31 -3.66
CA VAL A 15 -13.40 6.40 -5.00
C VAL A 15 -12.80 5.35 -5.92
N TYR A 16 -11.60 4.90 -5.58
CA TYR A 16 -10.90 3.89 -6.37
C TYR A 16 -9.69 3.35 -5.62
N PRO A 17 -9.41 2.05 -5.82
CA PRO A 17 -10.21 1.18 -6.69
C PRO A 17 -11.60 0.89 -6.12
N SER A 18 -12.48 0.39 -6.96
CA SER A 18 -13.84 0.07 -6.53
C SER A 18 -14.00 -1.43 -6.32
N GLY A 19 -13.28 -1.96 -5.34
CA GLY A 19 -13.35 -3.38 -5.05
C GLY A 19 -12.02 -3.97 -4.62
N LYS A 20 -11.79 -5.23 -4.94
CA LYS A 20 -10.55 -5.90 -4.58
C LYS A 20 -9.53 -5.80 -5.71
N VAL A 21 -8.26 -5.77 -5.35
CA VAL A 21 -7.18 -5.67 -6.33
C VAL A 21 -6.06 -6.65 -6.02
N TYR A 22 -5.48 -7.25 -7.05
CA TYR A 22 -4.40 -8.21 -6.88
C TYR A 22 -3.08 -7.64 -7.40
N VAL A 23 -2.01 -7.87 -6.65
CA VAL A 23 -0.69 -7.38 -7.02
C VAL A 23 0.39 -8.39 -6.68
N ALA A 24 1.15 -8.80 -7.69
CA ALA A 24 2.22 -9.77 -7.49
C ALA A 24 3.58 -9.09 -7.48
N ALA A 25 4.33 -9.29 -6.39
CA ALA A 25 5.65 -8.70 -6.25
C ALA A 25 6.71 -9.76 -5.99
N VAL A 26 7.98 -9.33 -5.93
CA VAL A 26 9.08 -10.24 -5.69
C VAL A 26 10.00 -9.72 -4.59
N ARG A 27 10.83 -10.60 -4.05
CA ARG A 27 11.76 -10.23 -2.99
C ARG A 27 12.55 -8.98 -3.37
N LEU A 28 12.40 -7.92 -2.59
CA LEU A 28 13.10 -6.67 -2.85
C LEU A 28 12.63 -6.04 -4.17
N GLU A 29 11.34 -6.14 -4.42
CA GLU A 29 10.76 -5.58 -5.64
C GLU A 29 10.09 -4.23 -5.37
N ARG A 30 9.92 -3.44 -6.41
CA ARG A 30 9.30 -2.12 -6.28
C ARG A 30 7.86 -2.15 -6.79
N VAL A 31 6.92 -1.85 -5.90
CA VAL A 31 5.50 -1.85 -6.27
C VAL A 31 4.91 -0.44 -6.16
N VAL A 32 3.73 -0.25 -6.74
CA VAL A 32 3.06 1.05 -6.70
C VAL A 32 1.55 0.88 -6.59
N LEU A 33 1.02 1.15 -5.41
CA LEU A 33 -0.41 1.04 -5.17
C LEU A 33 -1.15 2.28 -5.64
N THR A 34 -2.31 2.09 -6.24
CA THR A 34 -3.12 3.19 -6.73
C THR A 34 -4.43 3.33 -5.95
N CYS A 35 -4.55 4.42 -5.21
CA CYS A 35 -5.75 4.66 -4.41
C CYS A 35 -6.18 6.12 -4.51
N GLU A 36 -7.27 6.36 -5.24
CA GLU A 36 -7.79 7.71 -5.42
C GLU A 36 -8.90 8.01 -4.41
N LEU A 37 -9.12 9.29 -4.15
CA LEU A 37 -10.15 9.72 -3.22
C LEU A 37 -11.06 10.77 -3.84
N CYS A 38 -12.27 10.88 -3.31
CA CYS A 38 -13.24 11.84 -3.81
C CYS A 38 -13.03 13.22 -3.16
N ARG A 39 -11.92 13.36 -2.45
CA ARG A 39 -11.60 14.61 -1.78
C ARG A 39 -10.10 14.84 -1.73
N PRO A 40 -9.66 16.07 -2.04
CA PRO A 40 -8.25 16.45 -2.03
C PRO A 40 -7.66 16.47 -0.62
N TRP A 41 -8.38 17.11 0.30
CA TRP A 41 -7.92 17.20 1.68
C TRP A 41 -8.36 15.99 2.49
N ALA A 42 -8.45 14.84 1.81
CA ALA A 42 -8.86 13.59 2.47
C ALA A 42 -7.64 12.75 2.84
N GLU A 43 -7.45 12.54 4.13
CA GLU A 43 -6.33 11.75 4.62
C GLU A 43 -6.68 10.26 4.66
N VAL A 44 -5.69 9.41 4.45
CA VAL A 44 -5.90 7.97 4.46
C VAL A 44 -4.88 7.27 5.36
N ARG A 45 -5.20 6.05 5.78
CA ARG A 45 -4.31 5.29 6.64
C ARG A 45 -4.28 3.82 6.23
N TRP A 46 -3.09 3.33 5.90
CA TRP A 46 -2.93 1.94 5.48
C TRP A 46 -2.65 1.04 6.68
N THR A 47 -3.38 -0.07 6.75
CA THR A 47 -3.21 -1.02 7.86
C THR A 47 -2.86 -2.41 7.33
N LYS A 48 -1.81 -2.99 7.89
CA LYS A 48 -1.37 -4.33 7.47
C LYS A 48 -1.78 -5.37 8.50
N ASP A 49 -2.92 -6.02 8.27
CA ASP A 49 -3.41 -7.04 9.18
C ASP A 49 -3.92 -6.42 10.48
N GLY A 50 -4.57 -5.26 10.36
CA GLY A 50 -5.08 -4.58 11.54
C GLY A 50 -4.12 -3.54 12.07
N GLU A 51 -2.83 -3.79 11.91
CA GLU A 51 -1.81 -2.87 12.38
C GLU A 51 -1.63 -1.70 11.41
N GLU A 52 -1.38 -0.52 11.96
CA GLU A 52 -1.18 0.67 11.15
C GLU A 52 0.24 0.76 10.64
N VAL A 53 0.42 0.57 9.33
CA VAL A 53 1.73 0.63 8.72
C VAL A 53 2.47 1.91 9.11
N VAL A 54 3.75 1.79 9.43
CA VAL A 54 4.56 2.94 9.81
C VAL A 54 5.68 3.18 8.81
N GLU A 55 5.84 4.43 8.40
CA GLU A 55 6.89 4.79 7.44
C GLU A 55 8.20 4.08 7.77
N SER A 56 8.97 3.77 6.72
CA SER A 56 10.24 3.09 6.91
C SER A 56 11.02 3.04 5.59
N PRO A 57 12.29 2.65 5.67
CA PRO A 57 13.17 2.55 4.50
C PRO A 57 12.78 1.40 3.58
N ALA A 58 11.71 0.70 3.94
CA ALA A 58 11.23 -0.43 3.16
C ALA A 58 9.82 -0.19 2.64
N LEU A 59 9.16 0.84 3.19
CA LEU A 59 7.81 1.17 2.80
C LEU A 59 7.65 2.68 2.62
N LEU A 60 7.59 3.11 1.36
CA LEU A 60 7.44 4.53 1.04
C LEU A 60 5.98 4.88 0.76
N LEU A 61 5.47 5.88 1.46
CA LEU A 61 4.08 6.31 1.28
C LEU A 61 4.01 7.52 0.36
N GLN A 62 3.46 7.33 -0.84
CA GLN A 62 3.33 8.42 -1.80
C GLN A 62 1.98 9.09 -1.68
N LYS A 63 1.94 10.39 -1.95
CA LYS A 63 0.69 11.15 -1.88
C LYS A 63 0.59 12.15 -3.02
N GLU A 64 -0.45 12.00 -3.84
CA GLU A 64 -0.65 12.89 -4.98
C GLU A 64 -1.69 13.97 -4.65
N ASP A 65 -2.04 14.76 -5.65
CA ASP A 65 -3.01 15.83 -5.47
C ASP A 65 -4.27 15.31 -4.77
N THR A 66 -5.05 14.52 -5.49
CA THR A 66 -6.28 13.94 -4.94
C THR A 66 -6.20 12.42 -4.87
N VAL A 67 -5.06 11.87 -5.26
CA VAL A 67 -4.85 10.44 -5.24
C VAL A 67 -3.60 10.07 -4.45
N ARG A 68 -3.67 8.96 -3.71
CA ARG A 68 -2.54 8.50 -2.90
C ARG A 68 -1.97 7.22 -3.48
N ARG A 69 -0.70 6.96 -3.17
CA ARG A 69 -0.03 5.75 -3.65
C ARG A 69 1.00 5.26 -2.63
N LEU A 70 1.20 3.94 -2.59
CA LEU A 70 2.15 3.35 -1.66
C LEU A 70 3.21 2.55 -2.41
N VAL A 71 4.43 3.07 -2.43
CA VAL A 71 5.54 2.41 -3.11
C VAL A 71 6.48 1.75 -2.10
N LEU A 72 6.90 0.53 -2.43
CA LEU A 72 7.81 -0.21 -1.56
C LEU A 72 9.13 -0.50 -2.27
N PRO A 73 10.17 0.27 -1.92
CA PRO A 73 11.51 0.11 -2.51
C PRO A 73 12.19 -1.17 -2.06
N ALA A 74 11.59 -1.84 -1.08
CA ALA A 74 12.14 -3.09 -0.56
C ALA A 74 11.09 -3.87 0.22
N VAL A 75 10.59 -4.94 -0.39
CA VAL A 75 9.57 -5.77 0.24
C VAL A 75 10.19 -7.06 0.80
N GLN A 76 9.39 -7.80 1.56
CA GLN A 76 9.85 -9.05 2.15
C GLN A 76 8.78 -10.13 2.07
N LEU A 77 9.20 -11.37 1.85
CA LEU A 77 8.28 -12.49 1.75
C LEU A 77 7.26 -12.46 2.88
N GLU A 78 7.70 -12.05 4.07
CA GLU A 78 6.83 -11.98 5.23
C GLU A 78 5.78 -10.88 5.05
N ASP A 79 6.20 -9.76 4.45
CA ASP A 79 5.30 -8.64 4.21
C ASP A 79 4.06 -9.08 3.45
N SER A 80 4.26 -10.01 2.51
CA SER A 80 3.15 -10.51 1.69
C SER A 80 1.95 -10.86 2.56
N GLY A 81 0.86 -10.11 2.37
CA GLY A 81 -0.35 -10.36 3.14
C GLY A 81 -1.55 -9.64 2.57
N GLU A 82 -2.29 -8.95 3.44
CA GLU A 82 -3.47 -8.21 3.02
C GLU A 82 -3.34 -6.73 3.37
N TYR A 83 -3.12 -5.91 2.34
CA TYR A 83 -2.97 -4.47 2.54
C TYR A 83 -4.33 -3.77 2.46
N LEU A 84 -4.81 -3.31 3.61
CA LEU A 84 -6.09 -2.61 3.67
C LEU A 84 -5.90 -1.13 3.93
N CYS A 85 -6.39 -0.30 3.01
CA CYS A 85 -6.28 1.14 3.15
C CYS A 85 -7.58 1.75 3.65
N GLU A 86 -7.59 2.18 4.91
CA GLU A 86 -8.77 2.78 5.50
C GLU A 86 -8.65 4.30 5.56
N ILE A 87 -9.74 4.99 5.23
CA ILE A 87 -9.74 6.45 5.24
C ILE A 87 -10.60 6.98 6.38
N ASP A 88 -11.86 6.57 6.42
CA ASP A 88 -12.78 6.99 7.46
C ASP A 88 -13.57 5.81 8.01
N ASP A 89 -14.52 5.32 7.21
CA ASP A 89 -15.35 4.20 7.62
C ASP A 89 -15.18 3.02 6.66
N GLU A 90 -14.62 3.30 5.48
CA GLU A 90 -14.40 2.28 4.47
C GLU A 90 -12.92 1.94 4.35
N SER A 91 -12.62 0.87 3.62
CA SER A 91 -11.24 0.43 3.43
C SER A 91 -11.05 -0.19 2.05
N ALA A 92 -9.85 -0.05 1.50
CA ALA A 92 -9.54 -0.60 0.19
C ALA A 92 -8.71 -1.88 0.31
N SER A 93 -9.14 -2.92 -0.39
CA SER A 93 -8.43 -4.20 -0.36
C SER A 93 -7.30 -4.22 -1.38
N PHE A 94 -6.09 -4.53 -0.91
CA PHE A 94 -4.92 -4.58 -1.78
C PHE A 94 -4.10 -5.83 -1.51
N THR A 95 -4.26 -6.84 -2.36
CA THR A 95 -3.54 -8.10 -2.21
C THR A 95 -2.14 -7.99 -2.79
N VAL A 96 -1.14 -8.23 -1.94
CA VAL A 96 0.26 -8.15 -2.36
C VAL A 96 1.01 -9.41 -1.97
N THR A 97 1.19 -10.31 -2.93
CA THR A 97 1.89 -11.57 -2.69
C THR A 97 3.31 -11.52 -3.25
N VAL A 98 4.30 -11.64 -2.38
CA VAL A 98 5.69 -11.62 -2.79
C VAL A 98 6.26 -13.03 -2.90
N THR A 99 7.20 -13.21 -3.83
CA THR A 99 7.83 -14.51 -4.04
C THR A 99 9.32 -14.37 -4.30
N GLU A 100 10.00 -15.50 -4.48
CA GLU A 100 11.43 -15.50 -4.73
C GLU A 100 11.72 -15.23 -6.20
N PRO A 101 12.69 -14.34 -6.47
CA PRO A 101 13.09 -13.98 -7.83
C PRO A 101 13.79 -15.13 -8.55
N PRO A 102 13.92 -15.00 -9.88
CA PRO A 102 14.57 -16.01 -10.72
C PRO A 102 16.07 -16.07 -10.49
N VAL A 103 16.74 -16.96 -11.21
CA VAL A 103 18.19 -17.12 -11.08
C VAL A 103 18.90 -16.63 -12.34
N ARG A 104 19.91 -15.79 -12.15
CA ARG A 104 20.67 -15.25 -13.26
C ARG A 104 22.17 -15.34 -12.99
N ILE A 105 22.57 -14.95 -11.79
CA ILE A 105 23.97 -14.98 -11.40
C ILE A 105 24.33 -16.32 -10.76
N ILE A 106 25.19 -17.09 -11.43
CA ILE A 106 25.61 -18.38 -10.92
C ILE A 106 26.90 -18.25 -10.11
N TYR A 107 26.84 -18.67 -8.84
CA TYR A 107 27.99 -18.60 -7.96
C TYR A 107 28.29 -17.15 -7.55
N SER A 108 27.28 -16.48 -7.01
CA SER A 108 27.43 -15.10 -6.58
C SER A 108 28.77 -14.88 -5.87
N GLY A 109 28.98 -15.62 -4.78
CA GLY A 109 30.21 -15.50 -4.03
C GLY A 109 30.06 -15.93 -2.58
N PRO A 110 31.20 -16.09 -1.89
CA PRO A 110 31.21 -16.50 -0.48
C PRO A 110 30.68 -15.42 0.45
N SER A 111 29.37 -15.44 0.70
CA SER A 111 28.73 -14.45 1.56
C SER A 111 28.02 -15.14 2.72
N SER A 112 27.86 -14.40 3.82
CA SER A 112 27.19 -14.94 5.00
C SER A 112 26.21 -13.92 5.58
N GLY A 113 24.93 -14.29 5.62
CA GLY A 113 23.92 -13.40 6.14
C GLY A 113 22.57 -13.60 5.48
N GLY A 1 -10.85 20.76 21.82
CA GLY A 1 -10.41 19.39 22.05
C GLY A 1 -10.97 18.42 21.03
N SER A 2 -11.59 17.34 21.51
CA SER A 2 -12.17 16.34 20.63
C SER A 2 -13.61 16.67 20.30
N SER A 3 -14.22 15.86 19.45
CA SER A 3 -15.61 16.07 19.03
C SER A 3 -16.29 14.74 18.71
N GLY A 4 -17.61 14.71 18.85
CA GLY A 4 -18.35 13.49 18.57
C GLY A 4 -18.74 13.38 17.11
N SER A 5 -19.22 12.20 16.72
CA SER A 5 -19.62 11.97 15.33
C SER A 5 -21.04 11.40 15.27
N SER A 6 -21.71 11.63 14.14
CA SER A 6 -23.07 11.14 13.96
C SER A 6 -23.51 11.29 12.50
N GLY A 7 -23.85 10.18 11.87
CA GLY A 7 -24.28 10.21 10.49
C GLY A 7 -23.13 10.45 9.53
N THR A 8 -23.37 10.22 8.25
CA THR A 8 -22.36 10.42 7.23
C THR A 8 -22.77 11.51 6.23
N ASP A 9 -21.89 12.49 6.04
CA ASP A 9 -22.16 13.58 5.11
C ASP A 9 -21.11 13.64 4.00
N VAL A 10 -20.79 12.48 3.44
CA VAL A 10 -19.81 12.39 2.38
C VAL A 10 -19.97 11.09 1.58
N SER A 11 -19.69 11.17 0.28
CA SER A 11 -19.81 10.01 -0.58
C SER A 11 -18.70 9.00 -0.29
N SER A 12 -18.81 7.82 -0.91
CA SER A 12 -17.82 6.77 -0.71
C SER A 12 -16.40 7.34 -0.73
N TRP A 13 -15.80 7.44 0.45
CA TRP A 13 -14.45 7.97 0.58
C TRP A 13 -13.53 7.38 -0.49
N ILE A 14 -13.40 6.07 -0.49
CA ILE A 14 -12.54 5.38 -1.46
C ILE A 14 -13.19 5.38 -2.84
N VAL A 15 -12.90 6.40 -3.63
CA VAL A 15 -13.44 6.52 -4.98
C VAL A 15 -12.82 5.49 -5.91
N TYR A 16 -11.66 4.97 -5.53
CA TYR A 16 -10.96 3.98 -6.33
C TYR A 16 -9.78 3.39 -5.57
N PRO A 17 -9.50 2.10 -5.80
CA PRO A 17 -10.29 1.28 -6.74
C PRO A 17 -11.69 0.99 -6.22
N SER A 18 -12.56 0.51 -7.10
CA SER A 18 -13.94 0.20 -6.73
C SER A 18 -14.10 -1.30 -6.49
N GLY A 19 -13.41 -1.81 -5.48
CA GLY A 19 -13.49 -3.22 -5.16
C GLY A 19 -12.15 -3.81 -4.76
N LYS A 20 -11.97 -5.10 -5.01
CA LYS A 20 -10.73 -5.78 -4.68
C LYS A 20 -9.71 -5.66 -5.81
N VAL A 21 -8.43 -5.60 -5.46
CA VAL A 21 -7.37 -5.49 -6.45
C VAL A 21 -6.22 -6.44 -6.13
N TYR A 22 -5.74 -7.14 -7.15
CA TYR A 22 -4.64 -8.08 -6.98
C TYR A 22 -3.33 -7.51 -7.53
N VAL A 23 -2.24 -7.76 -6.82
CA VAL A 23 -0.93 -7.27 -7.23
C VAL A 23 0.16 -8.29 -6.92
N ALA A 24 0.98 -8.60 -7.91
CA ALA A 24 2.07 -9.55 -7.73
C ALA A 24 3.42 -8.85 -7.69
N ALA A 25 4.18 -9.10 -6.63
CA ALA A 25 5.49 -8.49 -6.47
C ALA A 25 6.57 -9.56 -6.24
N VAL A 26 7.82 -9.11 -6.15
CA VAL A 26 8.93 -10.02 -5.93
C VAL A 26 9.85 -9.52 -4.82
N ARG A 27 10.57 -10.44 -4.19
CA ARG A 27 11.47 -10.09 -3.10
C ARG A 27 12.29 -8.85 -3.46
N LEU A 28 12.12 -7.79 -2.67
CA LEU A 28 12.84 -6.54 -2.90
C LEU A 28 12.42 -5.91 -4.23
N GLU A 29 11.13 -5.99 -4.54
CA GLU A 29 10.61 -5.42 -5.78
C GLU A 29 9.99 -4.06 -5.53
N ARG A 30 9.86 -3.27 -6.60
CA ARG A 30 9.28 -1.93 -6.50
C ARG A 30 7.83 -1.93 -6.96
N VAL A 31 6.91 -1.87 -6.01
CA VAL A 31 5.49 -1.87 -6.33
C VAL A 31 4.91 -0.46 -6.19
N VAL A 32 3.74 -0.25 -6.79
CA VAL A 32 3.07 1.05 -6.74
C VAL A 32 1.56 0.88 -6.62
N LEU A 33 1.04 1.16 -5.44
CA LEU A 33 -0.40 1.05 -5.19
C LEU A 33 -1.12 2.33 -5.59
N THR A 34 -2.34 2.19 -6.12
CA THR A 34 -3.13 3.34 -6.54
C THR A 34 -4.42 3.44 -5.73
N CYS A 35 -4.61 4.58 -5.08
CA CYS A 35 -5.80 4.80 -4.27
C CYS A 35 -6.28 6.25 -4.40
N GLU A 36 -7.37 6.43 -5.13
CA GLU A 36 -7.94 7.77 -5.33
C GLU A 36 -9.05 8.04 -4.32
N LEU A 37 -9.25 9.33 -4.02
CA LEU A 37 -10.28 9.73 -3.07
C LEU A 37 -11.22 10.75 -3.70
N CYS A 38 -12.44 10.84 -3.16
CA CYS A 38 -13.43 11.78 -3.67
C CYS A 38 -13.05 13.21 -3.31
N ARG A 39 -12.16 13.36 -2.32
CA ARG A 39 -11.72 14.67 -1.88
C ARG A 39 -10.19 14.73 -1.81
N PRO A 40 -9.63 15.90 -2.15
CA PRO A 40 -8.18 16.13 -2.13
C PRO A 40 -7.62 16.14 -0.72
N TRP A 41 -8.25 16.93 0.16
CA TRP A 41 -7.81 17.04 1.55
C TRP A 41 -8.35 15.88 2.38
N ALA A 42 -8.41 14.70 1.78
CA ALA A 42 -8.91 13.52 2.48
C ALA A 42 -7.76 12.71 3.06
N GLU A 43 -7.68 12.66 4.39
CA GLU A 43 -6.64 11.91 5.08
C GLU A 43 -6.97 10.43 5.13
N VAL A 44 -5.99 9.59 4.81
CA VAL A 44 -6.17 8.15 4.83
C VAL A 44 -5.08 7.45 5.64
N ARG A 45 -5.22 6.15 5.84
CA ARG A 45 -4.26 5.38 6.60
C ARG A 45 -4.23 3.92 6.13
N TRP A 46 -3.04 3.41 5.90
CA TRP A 46 -2.87 2.03 5.45
C TRP A 46 -2.65 1.09 6.63
N THR A 47 -3.40 -0.01 6.66
CA THR A 47 -3.30 -0.99 7.73
C THR A 47 -2.94 -2.37 7.18
N LYS A 48 -2.00 -3.03 7.83
CA LYS A 48 -1.57 -4.36 7.41
C LYS A 48 -1.95 -5.41 8.45
N ASP A 49 -3.09 -6.06 8.24
CA ASP A 49 -3.56 -7.08 9.15
C ASP A 49 -4.13 -6.46 10.42
N GLY A 50 -4.68 -5.26 10.29
CA GLY A 50 -5.24 -4.56 11.44
C GLY A 50 -4.32 -3.49 11.99
N GLU A 51 -3.01 -3.74 11.90
CA GLU A 51 -2.03 -2.78 12.40
C GLU A 51 -1.81 -1.65 11.39
N GLU A 52 -1.44 -0.48 11.90
CA GLU A 52 -1.21 0.68 11.05
C GLU A 52 0.26 0.76 10.62
N VAL A 53 0.51 0.55 9.34
CA VAL A 53 1.87 0.60 8.80
C VAL A 53 2.56 1.90 9.18
N VAL A 54 3.85 1.80 9.49
CA VAL A 54 4.63 2.97 9.88
C VAL A 54 5.76 3.23 8.89
N GLU A 55 5.92 4.48 8.49
CA GLU A 55 6.96 4.86 7.54
C GLU A 55 8.28 4.16 7.88
N SER A 56 9.07 3.86 6.85
CA SER A 56 10.35 3.19 7.03
C SER A 56 11.13 3.13 5.72
N PRO A 57 12.41 2.75 5.81
CA PRO A 57 13.29 2.64 4.64
C PRO A 57 12.90 1.47 3.74
N ALA A 58 11.83 0.78 4.11
CA ALA A 58 11.36 -0.37 3.32
C ALA A 58 9.95 -0.13 2.80
N LEU A 59 9.28 0.89 3.35
CA LEU A 59 7.92 1.22 2.94
C LEU A 59 7.76 2.73 2.75
N LEU A 60 7.74 3.15 1.48
CA LEU A 60 7.58 4.57 1.16
C LEU A 60 6.13 4.91 0.88
N LEU A 61 5.63 5.95 1.55
CA LEU A 61 4.26 6.39 1.36
C LEU A 61 4.18 7.61 0.46
N GLN A 62 3.68 7.41 -0.76
CA GLN A 62 3.55 8.50 -1.72
C GLN A 62 2.17 9.13 -1.65
N LYS A 63 2.08 10.40 -2.04
CA LYS A 63 0.81 11.12 -2.02
C LYS A 63 0.67 12.01 -3.25
N GLU A 64 -0.32 11.71 -4.08
CA GLU A 64 -0.55 12.49 -5.30
C GLU A 64 -1.57 13.60 -5.04
N ASP A 65 -1.90 14.35 -6.09
CA ASP A 65 -2.86 15.44 -5.98
C ASP A 65 -4.08 15.01 -5.17
N THR A 66 -4.76 13.97 -5.63
CA THR A 66 -5.95 13.46 -4.95
C THR A 66 -5.92 11.95 -4.85
N VAL A 67 -4.81 11.35 -5.27
CA VAL A 67 -4.66 9.90 -5.23
C VAL A 67 -3.37 9.51 -4.50
N ARG A 68 -3.53 8.77 -3.41
CA ARG A 68 -2.39 8.33 -2.62
C ARG A 68 -1.76 7.07 -3.23
N ARG A 69 -0.44 6.98 -3.15
CA ARG A 69 0.29 5.84 -3.68
C ARG A 69 1.28 5.29 -2.67
N LEU A 70 1.39 3.97 -2.61
CA LEU A 70 2.31 3.31 -1.68
C LEU A 70 3.40 2.56 -2.43
N VAL A 71 4.57 3.17 -2.52
CA VAL A 71 5.71 2.57 -3.21
C VAL A 71 6.65 1.90 -2.21
N LEU A 72 7.12 0.71 -2.56
CA LEU A 72 8.03 -0.04 -1.69
C LEU A 72 9.35 -0.31 -2.41
N PRO A 73 10.42 0.39 -1.99
CA PRO A 73 11.76 0.23 -2.58
C PRO A 73 12.38 -1.11 -2.23
N ALA A 74 11.76 -1.84 -1.32
CA ALA A 74 12.26 -3.15 -0.90
C ALA A 74 11.19 -3.91 -0.13
N VAL A 75 10.61 -4.93 -0.77
CA VAL A 75 9.58 -5.75 -0.14
C VAL A 75 10.16 -7.07 0.35
N GLN A 76 9.33 -7.85 1.05
CA GLN A 76 9.76 -9.14 1.57
C GLN A 76 8.63 -10.16 1.48
N LEU A 77 8.98 -11.41 1.24
CA LEU A 77 8.00 -12.48 1.14
C LEU A 77 7.01 -12.43 2.29
N GLU A 78 7.50 -12.06 3.47
CA GLU A 78 6.65 -11.97 4.65
C GLU A 78 5.66 -10.82 4.52
N ASP A 79 6.12 -9.72 3.93
CA ASP A 79 5.28 -8.54 3.75
C ASP A 79 4.01 -8.89 2.98
N SER A 80 4.12 -9.86 2.07
CA SER A 80 2.98 -10.29 1.26
C SER A 80 1.83 -10.75 2.16
N GLY A 81 0.72 -10.01 2.10
CA GLY A 81 -0.43 -10.35 2.91
C GLY A 81 -1.69 -9.68 2.43
N GLU A 82 -2.29 -8.84 3.29
CA GLU A 82 -3.51 -8.14 2.93
C GLU A 82 -3.40 -6.65 3.29
N TYR A 83 -3.12 -5.82 2.29
CA TYR A 83 -2.98 -4.39 2.50
C TYR A 83 -4.35 -3.70 2.44
N LEU A 84 -4.84 -3.28 3.60
CA LEU A 84 -6.13 -2.61 3.67
C LEU A 84 -5.95 -1.12 3.96
N CYS A 85 -6.36 -0.28 3.01
CA CYS A 85 -6.25 1.16 3.16
C CYS A 85 -7.54 1.76 3.70
N GLU A 86 -7.53 2.17 4.97
CA GLU A 86 -8.69 2.75 5.59
C GLU A 86 -8.59 4.27 5.65
N ILE A 87 -9.70 4.95 5.41
CA ILE A 87 -9.74 6.41 5.43
C ILE A 87 -10.57 6.92 6.60
N ASP A 88 -11.84 6.57 6.61
CA ASP A 88 -12.74 6.99 7.68
C ASP A 88 -13.61 5.82 8.16
N ASP A 89 -14.56 5.41 7.33
CA ASP A 89 -15.45 4.32 7.68
C ASP A 89 -15.33 3.18 6.66
N GLU A 90 -14.62 3.45 5.57
CA GLU A 90 -14.43 2.45 4.52
C GLU A 90 -12.96 2.01 4.45
N SER A 91 -12.71 0.94 3.71
CA SER A 91 -11.36 0.41 3.55
C SER A 91 -11.17 -0.20 2.17
N ALA A 92 -9.98 -0.02 1.62
CA ALA A 92 -9.66 -0.56 0.31
C ALA A 92 -8.78 -1.80 0.41
N SER A 93 -9.20 -2.88 -0.24
CA SER A 93 -8.46 -4.14 -0.22
C SER A 93 -7.38 -4.15 -1.29
N PHE A 94 -6.14 -4.39 -0.88
CA PHE A 94 -5.01 -4.43 -1.80
C PHE A 94 -4.17 -5.68 -1.58
N THR A 95 -4.38 -6.69 -2.42
CA THR A 95 -3.64 -7.94 -2.32
C THR A 95 -2.25 -7.82 -2.95
N VAL A 96 -1.22 -8.13 -2.17
CA VAL A 96 0.15 -8.05 -2.65
C VAL A 96 0.91 -9.34 -2.37
N THR A 97 0.89 -10.24 -3.35
CA THR A 97 1.56 -11.53 -3.20
C THR A 97 2.99 -11.45 -3.73
N VAL A 98 3.95 -11.78 -2.87
CA VAL A 98 5.36 -11.75 -3.25
C VAL A 98 5.91 -13.15 -3.46
N THR A 99 6.78 -13.30 -4.45
CA THR A 99 7.38 -14.60 -4.74
C THR A 99 8.89 -14.49 -4.93
N GLU A 100 9.55 -15.62 -5.07
CA GLU A 100 11.00 -15.65 -5.25
C GLU A 100 11.37 -15.22 -6.67
N PRO A 101 12.36 -14.31 -6.77
CA PRO A 101 12.84 -13.80 -8.05
C PRO A 101 13.60 -14.85 -8.85
N PRO A 102 13.76 -14.61 -10.16
CA PRO A 102 14.47 -15.52 -11.06
C PRO A 102 15.96 -15.57 -10.78
N VAL A 103 16.69 -16.37 -11.57
CA VAL A 103 18.13 -16.50 -11.41
C VAL A 103 18.87 -15.69 -12.47
N ARG A 104 19.88 -14.95 -12.04
CA ARG A 104 20.68 -14.14 -12.95
C ARG A 104 22.14 -14.57 -12.93
N ILE A 105 22.76 -14.51 -11.76
CA ILE A 105 24.15 -14.90 -11.61
C ILE A 105 24.31 -16.41 -11.60
N ILE A 106 24.35 -17.01 -12.78
CA ILE A 106 24.49 -18.46 -12.90
C ILE A 106 25.88 -18.91 -12.44
N TYR A 107 26.91 -18.18 -12.87
CA TYR A 107 28.28 -18.51 -12.50
C TYR A 107 28.34 -19.08 -11.09
N SER A 108 27.61 -18.45 -10.17
CA SER A 108 27.59 -18.89 -8.78
C SER A 108 26.16 -19.23 -8.35
N GLY A 109 26.05 -20.14 -7.38
CA GLY A 109 24.74 -20.55 -6.89
C GLY A 109 24.58 -20.30 -5.41
N PRO A 110 23.33 -20.08 -4.98
CA PRO A 110 23.01 -19.83 -3.57
C PRO A 110 23.20 -21.06 -2.70
N SER A 111 24.08 -20.94 -1.70
CA SER A 111 24.35 -22.05 -0.80
C SER A 111 23.06 -22.69 -0.30
N SER A 112 23.08 -24.01 -0.12
CA SER A 112 21.90 -24.73 0.34
C SER A 112 21.27 -24.04 1.54
N GLY A 113 22.09 -23.76 2.56
CA GLY A 113 21.59 -23.11 3.75
C GLY A 113 22.69 -22.84 4.76
N GLY A 1 -13.19 14.33 12.68
CA GLY A 1 -13.70 15.31 11.74
C GLY A 1 -15.22 15.35 11.72
N SER A 2 -15.84 14.33 11.14
CA SER A 2 -17.28 14.25 11.05
C SER A 2 -17.94 14.61 12.37
N SER A 3 -18.84 15.59 12.34
CA SER A 3 -19.53 16.04 13.54
C SER A 3 -20.24 14.87 14.23
N GLY A 4 -20.76 15.13 15.43
CA GLY A 4 -21.45 14.09 16.17
C GLY A 4 -22.89 13.93 15.73
N SER A 5 -23.79 14.71 16.33
CA SER A 5 -25.20 14.64 15.99
C SER A 5 -25.40 14.41 14.50
N SER A 6 -24.81 15.27 13.69
CA SER A 6 -24.92 15.16 12.23
C SER A 6 -24.03 16.19 11.54
N GLY A 7 -23.39 15.77 10.45
CA GLY A 7 -22.52 16.66 9.71
C GLY A 7 -22.35 16.23 8.26
N THR A 8 -21.11 16.31 7.78
CA THR A 8 -20.81 15.94 6.40
C THR A 8 -20.46 14.45 6.29
N ASP A 9 -21.46 13.63 6.01
CA ASP A 9 -21.25 12.19 5.89
C ASP A 9 -21.38 11.75 4.44
N VAL A 10 -20.25 11.41 3.83
CA VAL A 10 -20.24 10.96 2.44
C VAL A 10 -20.71 9.52 2.31
N SER A 11 -20.85 9.05 1.08
CA SER A 11 -21.29 7.68 0.82
C SER A 11 -20.10 6.71 0.83
N SER A 12 -19.09 7.02 0.03
CA SER A 12 -17.91 6.19 -0.07
C SER A 12 -16.65 7.03 -0.24
N TRP A 13 -15.77 6.98 0.74
CA TRP A 13 -14.53 7.73 0.70
C TRP A 13 -13.61 7.24 -0.41
N ILE A 14 -13.36 5.94 -0.43
CA ILE A 14 -12.50 5.34 -1.44
C ILE A 14 -13.20 5.31 -2.80
N VAL A 15 -12.82 6.24 -3.67
CA VAL A 15 -13.40 6.32 -5.00
C VAL A 15 -12.79 5.29 -5.94
N TYR A 16 -11.54 4.93 -5.68
CA TYR A 16 -10.84 3.96 -6.50
C TYR A 16 -9.64 3.37 -5.75
N PRO A 17 -9.36 2.09 -6.01
CA PRO A 17 -10.13 1.28 -6.96
C PRO A 17 -11.53 0.96 -6.44
N SER A 18 -12.40 0.51 -7.35
CA SER A 18 -13.77 0.17 -6.98
C SER A 18 -13.94 -1.33 -6.82
N GLY A 19 -13.22 -1.90 -5.85
CA GLY A 19 -13.31 -3.33 -5.61
C GLY A 19 -11.99 -3.92 -5.13
N LYS A 20 -11.78 -5.20 -5.40
CA LYS A 20 -10.55 -5.88 -5.00
C LYS A 20 -9.49 -5.79 -6.09
N VAL A 21 -8.24 -5.65 -5.69
CA VAL A 21 -7.14 -5.56 -6.64
C VAL A 21 -6.01 -6.53 -6.26
N TYR A 22 -5.58 -7.32 -7.24
CA TYR A 22 -4.51 -8.29 -7.01
C TYR A 22 -3.18 -7.76 -7.54
N VAL A 23 -2.13 -7.92 -6.73
CA VAL A 23 -0.80 -7.46 -7.11
C VAL A 23 0.27 -8.47 -6.70
N ALA A 24 1.16 -8.78 -7.63
CA ALA A 24 2.24 -9.73 -7.37
C ALA A 24 3.59 -9.03 -7.30
N ALA A 25 4.31 -9.27 -6.20
CA ALA A 25 5.62 -8.66 -6.01
C ALA A 25 6.70 -9.72 -5.79
N VAL A 26 7.94 -9.27 -5.66
CA VAL A 26 9.05 -10.19 -5.44
C VAL A 26 10.02 -9.63 -4.39
N ARG A 27 10.80 -10.52 -3.78
CA ARG A 27 11.77 -10.11 -2.76
C ARG A 27 12.51 -8.85 -3.19
N LEU A 28 12.25 -7.76 -2.48
CA LEU A 28 12.89 -6.48 -2.79
C LEU A 28 12.41 -5.94 -4.13
N GLU A 29 11.10 -5.99 -4.35
CA GLU A 29 10.52 -5.50 -5.60
C GLU A 29 9.92 -4.11 -5.41
N ARG A 30 9.73 -3.39 -6.52
CA ARG A 30 9.17 -2.05 -6.47
C ARG A 30 7.70 -2.06 -6.89
N VAL A 31 6.82 -1.99 -5.90
CA VAL A 31 5.38 -2.00 -6.16
C VAL A 31 4.81 -0.58 -6.09
N VAL A 32 3.66 -0.38 -6.73
CA VAL A 32 3.01 0.92 -6.75
C VAL A 32 1.50 0.78 -6.61
N LEU A 33 0.98 1.10 -5.43
CA LEU A 33 -0.45 1.01 -5.17
C LEU A 33 -1.15 2.32 -5.52
N THR A 34 -2.25 2.22 -6.25
CA THR A 34 -3.01 3.39 -6.66
C THR A 34 -4.32 3.49 -5.88
N CYS A 35 -4.49 4.57 -5.13
CA CYS A 35 -5.71 4.77 -4.35
C CYS A 35 -6.18 6.22 -4.45
N GLU A 36 -7.28 6.43 -5.16
CA GLU A 36 -7.83 7.77 -5.33
C GLU A 36 -8.94 8.04 -4.31
N LEU A 37 -9.25 9.32 -4.11
CA LEU A 37 -10.28 9.71 -3.16
C LEU A 37 -11.21 10.75 -3.77
N CYS A 38 -12.44 10.80 -3.26
CA CYS A 38 -13.42 11.76 -3.77
C CYS A 38 -13.19 13.15 -3.17
N ARG A 39 -12.13 13.27 -2.38
CA ARG A 39 -11.79 14.54 -1.74
C ARG A 39 -10.28 14.74 -1.71
N PRO A 40 -9.84 15.97 -2.00
CA PRO A 40 -8.42 16.33 -2.01
C PRO A 40 -7.82 16.34 -0.61
N TRP A 41 -8.47 17.03 0.30
CA TRP A 41 -8.00 17.13 1.69
C TRP A 41 -8.47 15.92 2.50
N ALA A 42 -8.60 14.78 1.84
CA ALA A 42 -9.03 13.56 2.50
C ALA A 42 -7.84 12.75 2.99
N GLU A 43 -7.71 12.62 4.30
CA GLU A 43 -6.61 11.88 4.90
C GLU A 43 -6.90 10.38 4.88
N VAL A 44 -5.88 9.59 4.55
CA VAL A 44 -6.02 8.15 4.50
C VAL A 44 -5.02 7.46 5.42
N ARG A 45 -5.23 6.16 5.66
CA ARG A 45 -4.35 5.40 6.52
C ARG A 45 -4.31 3.92 6.10
N TRP A 46 -3.11 3.40 5.87
CA TRP A 46 -2.95 2.01 5.47
C TRP A 46 -2.73 1.12 6.68
N THR A 47 -3.32 -0.08 6.63
CA THR A 47 -3.19 -1.04 7.72
C THR A 47 -2.93 -2.44 7.20
N LYS A 48 -1.92 -3.09 7.76
CA LYS A 48 -1.55 -4.45 7.35
C LYS A 48 -1.97 -5.46 8.41
N ASP A 49 -3.09 -6.13 8.17
CA ASP A 49 -3.60 -7.14 9.10
C ASP A 49 -4.20 -6.48 10.33
N GLY A 50 -4.64 -5.23 10.17
CA GLY A 50 -5.24 -4.51 11.28
C GLY A 50 -4.32 -3.45 11.84
N GLU A 51 -3.01 -3.72 11.81
CA GLU A 51 -2.03 -2.76 12.31
C GLU A 51 -1.73 -1.68 11.28
N GLU A 52 -1.45 -0.48 11.76
CA GLU A 52 -1.15 0.64 10.88
C GLU A 52 0.31 0.62 10.45
N VAL A 53 0.53 0.64 9.13
CA VAL A 53 1.88 0.61 8.59
C VAL A 53 2.64 1.89 8.96
N VAL A 54 3.90 1.72 9.38
CA VAL A 54 4.73 2.85 9.76
C VAL A 54 5.85 3.07 8.75
N GLU A 55 6.15 4.34 8.47
CA GLU A 55 7.20 4.69 7.52
C GLU A 55 8.47 3.90 7.81
N SER A 56 9.23 3.62 6.75
CA SER A 56 10.48 2.87 6.89
C SER A 56 11.24 2.86 5.58
N PRO A 57 12.53 2.44 5.65
CA PRO A 57 13.40 2.38 4.47
C PRO A 57 12.99 1.27 3.51
N ALA A 58 11.88 0.61 3.81
CA ALA A 58 11.38 -0.47 2.97
C ALA A 58 9.95 -0.20 2.53
N LEU A 59 9.37 0.89 3.03
CA LEU A 59 8.00 1.26 2.68
C LEU A 59 7.86 2.77 2.58
N LEU A 60 7.78 3.27 1.34
CA LEU A 60 7.63 4.70 1.10
C LEU A 60 6.18 5.06 0.81
N LEU A 61 5.66 6.02 1.57
CA LEU A 61 4.28 6.46 1.40
C LEU A 61 4.22 7.69 0.49
N GLN A 62 3.62 7.51 -0.69
CA GLN A 62 3.49 8.60 -1.65
C GLN A 62 2.09 9.18 -1.63
N LYS A 63 1.97 10.47 -1.95
CA LYS A 63 0.68 11.14 -1.97
C LYS A 63 0.57 12.08 -3.17
N GLU A 64 -0.41 11.82 -4.02
CA GLU A 64 -0.63 12.65 -5.21
C GLU A 64 -1.65 13.74 -4.93
N ASP A 65 -1.92 14.57 -5.95
CA ASP A 65 -2.89 15.66 -5.81
C ASP A 65 -4.09 15.21 -4.99
N THR A 66 -4.85 14.26 -5.52
CA THR A 66 -6.04 13.76 -4.83
C THR A 66 -6.01 12.23 -4.74
N VAL A 67 -4.91 11.64 -5.20
CA VAL A 67 -4.76 10.19 -5.17
C VAL A 67 -3.49 9.79 -4.44
N ARG A 68 -3.63 8.96 -3.41
CA ARG A 68 -2.49 8.50 -2.63
C ARG A 68 -1.87 7.25 -3.25
N ARG A 69 -0.57 7.10 -3.09
CA ARG A 69 0.15 5.95 -3.64
C ARG A 69 1.17 5.41 -2.64
N LEU A 70 1.30 4.09 -2.60
CA LEU A 70 2.25 3.45 -1.68
C LEU A 70 3.34 2.73 -2.45
N VAL A 71 4.54 3.30 -2.44
CA VAL A 71 5.68 2.70 -3.13
C VAL A 71 6.64 2.03 -2.15
N LEU A 72 7.11 0.85 -2.52
CA LEU A 72 8.04 0.10 -1.67
C LEU A 72 9.33 -0.22 -2.41
N PRO A 73 10.40 0.51 -2.06
CA PRO A 73 11.72 0.34 -2.68
C PRO A 73 12.36 -0.99 -2.30
N ALA A 74 11.83 -1.63 -1.27
CA ALA A 74 12.34 -2.91 -0.80
C ALA A 74 11.31 -3.65 0.04
N VAL A 75 10.72 -4.69 -0.53
CA VAL A 75 9.71 -5.49 0.16
C VAL A 75 10.30 -6.79 0.67
N GLN A 76 9.47 -7.58 1.35
CA GLN A 76 9.91 -8.86 1.88
C GLN A 76 8.76 -9.87 1.91
N LEU A 77 9.09 -11.15 1.90
CA LEU A 77 8.09 -12.21 1.93
C LEU A 77 7.14 -12.03 3.10
N GLU A 78 7.65 -11.44 4.18
CA GLU A 78 6.84 -11.20 5.38
C GLU A 78 5.96 -9.98 5.20
N ASP A 79 6.38 -9.07 4.33
CA ASP A 79 5.63 -7.84 4.08
C ASP A 79 4.46 -8.12 3.14
N SER A 80 4.24 -9.39 2.83
CA SER A 80 3.15 -9.79 1.94
C SER A 80 1.92 -10.21 2.75
N GLY A 81 0.75 -10.08 2.14
CA GLY A 81 -0.48 -10.45 2.82
C GLY A 81 -1.69 -9.72 2.28
N GLU A 82 -2.33 -8.93 3.13
CA GLU A 82 -3.51 -8.16 2.73
C GLU A 82 -3.37 -6.69 3.12
N TYR A 83 -3.12 -5.85 2.12
CA TYR A 83 -2.96 -4.42 2.37
C TYR A 83 -4.31 -3.70 2.32
N LEU A 84 -4.80 -3.30 3.48
CA LEU A 84 -6.07 -2.60 3.58
C LEU A 84 -5.86 -1.11 3.83
N CYS A 85 -6.41 -0.29 2.94
CA CYS A 85 -6.29 1.16 3.07
C CYS A 85 -7.56 1.77 3.63
N GLU A 86 -7.50 2.21 4.89
CA GLU A 86 -8.65 2.80 5.55
C GLU A 86 -8.53 4.33 5.57
N ILE A 87 -9.63 5.01 5.24
CA ILE A 87 -9.64 6.46 5.22
C ILE A 87 -10.49 7.01 6.37
N ASP A 88 -11.76 6.63 6.40
CA ASP A 88 -12.67 7.08 7.44
C ASP A 88 -13.50 5.92 7.98
N ASP A 89 -14.44 5.45 7.18
CA ASP A 89 -15.30 4.35 7.58
C ASP A 89 -15.13 3.15 6.64
N GLU A 90 -14.69 3.43 5.42
CA GLU A 90 -14.48 2.39 4.42
C GLU A 90 -13.00 2.03 4.30
N SER A 91 -12.71 0.96 3.59
CA SER A 91 -11.34 0.50 3.39
C SER A 91 -11.15 -0.09 2.01
N ALA A 92 -9.92 0.01 1.48
CA ALA A 92 -9.61 -0.51 0.16
C ALA A 92 -8.83 -1.82 0.27
N SER A 93 -9.19 -2.79 -0.56
CA SER A 93 -8.53 -4.09 -0.56
C SER A 93 -7.39 -4.12 -1.57
N PHE A 94 -6.19 -4.42 -1.10
CA PHE A 94 -5.02 -4.47 -1.95
C PHE A 94 -4.18 -5.72 -1.65
N THR A 95 -4.34 -6.74 -2.48
CA THR A 95 -3.60 -7.98 -2.31
C THR A 95 -2.19 -7.89 -2.88
N VAL A 96 -1.20 -8.09 -2.04
CA VAL A 96 0.20 -8.01 -2.47
C VAL A 96 0.96 -9.25 -2.03
N THR A 97 1.05 -10.24 -2.92
CA THR A 97 1.76 -11.48 -2.63
C THR A 97 3.21 -11.39 -3.08
N VAL A 98 4.12 -11.61 -2.13
CA VAL A 98 5.55 -11.57 -2.43
C VAL A 98 6.15 -12.97 -2.49
N THR A 99 7.08 -13.16 -3.41
CA THR A 99 7.74 -14.47 -3.58
C THR A 99 9.22 -14.30 -3.88
N GLU A 100 9.94 -15.42 -3.92
CA GLU A 100 11.37 -15.40 -4.19
C GLU A 100 11.64 -15.17 -5.67
N PRO A 101 12.58 -14.27 -5.97
CA PRO A 101 12.95 -13.94 -7.36
C PRO A 101 13.68 -15.08 -8.04
N PRO A 102 13.75 -15.03 -9.38
CA PRO A 102 14.41 -16.04 -10.19
C PRO A 102 15.93 -16.02 -10.02
N VAL A 103 16.60 -17.00 -10.62
CA VAL A 103 18.05 -17.08 -10.53
C VAL A 103 18.72 -16.21 -11.59
N ARG A 104 19.70 -15.42 -11.17
CA ARG A 104 20.42 -14.54 -12.08
C ARG A 104 21.92 -14.62 -11.85
N ILE A 105 22.38 -14.01 -10.77
CA ILE A 105 23.81 -14.02 -10.44
C ILE A 105 24.07 -14.77 -9.14
N ILE A 106 23.50 -15.96 -9.03
CA ILE A 106 23.67 -16.78 -7.83
C ILE A 106 25.14 -17.00 -7.52
N TYR A 107 25.44 -17.35 -6.27
CA TYR A 107 26.80 -17.60 -5.85
C TYR A 107 26.97 -18.99 -5.27
N SER A 108 26.08 -19.36 -4.35
CA SER A 108 26.12 -20.67 -3.72
C SER A 108 27.56 -21.08 -3.41
N GLY A 109 28.34 -20.12 -2.92
CA GLY A 109 29.73 -20.40 -2.59
C GLY A 109 30.03 -20.20 -1.12
N PRO A 110 30.66 -19.07 -0.78
CA PRO A 110 31.01 -18.74 0.61
C PRO A 110 29.78 -18.42 1.46
N SER A 111 29.95 -18.52 2.77
CA SER A 111 28.86 -18.24 3.70
C SER A 111 27.54 -18.78 3.16
N SER A 112 27.58 -19.99 2.62
CA SER A 112 26.39 -20.62 2.05
C SER A 112 25.34 -20.84 3.13
N GLY A 113 25.77 -21.36 4.28
CA GLY A 113 24.85 -21.61 5.38
C GLY A 113 23.50 -22.09 4.89
N GLY A 1 -12.36 19.84 25.81
CA GLY A 1 -12.76 20.20 24.46
C GLY A 1 -12.82 19.02 23.53
N SER A 2 -13.10 19.29 22.26
CA SER A 2 -13.19 18.23 21.26
C SER A 2 -12.93 18.77 19.86
N SER A 3 -12.58 17.88 18.94
CA SER A 3 -12.29 18.28 17.57
C SER A 3 -12.57 17.13 16.60
N GLY A 4 -12.55 17.44 15.31
CA GLY A 4 -12.82 16.42 14.30
C GLY A 4 -13.78 16.89 13.23
N SER A 5 -13.24 17.33 12.09
CA SER A 5 -14.06 17.80 10.99
C SER A 5 -15.32 16.96 10.84
N SER A 6 -16.47 17.63 10.82
CA SER A 6 -17.75 16.94 10.69
C SER A 6 -18.63 17.62 9.64
N GLY A 7 -19.54 16.84 9.05
CA GLY A 7 -20.42 17.39 8.03
C GLY A 7 -19.80 17.34 6.64
N THR A 8 -20.17 16.33 5.87
CA THR A 8 -19.65 16.17 4.51
C THR A 8 -20.47 15.14 3.73
N ASP A 9 -21.14 15.62 2.69
CA ASP A 9 -21.96 14.74 1.85
C ASP A 9 -21.08 13.76 1.07
N VAL A 10 -21.09 12.50 1.51
CA VAL A 10 -20.29 11.47 0.86
C VAL A 10 -20.81 10.08 1.20
N SER A 11 -20.65 9.15 0.26
CA SER A 11 -21.11 7.78 0.46
C SER A 11 -19.93 6.83 0.66
N SER A 12 -19.00 6.85 -0.29
CA SER A 12 -17.82 5.99 -0.24
C SER A 12 -16.55 6.81 -0.43
N TRP A 13 -15.82 7.03 0.66
CA TRP A 13 -14.58 7.81 0.60
C TRP A 13 -13.67 7.27 -0.50
N ILE A 14 -13.34 5.98 -0.42
CA ILE A 14 -12.47 5.36 -1.41
C ILE A 14 -13.14 5.31 -2.78
N VAL A 15 -12.85 6.32 -3.61
CA VAL A 15 -13.43 6.40 -4.94
C VAL A 15 -12.84 5.32 -5.86
N TYR A 16 -11.57 4.99 -5.63
CA TYR A 16 -10.89 3.99 -6.44
C TYR A 16 -9.71 3.40 -5.67
N PRO A 17 -9.45 2.10 -5.91
CA PRO A 17 -10.25 1.28 -6.82
C PRO A 17 -11.66 1.01 -6.29
N SER A 18 -12.50 0.42 -7.13
CA SER A 18 -13.87 0.12 -6.74
C SER A 18 -14.04 -1.37 -6.47
N GLY A 19 -13.34 -1.86 -5.45
CA GLY A 19 -13.42 -3.27 -5.10
C GLY A 19 -12.08 -3.85 -4.69
N LYS A 20 -11.90 -5.14 -4.92
CA LYS A 20 -10.65 -5.81 -4.58
C LYS A 20 -9.66 -5.75 -5.73
N VAL A 21 -8.38 -5.66 -5.39
CA VAL A 21 -7.32 -5.58 -6.41
C VAL A 21 -6.17 -6.53 -6.06
N TYR A 22 -5.64 -7.20 -7.08
CA TYR A 22 -4.53 -8.13 -6.88
C TYR A 22 -3.23 -7.55 -7.44
N VAL A 23 -2.14 -7.75 -6.70
CA VAL A 23 -0.84 -7.24 -7.12
C VAL A 23 0.27 -8.24 -6.78
N ALA A 24 1.12 -8.53 -7.76
CA ALA A 24 2.22 -9.46 -7.56
C ALA A 24 3.55 -8.73 -7.42
N ALA A 25 4.38 -9.18 -6.49
CA ALA A 25 5.68 -8.57 -6.25
C ALA A 25 6.77 -9.62 -6.08
N VAL A 26 8.00 -9.17 -5.91
CA VAL A 26 9.13 -10.08 -5.73
C VAL A 26 10.08 -9.57 -4.66
N ARG A 27 10.90 -10.46 -4.12
CA ARG A 27 11.85 -10.10 -3.08
C ARG A 27 12.59 -8.82 -3.45
N LEU A 28 12.32 -7.75 -2.70
CA LEU A 28 12.97 -6.47 -2.93
C LEU A 28 12.49 -5.87 -4.26
N GLU A 29 11.18 -5.93 -4.49
CA GLU A 29 10.60 -5.38 -5.72
C GLU A 29 9.99 -4.00 -5.46
N ARG A 30 9.76 -3.26 -6.54
CA ARG A 30 9.17 -1.93 -6.44
C ARG A 30 7.72 -1.94 -6.91
N VAL A 31 6.79 -1.90 -5.96
CA VAL A 31 5.38 -1.90 -6.28
C VAL A 31 4.79 -0.50 -6.16
N VAL A 32 3.62 -0.30 -6.77
CA VAL A 32 2.95 1.00 -6.73
C VAL A 32 1.44 0.83 -6.58
N LEU A 33 0.94 1.11 -5.39
CA LEU A 33 -0.49 0.99 -5.12
C LEU A 33 -1.24 2.25 -5.55
N THR A 34 -2.37 2.07 -6.21
CA THR A 34 -3.17 3.19 -6.69
C THR A 34 -4.45 3.31 -5.88
N CYS A 35 -4.57 4.39 -5.12
CA CYS A 35 -5.75 4.64 -4.31
C CYS A 35 -6.19 6.10 -4.39
N GLU A 36 -7.26 6.35 -5.13
CA GLU A 36 -7.78 7.70 -5.29
C GLU A 36 -8.90 7.98 -4.30
N LEU A 37 -9.19 9.26 -4.08
CA LEU A 37 -10.23 9.66 -3.15
C LEU A 37 -11.17 10.68 -3.80
N CYS A 38 -12.35 10.84 -3.22
CA CYS A 38 -13.34 11.77 -3.73
C CYS A 38 -13.09 13.18 -3.18
N ARG A 39 -11.96 13.34 -2.50
CA ARG A 39 -11.61 14.64 -1.91
C ARG A 39 -10.10 14.81 -1.88
N PRO A 40 -9.64 16.04 -2.18
CA PRO A 40 -8.21 16.38 -2.19
C PRO A 40 -7.61 16.39 -0.79
N TRP A 41 -8.27 17.10 0.13
CA TRP A 41 -7.79 17.19 1.50
C TRP A 41 -8.26 15.99 2.32
N ALA A 42 -8.49 14.87 1.65
CA ALA A 42 -8.94 13.66 2.31
C ALA A 42 -7.76 12.82 2.78
N GLU A 43 -7.56 12.75 4.09
CA GLU A 43 -6.47 11.97 4.66
C GLU A 43 -6.82 10.49 4.73
N VAL A 44 -5.82 9.65 4.49
CA VAL A 44 -6.02 8.20 4.51
C VAL A 44 -5.04 7.53 5.46
N ARG A 45 -5.33 6.28 5.83
CA ARG A 45 -4.47 5.53 6.72
C ARG A 45 -4.37 4.07 6.28
N TRP A 46 -3.14 3.58 6.18
CA TRP A 46 -2.90 2.20 5.77
C TRP A 46 -2.73 1.28 6.98
N THR A 47 -3.24 0.07 6.87
CA THR A 47 -3.15 -0.90 7.96
C THR A 47 -2.87 -2.30 7.43
N LYS A 48 -1.91 -2.99 8.03
CA LYS A 48 -1.55 -4.33 7.62
C LYS A 48 -2.04 -5.36 8.64
N ASP A 49 -3.06 -6.11 8.27
CA ASP A 49 -3.62 -7.14 9.15
C ASP A 49 -4.13 -6.52 10.45
N GLY A 50 -4.90 -5.45 10.33
CA GLY A 50 -5.44 -4.78 11.49
C GLY A 50 -4.48 -3.76 12.06
N GLU A 51 -3.19 -4.00 11.89
CA GLU A 51 -2.16 -3.11 12.41
C GLU A 51 -1.93 -1.95 11.44
N GLU A 52 -1.32 -0.88 11.94
CA GLU A 52 -1.04 0.30 11.12
C GLU A 52 0.40 0.29 10.63
N VAL A 53 0.59 0.57 9.34
CA VAL A 53 1.92 0.60 8.75
C VAL A 53 2.65 1.89 9.09
N VAL A 54 3.89 1.76 9.53
CA VAL A 54 4.71 2.92 9.88
C VAL A 54 5.82 3.15 8.87
N GLU A 55 6.03 4.41 8.51
CA GLU A 55 7.06 4.76 7.54
C GLU A 55 8.36 4.03 7.84
N SER A 56 9.11 3.72 6.79
CA SER A 56 10.38 3.01 6.94
C SER A 56 11.15 2.98 5.62
N PRO A 57 12.43 2.60 5.69
CA PRO A 57 13.30 2.52 4.51
C PRO A 57 12.92 1.39 3.58
N ALA A 58 11.82 0.70 3.91
CA ALA A 58 11.35 -0.41 3.09
C ALA A 58 9.92 -0.16 2.62
N LEU A 59 9.27 0.84 3.20
CA LEU A 59 7.90 1.19 2.83
C LEU A 59 7.74 2.69 2.65
N LEU A 60 7.78 3.14 1.41
CA LEU A 60 7.64 4.56 1.10
C LEU A 60 6.18 4.91 0.81
N LEU A 61 5.66 5.91 1.53
CA LEU A 61 4.28 6.35 1.34
C LEU A 61 4.22 7.55 0.40
N GLN A 62 3.63 7.34 -0.77
CA GLN A 62 3.49 8.41 -1.76
C GLN A 62 2.10 9.04 -1.70
N LYS A 63 2.03 10.32 -2.00
CA LYS A 63 0.75 11.03 -1.99
C LYS A 63 0.65 11.98 -3.18
N GLU A 64 -0.43 11.83 -3.94
CA GLU A 64 -0.66 12.68 -5.11
C GLU A 64 -1.66 13.77 -4.81
N ASP A 65 -2.03 14.54 -5.84
CA ASP A 65 -2.98 15.62 -5.68
C ASP A 65 -4.22 15.16 -4.94
N THR A 66 -5.04 14.34 -5.60
CA THR A 66 -6.26 13.82 -5.00
C THR A 66 -6.19 12.30 -4.84
N VAL A 67 -5.07 11.72 -5.25
CA VAL A 67 -4.88 10.28 -5.15
C VAL A 67 -3.59 9.95 -4.39
N ARG A 68 -3.63 8.88 -3.61
CA ARG A 68 -2.47 8.46 -2.83
C ARG A 68 -1.85 7.20 -3.43
N ARG A 69 -0.56 7.00 -3.14
CA ARG A 69 0.16 5.84 -3.65
C ARG A 69 1.15 5.31 -2.62
N LEU A 70 1.33 4.00 -2.59
CA LEU A 70 2.25 3.37 -1.65
C LEU A 70 3.35 2.62 -2.39
N VAL A 71 4.52 3.24 -2.49
CA VAL A 71 5.66 2.63 -3.17
C VAL A 71 6.59 1.95 -2.17
N LEU A 72 7.07 0.77 -2.54
CA LEU A 72 7.96 0.01 -1.67
C LEU A 72 9.27 -0.30 -2.40
N PRO A 73 10.33 0.44 -2.03
CA PRO A 73 11.66 0.25 -2.62
C PRO A 73 12.31 -1.06 -2.20
N ALA A 74 11.72 -1.72 -1.22
CA ALA A 74 12.24 -2.99 -0.73
C ALA A 74 11.18 -3.76 0.04
N VAL A 75 10.67 -4.83 -0.56
CA VAL A 75 9.63 -5.65 0.05
C VAL A 75 10.23 -6.97 0.56
N GLN A 76 9.41 -7.73 1.29
CA GLN A 76 9.85 -9.01 1.82
C GLN A 76 8.71 -10.04 1.78
N LEU A 77 9.06 -11.29 1.51
CA LEU A 77 8.06 -12.35 1.45
C LEU A 77 7.09 -12.28 2.62
N GLU A 78 7.61 -11.87 3.78
CA GLU A 78 6.79 -11.75 4.98
C GLU A 78 5.76 -10.63 4.83
N ASP A 79 6.18 -9.53 4.22
CA ASP A 79 5.30 -8.39 4.01
C ASP A 79 4.05 -8.79 3.24
N SER A 80 4.21 -9.75 2.33
CA SER A 80 3.09 -10.24 1.52
C SER A 80 1.90 -10.58 2.41
N GLY A 81 0.75 -9.97 2.11
CA GLY A 81 -0.45 -10.23 2.89
C GLY A 81 -1.66 -9.49 2.35
N GLU A 82 -2.30 -8.71 3.20
CA GLU A 82 -3.48 -7.95 2.81
C GLU A 82 -3.34 -6.49 3.22
N TYR A 83 -3.04 -5.62 2.26
CA TYR A 83 -2.88 -4.20 2.52
C TYR A 83 -4.24 -3.49 2.51
N LEU A 84 -4.70 -3.11 3.70
CA LEU A 84 -5.99 -2.42 3.83
C LEU A 84 -5.78 -0.93 4.05
N CYS A 85 -6.45 -0.12 3.24
CA CYS A 85 -6.34 1.33 3.34
C CYS A 85 -7.65 1.94 3.84
N GLU A 86 -7.65 2.39 5.09
CA GLU A 86 -8.83 2.99 5.69
C GLU A 86 -8.72 4.51 5.71
N ILE A 87 -9.82 5.18 5.37
CA ILE A 87 -9.85 6.64 5.35
C ILE A 87 -10.72 7.20 6.47
N ASP A 88 -11.96 6.75 6.52
CA ASP A 88 -12.89 7.20 7.55
C ASP A 88 -13.67 6.01 8.14
N ASP A 89 -14.59 5.48 7.35
CA ASP A 89 -15.40 4.34 7.79
C ASP A 89 -15.19 3.14 6.87
N GLU A 90 -14.78 3.40 5.63
CA GLU A 90 -14.54 2.34 4.67
C GLU A 90 -13.05 2.05 4.54
N SER A 91 -12.73 0.95 3.85
CA SER A 91 -11.35 0.55 3.66
C SER A 91 -11.14 -0.09 2.29
N ALA A 92 -9.96 0.08 1.72
CA ALA A 92 -9.64 -0.49 0.42
C ALA A 92 -8.77 -1.72 0.56
N SER A 93 -9.09 -2.76 -0.20
CA SER A 93 -8.33 -4.01 -0.16
C SER A 93 -7.27 -4.03 -1.24
N PHE A 94 -6.03 -4.31 -0.84
CA PHE A 94 -4.91 -4.36 -1.77
C PHE A 94 -4.05 -5.60 -1.53
N THR A 95 -4.25 -6.62 -2.34
CA THR A 95 -3.50 -7.87 -2.22
C THR A 95 -2.13 -7.74 -2.86
N VAL A 96 -1.08 -8.02 -2.08
CA VAL A 96 0.28 -7.94 -2.58
C VAL A 96 1.07 -9.20 -2.24
N THR A 97 1.13 -10.13 -3.19
CA THR A 97 1.85 -11.38 -2.99
C THR A 97 3.28 -11.29 -3.49
N VAL A 98 4.24 -11.40 -2.58
CA VAL A 98 5.65 -11.33 -2.94
C VAL A 98 6.26 -12.73 -3.06
N THR A 99 7.10 -12.92 -4.07
CA THR A 99 7.75 -14.20 -4.29
C THR A 99 9.26 -14.02 -4.51
N GLU A 100 9.94 -15.14 -4.75
CA GLU A 100 11.38 -15.10 -4.98
C GLU A 100 11.69 -14.84 -6.46
N PRO A 101 12.68 -13.96 -6.70
CA PRO A 101 13.09 -13.61 -8.06
C PRO A 101 13.79 -14.76 -8.78
N PRO A 102 13.76 -14.74 -10.12
CA PRO A 102 14.39 -15.77 -10.94
C PRO A 102 15.92 -15.71 -10.88
N VAL A 103 16.56 -16.68 -11.52
CA VAL A 103 18.02 -16.75 -11.54
C VAL A 103 18.54 -16.90 -12.96
N ARG A 104 19.29 -15.90 -13.43
CA ARG A 104 19.85 -15.94 -14.77
C ARG A 104 21.37 -15.75 -14.73
N ILE A 105 21.80 -14.61 -14.22
CA ILE A 105 23.22 -14.31 -14.12
C ILE A 105 23.87 -15.08 -12.97
N ILE A 106 24.79 -15.97 -13.30
CA ILE A 106 25.48 -16.78 -12.29
C ILE A 106 26.96 -16.45 -12.26
N TYR A 107 27.41 -15.81 -11.19
CA TYR A 107 28.80 -15.43 -11.03
C TYR A 107 29.67 -16.66 -10.78
N SER A 108 30.98 -16.51 -10.96
CA SER A 108 31.91 -17.61 -10.76
C SER A 108 32.99 -17.23 -9.74
N GLY A 109 33.54 -18.23 -9.06
CA GLY A 109 34.57 -17.97 -8.07
C GLY A 109 35.51 -16.84 -8.50
N PRO A 110 35.64 -15.84 -7.62
CA PRO A 110 36.51 -14.68 -7.88
C PRO A 110 37.99 -15.04 -7.85
N SER A 111 38.27 -16.32 -7.61
CA SER A 111 39.65 -16.80 -7.56
C SER A 111 40.02 -17.55 -8.83
N SER A 112 39.13 -18.45 -9.26
CA SER A 112 39.37 -19.24 -10.47
C SER A 112 38.07 -19.48 -11.22
N GLY A 113 37.97 -18.89 -12.41
CA GLY A 113 36.77 -19.05 -13.22
C GLY A 113 36.84 -18.27 -14.51
N GLY A 1 -8.54 25.16 12.29
CA GLY A 1 -7.49 24.94 13.27
C GLY A 1 -6.49 23.88 12.84
N SER A 2 -6.34 22.84 13.65
CA SER A 2 -5.41 21.76 13.35
C SER A 2 -6.04 20.77 12.36
N SER A 3 -7.12 20.14 12.78
CA SER A 3 -7.81 19.16 11.94
C SER A 3 -9.33 19.32 12.04
N GLY A 4 -10.04 18.83 11.04
CA GLY A 4 -11.49 18.94 11.03
C GLY A 4 -12.05 19.32 9.68
N SER A 5 -12.46 18.31 8.91
CA SER A 5 -13.01 18.55 7.59
C SER A 5 -14.53 18.44 7.61
N SER A 6 -15.21 19.49 7.13
CA SER A 6 -16.66 19.51 7.09
C SER A 6 -17.17 19.59 5.66
N GLY A 7 -17.77 18.49 5.19
CA GLY A 7 -18.29 18.45 3.83
C GLY A 7 -19.59 17.68 3.74
N THR A 8 -20.12 17.58 2.52
CA THR A 8 -21.37 16.86 2.30
C THR A 8 -21.22 15.38 2.63
N ASP A 9 -22.34 14.72 2.92
CA ASP A 9 -22.33 13.31 3.25
C ASP A 9 -21.51 12.52 2.25
N VAL A 10 -20.33 12.08 2.67
CA VAL A 10 -19.45 11.30 1.80
C VAL A 10 -19.84 9.83 1.77
N SER A 11 -20.81 9.50 0.93
CA SER A 11 -21.29 8.13 0.82
C SER A 11 -20.14 7.14 0.94
N SER A 12 -19.09 7.35 0.14
CA SER A 12 -17.93 6.48 0.15
C SER A 12 -16.65 7.28 -0.06
N TRP A 13 -15.78 7.27 0.94
CA TRP A 13 -14.52 7.99 0.86
C TRP A 13 -13.63 7.43 -0.25
N ILE A 14 -13.47 6.10 -0.25
CA ILE A 14 -12.65 5.45 -1.26
C ILE A 14 -13.36 5.41 -2.61
N VAL A 15 -12.95 6.30 -3.51
CA VAL A 15 -13.53 6.38 -4.84
C VAL A 15 -12.95 5.31 -5.76
N TYR A 16 -11.69 4.95 -5.51
CA TYR A 16 -11.02 3.95 -6.33
C TYR A 16 -9.78 3.41 -5.60
N PRO A 17 -9.50 2.11 -5.80
CA PRO A 17 -10.32 1.25 -6.65
C PRO A 17 -11.69 0.95 -6.04
N SER A 18 -12.59 0.40 -6.84
CA SER A 18 -13.93 0.08 -6.38
C SER A 18 -14.15 -1.43 -6.34
N GLY A 19 -13.43 -2.10 -5.44
CA GLY A 19 -13.55 -3.54 -5.32
C GLY A 19 -12.28 -4.18 -4.81
N LYS A 20 -11.85 -5.24 -5.49
CA LYS A 20 -10.64 -5.96 -5.11
C LYS A 20 -9.51 -5.69 -6.10
N VAL A 21 -8.29 -5.63 -5.60
CA VAL A 21 -7.12 -5.39 -6.44
C VAL A 21 -5.98 -6.34 -6.10
N TYR A 22 -5.63 -7.19 -7.07
CA TYR A 22 -4.56 -8.15 -6.87
C TYR A 22 -3.25 -7.64 -7.48
N VAL A 23 -2.17 -7.79 -6.73
CA VAL A 23 -0.85 -7.35 -7.18
C VAL A 23 0.23 -8.37 -6.82
N ALA A 24 1.16 -8.59 -7.75
CA ALA A 24 2.24 -9.54 -7.53
C ALA A 24 3.59 -8.82 -7.48
N ALA A 25 4.41 -9.20 -6.49
CA ALA A 25 5.72 -8.60 -6.33
C ALA A 25 6.79 -9.66 -6.07
N VAL A 26 8.05 -9.23 -6.05
CA VAL A 26 9.16 -10.15 -5.80
C VAL A 26 10.07 -9.62 -4.71
N ARG A 27 10.87 -10.52 -4.13
CA ARG A 27 11.79 -10.16 -3.06
C ARG A 27 12.58 -8.90 -3.44
N LEU A 28 12.42 -7.85 -2.63
CA LEU A 28 13.11 -6.60 -2.88
C LEU A 28 12.66 -5.97 -4.19
N GLU A 29 11.36 -6.03 -4.46
CA GLU A 29 10.79 -5.47 -5.67
C GLU A 29 10.11 -4.13 -5.39
N ARG A 30 9.93 -3.33 -6.43
CA ARG A 30 9.29 -2.03 -6.29
C ARG A 30 7.86 -2.07 -6.82
N VAL A 31 6.90 -1.79 -5.94
CA VAL A 31 5.50 -1.79 -6.32
C VAL A 31 4.88 -0.40 -6.19
N VAL A 32 3.71 -0.21 -6.78
CA VAL A 32 3.02 1.06 -6.72
C VAL A 32 1.51 0.88 -6.63
N LEU A 33 0.97 1.11 -5.44
CA LEU A 33 -0.47 0.97 -5.22
C LEU A 33 -1.23 2.21 -5.68
N THR A 34 -2.40 2.01 -6.25
CA THR A 34 -3.22 3.11 -6.74
C THR A 34 -4.50 3.25 -5.92
N CYS A 35 -4.63 4.35 -5.21
CA CYS A 35 -5.81 4.60 -4.39
C CYS A 35 -6.25 6.06 -4.50
N GLU A 36 -7.36 6.28 -5.21
CA GLU A 36 -7.88 7.63 -5.40
C GLU A 36 -8.98 7.92 -4.39
N LEU A 37 -9.20 9.21 -4.12
CA LEU A 37 -10.21 9.63 -3.17
C LEU A 37 -11.13 10.68 -3.78
N CYS A 38 -12.33 10.84 -3.20
CA CYS A 38 -13.30 11.81 -3.69
C CYS A 38 -13.05 13.18 -3.07
N ARG A 39 -11.90 13.34 -2.43
CA ARG A 39 -11.54 14.60 -1.79
C ARG A 39 -10.03 14.81 -1.80
N PRO A 40 -9.61 16.05 -2.07
CA PRO A 40 -8.19 16.42 -2.11
C PRO A 40 -7.55 16.40 -0.73
N TRP A 41 -8.21 17.02 0.23
CA TRP A 41 -7.71 17.07 1.60
C TRP A 41 -8.18 15.87 2.41
N ALA A 42 -8.30 14.74 1.73
CA ALA A 42 -8.74 13.50 2.39
C ALA A 42 -7.54 12.69 2.86
N GLU A 43 -7.38 12.61 4.19
CA GLU A 43 -6.27 11.87 4.77
C GLU A 43 -6.62 10.38 4.88
N VAL A 44 -5.72 9.53 4.40
CA VAL A 44 -5.92 8.09 4.45
C VAL A 44 -4.87 7.41 5.31
N ARG A 45 -5.14 6.16 5.69
CA ARG A 45 -4.21 5.41 6.51
C ARG A 45 -4.22 3.92 6.13
N TRP A 46 -3.05 3.40 5.78
CA TRP A 46 -2.92 2.01 5.38
C TRP A 46 -2.64 1.12 6.60
N THR A 47 -3.34 0.00 6.68
CA THR A 47 -3.17 -0.94 7.79
C THR A 47 -2.85 -2.33 7.29
N LYS A 48 -1.82 -2.94 7.85
CA LYS A 48 -1.41 -4.29 7.46
C LYS A 48 -1.90 -5.32 8.47
N ASP A 49 -3.07 -5.90 8.20
CA ASP A 49 -3.64 -6.90 9.09
C ASP A 49 -4.20 -6.26 10.35
N GLY A 50 -4.76 -5.07 10.21
CA GLY A 50 -5.31 -4.36 11.35
C GLY A 50 -4.34 -3.37 11.95
N GLU A 51 -3.05 -3.66 11.82
CA GLU A 51 -2.01 -2.78 12.36
C GLU A 51 -1.74 -1.61 11.41
N GLU A 52 -1.46 -0.46 11.99
CA GLU A 52 -1.19 0.74 11.20
C GLU A 52 0.28 0.78 10.76
N VAL A 53 0.50 0.64 9.46
CA VAL A 53 1.85 0.66 8.91
C VAL A 53 2.61 1.91 9.36
N VAL A 54 3.91 1.75 9.56
CA VAL A 54 4.75 2.87 10.01
C VAL A 54 5.87 3.13 9.00
N GLU A 55 5.93 4.36 8.50
CA GLU A 55 6.96 4.74 7.53
C GLU A 55 8.27 4.04 7.84
N SER A 56 9.04 3.74 6.79
CA SER A 56 10.32 3.07 6.94
C SER A 56 11.07 3.03 5.61
N PRO A 57 12.36 2.68 5.67
CA PRO A 57 13.21 2.59 4.48
C PRO A 57 12.83 1.42 3.59
N ALA A 58 11.74 0.74 3.92
CA ALA A 58 11.27 -0.39 3.14
C ALA A 58 9.85 -0.17 2.64
N LEU A 59 9.17 0.83 3.21
CA LEU A 59 7.80 1.14 2.84
C LEU A 59 7.63 2.65 2.66
N LEU A 60 7.65 3.09 1.41
CA LEU A 60 7.48 4.51 1.10
C LEU A 60 6.03 4.84 0.81
N LEU A 61 5.49 5.82 1.51
CA LEU A 61 4.10 6.23 1.34
C LEU A 61 4.01 7.44 0.40
N GLN A 62 3.44 7.23 -0.78
CA GLN A 62 3.29 8.30 -1.76
C GLN A 62 1.93 8.98 -1.62
N LYS A 63 1.89 10.27 -1.90
CA LYS A 63 0.65 11.03 -1.80
C LYS A 63 0.55 12.04 -2.94
N GLU A 64 -0.45 11.88 -3.79
CA GLU A 64 -0.66 12.79 -4.92
C GLU A 64 -1.69 13.86 -4.57
N ASP A 65 -2.04 14.68 -5.57
CA ASP A 65 -3.00 15.74 -5.37
C ASP A 65 -4.28 15.21 -4.71
N THR A 66 -5.05 14.45 -5.47
CA THR A 66 -6.29 13.88 -4.96
C THR A 66 -6.22 12.36 -4.91
N VAL A 67 -5.06 11.81 -5.26
CA VAL A 67 -4.85 10.37 -5.24
C VAL A 67 -3.62 9.99 -4.43
N ARG A 68 -3.72 8.89 -3.71
CA ARG A 68 -2.60 8.42 -2.89
C ARG A 68 -2.03 7.12 -3.45
N ARG A 69 -0.76 6.86 -3.15
CA ARG A 69 -0.09 5.65 -3.62
C ARG A 69 0.93 5.16 -2.59
N LEU A 70 1.15 3.84 -2.57
CA LEU A 70 2.10 3.26 -1.63
C LEU A 70 3.19 2.49 -2.38
N VAL A 71 4.38 3.07 -2.42
CA VAL A 71 5.52 2.45 -3.09
C VAL A 71 6.45 1.78 -2.10
N LEU A 72 6.90 0.57 -2.43
CA LEU A 72 7.81 -0.18 -1.56
C LEU A 72 9.13 -0.46 -2.28
N PRO A 73 10.16 0.32 -1.94
CA PRO A 73 11.50 0.16 -2.53
C PRO A 73 12.19 -1.12 -2.07
N ALA A 74 11.59 -1.80 -1.11
CA ALA A 74 12.15 -3.04 -0.59
C ALA A 74 11.09 -3.84 0.18
N VAL A 75 10.60 -4.91 -0.44
CA VAL A 75 9.59 -5.74 0.18
C VAL A 75 10.20 -7.04 0.72
N GLN A 76 9.37 -7.87 1.34
CA GLN A 76 9.84 -9.13 1.90
C GLN A 76 8.74 -10.19 1.82
N LEU A 77 9.16 -11.45 1.71
CA LEU A 77 8.22 -12.57 1.62
C LEU A 77 7.22 -12.52 2.78
N GLU A 78 7.68 -12.08 3.94
CA GLU A 78 6.83 -11.99 5.11
C GLU A 78 5.80 -10.88 4.96
N ASP A 79 6.22 -9.77 4.34
CA ASP A 79 5.34 -8.64 4.13
C ASP A 79 4.08 -9.06 3.37
N SER A 80 4.24 -10.01 2.44
CA SER A 80 3.13 -10.49 1.65
C SER A 80 1.91 -10.80 2.53
N GLY A 81 0.82 -10.09 2.30
CA GLY A 81 -0.38 -10.31 3.09
C GLY A 81 -1.58 -9.58 2.52
N GLU A 82 -2.32 -8.88 3.38
CA GLU A 82 -3.50 -8.15 2.94
C GLU A 82 -3.37 -6.66 3.28
N TYR A 83 -3.12 -5.85 2.26
CA TYR A 83 -2.97 -4.42 2.45
C TYR A 83 -4.33 -3.72 2.38
N LEU A 84 -4.80 -3.27 3.55
CA LEU A 84 -6.08 -2.57 3.63
C LEU A 84 -5.88 -1.09 3.88
N CYS A 85 -6.38 -0.26 2.97
CA CYS A 85 -6.26 1.18 3.10
C CYS A 85 -7.55 1.79 3.65
N GLU A 86 -7.49 2.21 4.91
CA GLU A 86 -8.64 2.81 5.57
C GLU A 86 -8.54 4.33 5.59
N ILE A 87 -9.64 5.00 5.29
CA ILE A 87 -9.68 6.46 5.28
C ILE A 87 -10.53 7.00 6.42
N ASP A 88 -11.78 6.59 6.47
CA ASP A 88 -12.70 7.04 7.51
C ASP A 88 -13.49 5.87 8.07
N ASP A 89 -14.44 5.37 7.28
CA ASP A 89 -15.27 4.24 7.69
C ASP A 89 -15.09 3.05 6.76
N GLU A 90 -14.66 3.33 5.52
CA GLU A 90 -14.45 2.28 4.55
C GLU A 90 -12.95 1.98 4.39
N SER A 91 -12.64 0.91 3.66
CA SER A 91 -11.26 0.51 3.44
C SER A 91 -11.09 -0.11 2.07
N ALA A 92 -9.88 0.02 1.51
CA ALA A 92 -9.58 -0.53 0.20
C ALA A 92 -8.77 -1.80 0.31
N SER A 93 -9.21 -2.85 -0.38
CA SER A 93 -8.52 -4.14 -0.35
C SER A 93 -7.41 -4.17 -1.40
N PHE A 94 -6.20 -4.47 -0.96
CA PHE A 94 -5.04 -4.53 -1.85
C PHE A 94 -4.21 -5.79 -1.57
N THR A 95 -4.40 -6.81 -2.39
CA THR A 95 -3.68 -8.06 -2.24
C THR A 95 -2.28 -7.96 -2.83
N VAL A 96 -1.26 -8.18 -1.99
CA VAL A 96 0.12 -8.12 -2.44
C VAL A 96 0.87 -9.40 -2.08
N THR A 97 1.12 -10.23 -3.09
CA THR A 97 1.84 -11.49 -2.87
C THR A 97 3.27 -11.40 -3.39
N VAL A 98 4.22 -11.69 -2.51
CA VAL A 98 5.63 -11.64 -2.88
C VAL A 98 6.21 -13.05 -3.02
N THR A 99 7.20 -13.19 -3.89
CA THR A 99 7.84 -14.49 -4.13
C THR A 99 9.33 -14.33 -4.37
N GLU A 100 10.01 -15.45 -4.60
CA GLU A 100 11.45 -15.42 -4.85
C GLU A 100 11.74 -15.13 -6.32
N PRO A 101 12.72 -14.25 -6.56
CA PRO A 101 13.12 -13.87 -7.92
C PRO A 101 13.82 -15.00 -8.66
N PRO A 102 13.89 -14.87 -9.99
CA PRO A 102 14.54 -15.88 -10.85
C PRO A 102 16.05 -15.92 -10.67
N VAL A 103 16.70 -16.82 -11.39
CA VAL A 103 18.15 -16.95 -11.31
C VAL A 103 18.81 -16.69 -12.66
N ARG A 104 19.83 -15.84 -12.66
CA ARG A 104 20.54 -15.50 -13.89
C ARG A 104 21.99 -15.96 -13.82
N ILE A 105 22.67 -15.61 -12.74
CA ILE A 105 24.07 -16.01 -12.56
C ILE A 105 24.28 -16.68 -11.21
N ILE A 106 25.32 -17.51 -11.12
CA ILE A 106 25.63 -18.21 -9.89
C ILE A 106 27.10 -18.04 -9.51
N TYR A 107 27.37 -17.97 -8.21
CA TYR A 107 28.73 -17.80 -7.72
C TYR A 107 28.87 -18.32 -6.29
N SER A 108 29.78 -19.26 -6.09
CA SER A 108 30.01 -19.84 -4.78
C SER A 108 30.87 -18.93 -3.92
N GLY A 109 32.04 -18.57 -4.43
CA GLY A 109 32.94 -17.70 -3.70
C GLY A 109 33.70 -18.43 -2.61
N PRO A 110 34.99 -18.08 -2.45
CA PRO A 110 35.86 -18.70 -1.44
C PRO A 110 35.46 -18.32 -0.02
N SER A 111 35.30 -19.32 0.84
CA SER A 111 34.92 -19.08 2.22
C SER A 111 36.15 -18.88 3.10
N SER A 112 35.95 -18.38 4.31
CA SER A 112 37.04 -18.14 5.25
C SER A 112 37.54 -19.46 5.84
N GLY A 113 36.62 -20.26 6.35
CA GLY A 113 37.00 -21.53 6.94
C GLY A 113 36.50 -21.67 8.37
N GLY A 1 -6.18 31.80 3.48
CA GLY A 1 -7.04 30.73 3.95
C GLY A 1 -6.99 30.58 5.46
N SER A 2 -8.13 30.25 6.05
CA SER A 2 -8.21 30.07 7.49
C SER A 2 -8.64 28.65 7.85
N SER A 3 -8.50 28.29 9.11
CA SER A 3 -8.88 26.95 9.57
C SER A 3 -10.30 26.95 10.13
N GLY A 4 -10.91 25.77 10.15
CA GLY A 4 -12.27 25.64 10.65
C GLY A 4 -13.26 25.29 9.57
N SER A 5 -12.91 24.30 8.75
CA SER A 5 -13.78 23.86 7.66
C SER A 5 -14.17 22.39 7.83
N SER A 6 -15.46 22.12 7.77
CA SER A 6 -15.96 20.76 7.91
C SER A 6 -15.85 19.99 6.59
N GLY A 7 -16.54 20.50 5.57
CA GLY A 7 -16.50 19.86 4.27
C GLY A 7 -17.84 19.24 3.90
N THR A 8 -17.89 18.63 2.71
CA THR A 8 -19.12 18.00 2.24
C THR A 8 -19.21 16.56 2.72
N ASP A 9 -20.43 16.07 2.86
CA ASP A 9 -20.67 14.70 3.31
C ASP A 9 -20.68 13.74 2.13
N VAL A 10 -19.50 13.23 1.76
CA VAL A 10 -19.38 12.30 0.65
C VAL A 10 -20.03 10.96 0.98
N SER A 11 -20.20 10.13 -0.05
CA SER A 11 -20.82 8.82 0.14
C SER A 11 -19.75 7.73 0.23
N SER A 12 -18.93 7.63 -0.80
CA SER A 12 -17.87 6.62 -0.85
C SER A 12 -16.49 7.29 -0.84
N TRP A 13 -15.84 7.28 0.32
CA TRP A 13 -14.51 7.88 0.45
C TRP A 13 -13.55 7.32 -0.58
N ILE A 14 -13.39 6.00 -0.58
CA ILE A 14 -12.49 5.35 -1.53
C ILE A 14 -13.11 5.30 -2.92
N VAL A 15 -12.84 6.33 -3.72
CA VAL A 15 -13.36 6.40 -5.08
C VAL A 15 -12.73 5.34 -5.97
N TYR A 16 -11.55 4.85 -5.57
CA TYR A 16 -10.84 3.84 -6.33
C TYR A 16 -9.61 3.36 -5.57
N PRO A 17 -9.29 2.07 -5.71
CA PRO A 17 -10.08 1.14 -6.54
C PRO A 17 -11.44 0.85 -5.93
N SER A 18 -12.34 0.31 -6.76
CA SER A 18 -13.69 -0.02 -6.31
C SER A 18 -13.87 -1.54 -6.23
N GLY A 19 -13.16 -2.17 -5.31
CA GLY A 19 -13.25 -3.61 -5.14
C GLY A 19 -11.92 -4.25 -4.81
N LYS A 20 -11.96 -5.55 -4.49
CA LYS A 20 -10.74 -6.27 -4.14
C LYS A 20 -9.66 -6.05 -5.19
N VAL A 21 -8.46 -5.71 -4.73
CA VAL A 21 -7.34 -5.47 -5.64
C VAL A 21 -6.27 -6.54 -5.47
N TYR A 22 -5.70 -6.99 -6.59
CA TYR A 22 -4.66 -8.01 -6.57
C TYR A 22 -3.38 -7.49 -7.21
N VAL A 23 -2.25 -7.75 -6.55
CA VAL A 23 -0.96 -7.32 -7.05
C VAL A 23 0.13 -8.33 -6.71
N ALA A 24 1.06 -8.54 -7.65
CA ALA A 24 2.15 -9.48 -7.44
C ALA A 24 3.49 -8.76 -7.38
N ALA A 25 4.37 -9.23 -6.51
CA ALA A 25 5.69 -8.62 -6.35
C ALA A 25 6.75 -9.68 -6.06
N VAL A 26 8.01 -9.25 -5.97
CA VAL A 26 9.11 -10.17 -5.70
C VAL A 26 10.02 -9.62 -4.61
N ARG A 27 10.80 -10.50 -4.00
CA ARG A 27 11.72 -10.10 -2.94
C ARG A 27 12.54 -8.88 -3.35
N LEU A 28 12.31 -7.77 -2.66
CA LEU A 28 13.02 -6.53 -2.95
C LEU A 28 12.57 -5.95 -4.29
N GLU A 29 11.26 -5.96 -4.51
CA GLU A 29 10.70 -5.42 -5.75
C GLU A 29 10.07 -4.06 -5.51
N ARG A 30 9.86 -3.32 -6.60
CA ARG A 30 9.27 -1.99 -6.51
C ARG A 30 7.81 -2.01 -6.96
N VAL A 31 6.90 -1.83 -6.02
CA VAL A 31 5.47 -1.82 -6.32
C VAL A 31 4.88 -0.42 -6.20
N VAL A 32 3.71 -0.23 -6.79
CA VAL A 32 3.04 1.07 -6.75
C VAL A 32 1.54 0.90 -6.59
N LEU A 33 1.03 1.18 -5.39
CA LEU A 33 -0.40 1.06 -5.11
C LEU A 33 -1.14 2.31 -5.55
N THR A 34 -2.25 2.11 -6.26
CA THR A 34 -3.06 3.23 -6.73
C THR A 34 -4.35 3.36 -5.94
N CYS A 35 -4.47 4.46 -5.19
CA CYS A 35 -5.66 4.69 -4.39
C CYS A 35 -6.13 6.13 -4.53
N GLU A 36 -7.21 6.33 -5.27
CA GLU A 36 -7.77 7.67 -5.48
C GLU A 36 -8.89 7.96 -4.50
N LEU A 37 -9.10 9.22 -4.19
CA LEU A 37 -10.13 9.64 -3.26
C LEU A 37 -11.06 10.68 -3.90
N CYS A 38 -12.29 10.75 -3.41
CA CYS A 38 -13.27 11.70 -3.94
C CYS A 38 -13.07 13.07 -3.32
N ARG A 39 -12.00 13.22 -2.52
CA ARG A 39 -11.70 14.48 -1.86
C ARG A 39 -10.20 14.73 -1.82
N PRO A 40 -9.80 15.98 -2.09
CA PRO A 40 -8.39 16.37 -2.10
C PRO A 40 -7.79 16.38 -0.69
N TRP A 41 -8.48 17.03 0.23
CA TRP A 41 -8.02 17.11 1.61
C TRP A 41 -8.41 15.87 2.39
N ALA A 42 -8.68 14.79 1.68
CA ALA A 42 -9.07 13.53 2.31
C ALA A 42 -7.85 12.74 2.76
N GLU A 43 -7.69 12.59 4.07
CA GLU A 43 -6.56 11.86 4.62
C GLU A 43 -6.87 10.36 4.71
N VAL A 44 -5.87 9.54 4.40
CA VAL A 44 -6.04 8.09 4.43
C VAL A 44 -4.95 7.44 5.28
N ARG A 45 -5.17 6.18 5.64
CA ARG A 45 -4.20 5.44 6.44
C ARG A 45 -4.21 3.96 6.08
N TRP A 46 -3.03 3.43 5.74
CA TRP A 46 -2.90 2.03 5.37
C TRP A 46 -2.67 1.16 6.60
N THR A 47 -3.41 0.05 6.69
CA THR A 47 -3.29 -0.86 7.81
C THR A 47 -2.93 -2.27 7.35
N LYS A 48 -1.92 -2.86 7.98
CA LYS A 48 -1.48 -4.20 7.63
C LYS A 48 -1.92 -5.22 8.68
N ASP A 49 -3.02 -5.89 8.42
CA ASP A 49 -3.54 -6.89 9.35
C ASP A 49 -4.13 -6.23 10.59
N GLY A 50 -4.72 -5.05 10.39
CA GLY A 50 -5.31 -4.33 11.52
C GLY A 50 -4.38 -3.29 12.09
N GLU A 51 -3.07 -3.52 11.95
CA GLU A 51 -2.08 -2.60 12.47
C GLU A 51 -1.83 -1.46 11.48
N GLU A 52 -1.43 -0.31 12.01
CA GLU A 52 -1.16 0.86 11.18
C GLU A 52 0.28 0.86 10.69
N VAL A 53 0.46 0.75 9.38
CA VAL A 53 1.78 0.74 8.78
C VAL A 53 2.67 1.82 9.38
N VAL A 54 3.96 1.55 9.43
CA VAL A 54 4.92 2.50 9.99
C VAL A 54 6.04 2.80 9.00
N GLU A 55 6.08 4.04 8.51
CA GLU A 55 7.10 4.45 7.55
C GLU A 55 8.42 3.73 7.83
N SER A 56 9.17 3.46 6.76
CA SER A 56 10.45 2.77 6.89
C SER A 56 11.21 2.79 5.56
N PRO A 57 12.49 2.41 5.61
CA PRO A 57 13.36 2.38 4.42
C PRO A 57 12.96 1.27 3.45
N ALA A 58 11.91 0.53 3.80
CA ALA A 58 11.43 -0.56 2.96
C ALA A 58 10.01 -0.28 2.47
N LEU A 59 9.37 0.74 3.04
CA LEU A 59 8.01 1.10 2.66
C LEU A 59 7.86 2.61 2.56
N LEU A 60 7.66 3.09 1.34
CA LEU A 60 7.50 4.52 1.10
C LEU A 60 6.03 4.86 0.81
N LEU A 61 5.49 5.81 1.59
CA LEU A 61 4.11 6.23 1.41
C LEU A 61 4.02 7.47 0.53
N GLN A 62 3.47 7.31 -0.67
CA GLN A 62 3.33 8.42 -1.60
C GLN A 62 1.95 9.04 -1.49
N LYS A 63 1.86 10.33 -1.79
CA LYS A 63 0.60 11.05 -1.72
C LYS A 63 0.52 12.11 -2.82
N GLU A 64 -0.45 11.95 -3.73
CA GLU A 64 -0.64 12.90 -4.82
C GLU A 64 -1.71 13.92 -4.47
N ASP A 65 -2.05 14.76 -5.46
CA ASP A 65 -3.05 15.80 -5.26
C ASP A 65 -4.30 15.22 -4.61
N THR A 66 -5.05 14.43 -5.39
CA THR A 66 -6.27 13.81 -4.89
C THR A 66 -6.17 12.29 -4.88
N VAL A 67 -5.00 11.79 -5.25
CA VAL A 67 -4.75 10.35 -5.29
C VAL A 67 -3.52 9.97 -4.48
N ARG A 68 -3.65 8.94 -3.66
CA ARG A 68 -2.55 8.48 -2.83
C ARG A 68 -1.97 7.16 -3.36
N ARG A 69 -0.69 6.95 -3.12
CA ARG A 69 -0.02 5.74 -3.58
C ARG A 69 1.02 5.27 -2.56
N LEU A 70 1.25 3.97 -2.52
CA LEU A 70 2.23 3.39 -1.60
C LEU A 70 3.33 2.64 -2.35
N VAL A 71 4.48 3.27 -2.49
CA VAL A 71 5.60 2.67 -3.18
C VAL A 71 6.57 1.99 -2.20
N LEU A 72 7.14 0.87 -2.61
CA LEU A 72 8.06 0.12 -1.77
C LEU A 72 9.38 -0.12 -2.49
N PRO A 73 10.44 0.60 -2.07
CA PRO A 73 11.76 0.48 -2.68
C PRO A 73 12.43 -0.86 -2.34
N ALA A 74 11.86 -1.57 -1.39
CA ALA A 74 12.38 -2.88 -0.98
C ALA A 74 11.37 -3.65 -0.15
N VAL A 75 10.80 -4.69 -0.76
CA VAL A 75 9.81 -5.51 -0.07
C VAL A 75 10.42 -6.83 0.40
N GLN A 76 9.63 -7.62 1.12
CA GLN A 76 10.09 -8.90 1.64
C GLN A 76 8.97 -9.93 1.62
N LEU A 77 9.34 -11.20 1.48
CA LEU A 77 8.36 -12.28 1.45
C LEU A 77 7.44 -12.21 2.67
N GLU A 78 7.98 -11.77 3.79
CA GLU A 78 7.22 -11.65 5.03
C GLU A 78 6.17 -10.54 4.91
N ASP A 79 6.53 -9.47 4.21
CA ASP A 79 5.63 -8.34 4.03
C ASP A 79 4.36 -8.77 3.30
N SER A 80 4.50 -9.71 2.38
CA SER A 80 3.36 -10.21 1.62
C SER A 80 2.21 -10.59 2.55
N GLY A 81 1.07 -9.92 2.37
CA GLY A 81 -0.09 -10.19 3.20
C GLY A 81 -1.35 -9.57 2.65
N GLU A 82 -2.02 -8.76 3.48
CA GLU A 82 -3.25 -8.10 3.07
C GLU A 82 -3.21 -6.62 3.41
N TYR A 83 -2.91 -5.79 2.41
CA TYR A 83 -2.84 -4.35 2.61
C TYR A 83 -4.22 -3.71 2.51
N LEU A 84 -4.72 -3.23 3.64
CA LEU A 84 -6.04 -2.59 3.69
C LEU A 84 -5.92 -1.09 3.92
N CYS A 85 -6.22 -0.30 2.90
CA CYS A 85 -6.14 1.14 3.00
C CYS A 85 -7.45 1.73 3.52
N GLU A 86 -7.44 2.16 4.77
CA GLU A 86 -8.65 2.73 5.39
C GLU A 86 -8.61 4.26 5.32
N ILE A 87 -9.79 4.87 5.36
CA ILE A 87 -9.90 6.33 5.30
C ILE A 87 -10.78 6.87 6.41
N ASP A 88 -12.09 6.66 6.27
CA ASP A 88 -13.05 7.13 7.27
C ASP A 88 -13.91 5.97 7.77
N ASP A 89 -14.81 5.50 6.92
CA ASP A 89 -15.69 4.39 7.28
C ASP A 89 -15.53 3.23 6.31
N GLU A 90 -14.80 3.46 5.21
CA GLU A 90 -14.57 2.44 4.20
C GLU A 90 -13.12 1.95 4.26
N SER A 91 -12.85 0.86 3.53
CA SER A 91 -11.52 0.29 3.50
C SER A 91 -11.22 -0.33 2.14
N ALA A 92 -10.01 -0.11 1.64
CA ALA A 92 -9.61 -0.65 0.34
C ALA A 92 -8.70 -1.86 0.52
N SER A 93 -9.10 -2.98 -0.06
CA SER A 93 -8.31 -4.21 0.03
C SER A 93 -7.26 -4.26 -1.06
N PHE A 94 -6.02 -4.56 -0.68
CA PHE A 94 -4.91 -4.65 -1.62
C PHE A 94 -4.07 -5.89 -1.37
N THR A 95 -4.31 -6.93 -2.16
CA THR A 95 -3.57 -8.18 -2.02
C THR A 95 -2.20 -8.09 -2.69
N VAL A 96 -1.15 -7.94 -1.87
CA VAL A 96 0.20 -7.83 -2.38
C VAL A 96 1.02 -9.07 -2.01
N THR A 97 1.14 -10.00 -2.96
CA THR A 97 1.90 -11.22 -2.73
C THR A 97 3.33 -11.09 -3.24
N VAL A 98 4.28 -11.55 -2.44
CA VAL A 98 5.69 -11.49 -2.82
C VAL A 98 6.29 -12.89 -2.95
N THR A 99 7.05 -13.11 -4.00
CA THR A 99 7.69 -14.40 -4.25
C THR A 99 9.19 -14.25 -4.43
N GLU A 100 9.87 -15.37 -4.65
CA GLU A 100 11.31 -15.37 -4.85
C GLU A 100 11.67 -15.09 -6.30
N PRO A 101 12.67 -14.22 -6.52
CA PRO A 101 13.12 -13.86 -7.86
C PRO A 101 13.84 -15.01 -8.57
N PRO A 102 13.85 -14.96 -9.90
CA PRO A 102 14.48 -15.99 -10.73
C PRO A 102 16.01 -15.96 -10.62
N VAL A 103 16.68 -16.84 -11.36
CA VAL A 103 18.13 -16.90 -11.35
C VAL A 103 18.74 -15.59 -11.82
N ARG A 104 19.52 -14.95 -10.95
CA ARG A 104 20.16 -13.68 -11.28
C ARG A 104 21.65 -13.87 -11.49
N ILE A 105 22.24 -13.02 -12.32
CA ILE A 105 23.67 -13.10 -12.60
C ILE A 105 24.49 -12.99 -11.32
N ILE A 106 25.08 -14.11 -10.91
CA ILE A 106 25.90 -14.15 -9.70
C ILE A 106 27.37 -14.23 -10.04
N TYR A 107 28.22 -13.83 -9.09
CA TYR A 107 29.66 -13.87 -9.28
C TYR A 107 30.33 -14.78 -8.25
N SER A 108 31.64 -14.96 -8.41
CA SER A 108 32.40 -15.81 -7.49
C SER A 108 32.36 -15.25 -6.07
N GLY A 109 31.55 -15.87 -5.22
CA GLY A 109 31.44 -15.42 -3.85
C GLY A 109 30.00 -15.15 -3.44
N PRO A 110 29.28 -16.23 -3.07
CA PRO A 110 27.88 -16.13 -2.66
C PRO A 110 27.73 -15.44 -1.30
N SER A 111 26.52 -14.95 -1.03
CA SER A 111 26.24 -14.27 0.22
C SER A 111 25.87 -15.27 1.32
N SER A 112 25.64 -14.76 2.53
CA SER A 112 25.28 -15.61 3.67
C SER A 112 24.03 -15.08 4.36
N GLY A 113 23.44 -15.91 5.21
CA GLY A 113 22.24 -15.51 5.93
C GLY A 113 21.16 -14.98 5.00
N GLY A 1 -4.63 26.33 10.93
CA GLY A 1 -5.94 26.83 11.25
C GLY A 1 -6.88 25.75 11.74
N SER A 2 -8.16 25.89 11.43
CA SER A 2 -9.16 24.91 11.84
C SER A 2 -10.50 25.18 11.17
N SER A 3 -11.03 24.18 10.49
CA SER A 3 -12.31 24.30 9.78
C SER A 3 -13.13 23.03 9.91
N GLY A 4 -14.42 23.18 10.15
CA GLY A 4 -15.29 22.04 10.29
C GLY A 4 -16.61 22.21 9.55
N SER A 5 -16.99 21.20 8.77
CA SER A 5 -18.22 21.25 8.00
C SER A 5 -19.43 21.17 8.92
N SER A 6 -20.51 21.87 8.55
CA SER A 6 -21.73 21.87 9.35
C SER A 6 -22.66 20.74 8.91
N GLY A 7 -22.09 19.56 8.69
CA GLY A 7 -22.88 18.42 8.28
C GLY A 7 -22.50 17.92 6.90
N THR A 8 -21.32 17.31 6.79
CA THR A 8 -20.85 16.79 5.51
C THR A 8 -21.42 15.41 5.24
N ASP A 9 -21.89 15.20 4.01
CA ASP A 9 -22.45 13.92 3.62
C ASP A 9 -21.57 13.22 2.57
N VAL A 10 -20.76 12.28 3.03
CA VAL A 10 -19.87 11.54 2.14
C VAL A 10 -20.46 10.20 1.74
N SER A 11 -20.66 10.00 0.45
CA SER A 11 -21.22 8.76 -0.07
C SER A 11 -20.21 7.63 0.00
N SER A 12 -19.02 7.88 -0.55
CA SER A 12 -17.95 6.88 -0.55
C SER A 12 -16.58 7.54 -0.57
N TRP A 13 -15.84 7.37 0.51
CA TRP A 13 -14.51 7.95 0.63
C TRP A 13 -13.59 7.43 -0.47
N ILE A 14 -13.44 6.11 -0.54
CA ILE A 14 -12.59 5.49 -1.55
C ILE A 14 -13.27 5.48 -2.92
N VAL A 15 -12.87 6.40 -3.78
CA VAL A 15 -13.43 6.49 -5.12
C VAL A 15 -12.82 5.46 -6.04
N TYR A 16 -11.62 5.00 -5.71
CA TYR A 16 -10.93 4.00 -6.51
C TYR A 16 -9.73 3.43 -5.76
N PRO A 17 -9.47 2.13 -5.97
CA PRO A 17 -10.28 1.28 -6.85
C PRO A 17 -11.67 1.02 -6.28
N SER A 18 -12.56 0.53 -7.13
CA SER A 18 -13.93 0.23 -6.72
C SER A 18 -14.10 -1.25 -6.43
N GLY A 19 -13.37 -1.74 -5.43
CA GLY A 19 -13.45 -3.15 -5.07
C GLY A 19 -12.11 -3.72 -4.66
N LYS A 20 -11.93 -5.02 -4.89
CA LYS A 20 -10.68 -5.69 -4.55
C LYS A 20 -9.70 -5.64 -5.71
N VAL A 21 -8.41 -5.59 -5.39
CA VAL A 21 -7.37 -5.54 -6.41
C VAL A 21 -6.24 -6.51 -6.09
N TYR A 22 -5.61 -7.05 -7.13
CA TYR A 22 -4.51 -7.99 -6.96
C TYR A 22 -3.21 -7.41 -7.49
N VAL A 23 -2.12 -7.62 -6.76
CA VAL A 23 -0.81 -7.12 -7.17
C VAL A 23 0.29 -8.12 -6.81
N ALA A 24 1.12 -8.46 -7.80
CA ALA A 24 2.21 -9.40 -7.59
C ALA A 24 3.54 -8.66 -7.46
N ALA A 25 4.42 -9.20 -6.61
CA ALA A 25 5.73 -8.59 -6.39
C ALA A 25 6.79 -9.67 -6.16
N VAL A 26 8.04 -9.23 -6.02
CA VAL A 26 9.14 -10.15 -5.78
C VAL A 26 10.08 -9.62 -4.70
N ARG A 27 10.88 -10.52 -4.12
CA ARG A 27 11.81 -10.15 -3.07
C ARG A 27 12.57 -8.88 -3.44
N LEU A 28 12.29 -7.79 -2.71
CA LEU A 28 12.95 -6.52 -2.97
C LEU A 28 12.49 -5.93 -4.29
N GLU A 29 11.18 -5.98 -4.55
CA GLU A 29 10.62 -5.45 -5.78
C GLU A 29 10.03 -4.07 -5.55
N ARG A 30 9.82 -3.33 -6.64
CA ARG A 30 9.26 -1.98 -6.56
C ARG A 30 7.80 -1.97 -7.01
N VAL A 31 6.89 -1.88 -6.05
CA VAL A 31 5.46 -1.87 -6.35
C VAL A 31 4.88 -0.47 -6.19
N VAL A 32 3.74 -0.22 -6.82
CA VAL A 32 3.08 1.08 -6.74
C VAL A 32 1.57 0.92 -6.68
N LEU A 33 1.01 1.14 -5.49
CA LEU A 33 -0.43 1.02 -5.28
C LEU A 33 -1.14 2.32 -5.65
N THR A 34 -2.30 2.20 -6.28
CA THR A 34 -3.07 3.36 -6.69
C THR A 34 -4.39 3.46 -5.91
N CYS A 35 -4.55 4.54 -5.18
CA CYS A 35 -5.76 4.75 -4.38
C CYS A 35 -6.24 6.20 -4.49
N GLU A 36 -7.33 6.40 -5.23
CA GLU A 36 -7.88 7.74 -5.41
C GLU A 36 -9.01 8.00 -4.41
N LEU A 37 -9.25 9.27 -4.11
CA LEU A 37 -10.29 9.65 -3.17
C LEU A 37 -11.19 10.73 -3.77
N CYS A 38 -12.42 10.80 -3.28
CA CYS A 38 -13.38 11.79 -3.77
C CYS A 38 -13.11 13.16 -3.15
N ARG A 39 -12.06 13.24 -2.35
CA ARG A 39 -11.70 14.49 -1.69
C ARG A 39 -10.18 14.69 -1.69
N PRO A 40 -9.75 15.92 -2.00
CA PRO A 40 -8.32 16.26 -2.05
C PRO A 40 -7.69 16.28 -0.66
N TRP A 41 -8.31 16.99 0.27
CA TRP A 41 -7.81 17.09 1.63
C TRP A 41 -8.27 15.89 2.46
N ALA A 42 -8.47 14.77 1.80
CA ALA A 42 -8.91 13.55 2.49
C ALA A 42 -7.72 12.74 2.98
N GLU A 43 -7.54 12.70 4.29
CA GLU A 43 -6.43 11.96 4.90
C GLU A 43 -6.78 10.47 5.03
N VAL A 44 -5.82 9.62 4.67
CA VAL A 44 -6.03 8.17 4.75
C VAL A 44 -4.97 7.51 5.61
N ARG A 45 -5.11 6.21 5.83
CA ARG A 45 -4.16 5.47 6.64
C ARG A 45 -4.13 3.99 6.23
N TRP A 46 -2.95 3.48 5.91
CA TRP A 46 -2.80 2.09 5.50
C TRP A 46 -2.62 1.19 6.72
N THR A 47 -3.35 0.08 6.74
CA THR A 47 -3.27 -0.87 7.85
C THR A 47 -3.02 -2.28 7.34
N LYS A 48 -2.01 -2.95 7.90
CA LYS A 48 -1.68 -4.31 7.50
C LYS A 48 -2.20 -5.31 8.53
N ASP A 49 -3.32 -5.95 8.20
CA ASP A 49 -3.93 -6.93 9.10
C ASP A 49 -4.38 -6.29 10.41
N GLY A 50 -5.01 -5.11 10.29
CA GLY A 50 -5.48 -4.41 11.47
C GLY A 50 -4.45 -3.43 12.01
N GLU A 51 -3.17 -3.78 11.86
CA GLU A 51 -2.09 -2.93 12.35
C GLU A 51 -1.85 -1.77 11.39
N GLU A 52 -1.41 -0.64 11.93
CA GLU A 52 -1.13 0.54 11.12
C GLU A 52 0.32 0.55 10.66
N VAL A 53 0.52 0.73 9.36
CA VAL A 53 1.86 0.77 8.79
C VAL A 53 2.60 2.04 9.20
N VAL A 54 3.89 1.90 9.48
CA VAL A 54 4.71 3.03 9.89
C VAL A 54 5.86 3.25 8.90
N GLU A 55 5.99 4.49 8.44
CA GLU A 55 7.04 4.84 7.49
C GLU A 55 8.35 4.14 7.85
N SER A 56 9.11 3.76 6.83
CA SER A 56 10.39 3.08 7.04
C SER A 56 11.19 3.03 5.74
N PRO A 57 12.47 2.65 5.86
CA PRO A 57 13.38 2.55 4.71
C PRO A 57 13.02 1.40 3.78
N ALA A 58 11.92 0.70 4.10
CA ALA A 58 11.48 -0.43 3.31
C ALA A 58 10.04 -0.22 2.83
N LEU A 59 9.43 0.87 3.26
CA LEU A 59 8.06 1.18 2.89
C LEU A 59 7.87 2.69 2.69
N LEU A 60 7.78 3.12 1.44
CA LEU A 60 7.60 4.53 1.12
C LEU A 60 6.13 4.83 0.83
N LEU A 61 5.61 5.87 1.48
CA LEU A 61 4.22 6.27 1.28
C LEU A 61 4.12 7.45 0.32
N GLN A 62 3.57 7.20 -0.86
CA GLN A 62 3.42 8.24 -1.86
C GLN A 62 2.04 8.91 -1.76
N LYS A 63 1.99 10.19 -2.10
CA LYS A 63 0.74 10.95 -2.04
C LYS A 63 0.62 11.91 -3.22
N GLU A 64 -0.41 11.74 -4.02
CA GLU A 64 -0.63 12.59 -5.18
C GLU A 64 -1.66 13.68 -4.87
N ASP A 65 -1.99 14.48 -5.88
CA ASP A 65 -2.95 15.56 -5.71
C ASP A 65 -4.17 15.08 -4.91
N THR A 66 -4.99 14.24 -5.53
CA THR A 66 -6.18 13.72 -4.87
C THR A 66 -6.14 12.20 -4.79
N VAL A 67 -5.01 11.61 -5.19
CA VAL A 67 -4.84 10.17 -5.16
C VAL A 67 -3.57 9.78 -4.41
N ARG A 68 -3.69 8.84 -3.50
CA ARG A 68 -2.56 8.37 -2.71
C ARG A 68 -1.94 7.12 -3.33
N ARG A 69 -0.65 6.92 -3.08
CA ARG A 69 0.06 5.76 -3.62
C ARG A 69 1.08 5.22 -2.60
N LEU A 70 1.28 3.92 -2.63
CA LEU A 70 2.22 3.27 -1.71
C LEU A 70 3.34 2.56 -2.48
N VAL A 71 4.53 3.13 -2.45
CA VAL A 71 5.68 2.56 -3.14
C VAL A 71 6.63 1.89 -2.16
N LEU A 72 7.09 0.69 -2.52
CA LEU A 72 8.01 -0.05 -1.67
C LEU A 72 9.32 -0.34 -2.39
N PRO A 73 10.39 0.37 -1.99
CA PRO A 73 11.71 0.21 -2.59
C PRO A 73 12.35 -1.14 -2.25
N ALA A 74 11.79 -1.81 -1.25
CA ALA A 74 12.30 -3.11 -0.82
C ALA A 74 11.24 -3.90 -0.06
N VAL A 75 10.69 -4.93 -0.72
CA VAL A 75 9.67 -5.75 -0.11
C VAL A 75 10.23 -7.10 0.32
N GLN A 76 9.53 -7.77 1.23
CA GLN A 76 9.96 -9.07 1.73
C GLN A 76 8.81 -10.07 1.72
N LEU A 77 9.13 -11.35 1.54
CA LEU A 77 8.13 -12.40 1.51
C LEU A 77 7.19 -12.29 2.70
N GLU A 78 7.71 -11.73 3.80
CA GLU A 78 6.91 -11.56 5.02
C GLU A 78 5.81 -10.52 4.80
N ASP A 79 6.11 -9.51 4.01
CA ASP A 79 5.15 -8.44 3.72
C ASP A 79 3.89 -9.01 3.07
N SER A 80 4.08 -10.01 2.21
CA SER A 80 2.95 -10.64 1.53
C SER A 80 1.78 -10.87 2.47
N GLY A 81 0.67 -10.20 2.21
CA GLY A 81 -0.51 -10.34 3.05
C GLY A 81 -1.72 -9.64 2.48
N GLU A 82 -2.34 -8.79 3.30
CA GLU A 82 -3.52 -8.05 2.86
C GLU A 82 -3.41 -6.57 3.26
N TYR A 83 -3.14 -5.74 2.27
CA TYR A 83 -2.99 -4.30 2.51
C TYR A 83 -4.36 -3.61 2.48
N LEU A 84 -4.81 -3.16 3.65
CA LEU A 84 -6.10 -2.48 3.76
C LEU A 84 -5.91 -1.00 4.06
N CYS A 85 -6.29 -0.17 3.10
CA CYS A 85 -6.16 1.27 3.25
C CYS A 85 -7.46 1.89 3.78
N GLU A 86 -7.44 2.28 5.06
CA GLU A 86 -8.62 2.88 5.68
C GLU A 86 -8.55 4.40 5.64
N ILE A 87 -9.71 5.05 5.56
CA ILE A 87 -9.79 6.49 5.51
C ILE A 87 -10.65 7.04 6.64
N ASP A 88 -11.95 6.81 6.54
CA ASP A 88 -12.89 7.28 7.57
C ASP A 88 -13.71 6.11 8.12
N ASP A 89 -14.63 5.62 7.30
CA ASP A 89 -15.49 4.50 7.72
C ASP A 89 -15.33 3.32 6.77
N GLU A 90 -14.75 3.57 5.60
CA GLU A 90 -14.54 2.53 4.61
C GLU A 90 -13.06 2.11 4.56
N SER A 91 -12.78 1.08 3.76
CA SER A 91 -11.42 0.58 3.63
C SER A 91 -11.18 0.03 2.23
N ALA A 92 -9.95 0.18 1.74
CA ALA A 92 -9.59 -0.30 0.42
C ALA A 92 -8.78 -1.59 0.50
N SER A 93 -9.21 -2.61 -0.24
CA SER A 93 -8.52 -3.89 -0.25
C SER A 93 -7.40 -3.91 -1.29
N PHE A 94 -6.22 -4.34 -0.86
CA PHE A 94 -5.07 -4.40 -1.76
C PHE A 94 -4.26 -5.68 -1.51
N THR A 95 -4.38 -6.64 -2.42
CA THR A 95 -3.67 -7.91 -2.30
C THR A 95 -2.28 -7.80 -2.91
N VAL A 96 -1.26 -8.03 -2.08
CA VAL A 96 0.13 -7.97 -2.55
C VAL A 96 0.87 -9.27 -2.22
N THR A 97 1.10 -10.08 -3.25
CA THR A 97 1.79 -11.35 -3.07
C THR A 97 3.24 -11.25 -3.57
N VAL A 98 4.19 -11.48 -2.65
CA VAL A 98 5.60 -11.43 -3.00
C VAL A 98 6.18 -12.82 -3.17
N THR A 99 7.14 -12.95 -4.08
CA THR A 99 7.77 -14.23 -4.35
C THR A 99 9.28 -14.07 -4.50
N GLU A 100 9.96 -15.17 -4.81
CA GLU A 100 11.41 -15.16 -4.98
C GLU A 100 11.78 -14.88 -6.44
N PRO A 101 12.76 -13.98 -6.63
CA PRO A 101 13.22 -13.59 -7.97
C PRO A 101 13.98 -14.73 -8.66
N PRO A 102 14.11 -14.63 -9.99
CA PRO A 102 14.82 -15.62 -10.79
C PRO A 102 16.32 -15.62 -10.54
N VAL A 103 17.03 -16.52 -11.21
CA VAL A 103 18.48 -16.62 -11.06
C VAL A 103 19.16 -15.36 -11.59
N ARG A 104 20.22 -14.93 -10.89
CA ARG A 104 20.96 -13.74 -11.29
C ARG A 104 22.46 -14.02 -11.30
N ILE A 105 23.00 -14.41 -10.15
CA ILE A 105 24.42 -14.72 -10.03
C ILE A 105 24.65 -15.91 -9.12
N ILE A 106 25.70 -16.67 -9.42
CA ILE A 106 26.05 -17.85 -8.63
C ILE A 106 27.50 -17.80 -8.18
N TYR A 107 27.71 -17.52 -6.90
CA TYR A 107 29.06 -17.44 -6.34
C TYR A 107 29.07 -17.92 -4.89
N SER A 108 30.22 -18.40 -4.45
CA SER A 108 30.37 -18.89 -3.08
C SER A 108 29.88 -17.86 -2.07
N GLY A 109 29.14 -18.31 -1.07
CA GLY A 109 28.63 -17.40 -0.06
C GLY A 109 27.38 -17.93 0.62
N PRO A 110 27.54 -18.48 1.84
CA PRO A 110 26.43 -19.04 2.61
C PRO A 110 25.48 -17.97 3.11
N SER A 111 24.19 -18.24 3.02
CA SER A 111 23.16 -17.29 3.45
C SER A 111 21.95 -18.02 4.02
N SER A 112 21.77 -17.94 5.33
CA SER A 112 20.64 -18.59 5.99
C SER A 112 19.32 -18.09 5.44
N GLY A 113 18.28 -18.91 5.54
CA GLY A 113 16.98 -18.52 5.06
C GLY A 113 15.88 -18.78 6.07
N GLY A 1 -15.57 14.43 6.78
CA GLY A 1 -16.28 14.97 5.63
C GLY A 1 -17.36 15.95 6.02
N SER A 2 -17.06 17.24 5.89
CA SER A 2 -18.01 18.29 6.23
C SER A 2 -19.35 18.05 5.55
N SER A 3 -20.41 18.65 6.10
CA SER A 3 -21.75 18.50 5.56
C SER A 3 -22.56 19.77 5.77
N GLY A 4 -23.67 19.88 5.05
CA GLY A 4 -24.53 21.05 5.17
C GLY A 4 -25.67 21.05 4.17
N SER A 5 -25.70 22.05 3.31
CA SER A 5 -26.76 22.17 2.30
C SER A 5 -26.68 21.01 1.31
N SER A 6 -25.47 20.77 0.79
CA SER A 6 -25.27 19.69 -0.18
C SER A 6 -25.45 18.33 0.48
N GLY A 7 -25.81 17.34 -0.33
CA GLY A 7 -26.00 15.99 0.20
C GLY A 7 -25.80 14.92 -0.86
N THR A 8 -24.63 14.31 -0.88
CA THR A 8 -24.31 13.27 -1.85
C THR A 8 -24.65 11.89 -1.30
N ASP A 9 -25.21 11.04 -2.15
CA ASP A 9 -25.58 9.68 -1.75
C ASP A 9 -24.48 8.69 -2.13
N VAL A 10 -23.23 9.08 -1.90
CA VAL A 10 -22.10 8.21 -2.22
C VAL A 10 -21.65 7.41 -1.00
N SER A 11 -21.76 8.04 0.17
CA SER A 11 -21.36 7.38 1.41
C SER A 11 -20.16 6.46 1.19
N SER A 12 -19.14 7.00 0.51
CA SER A 12 -17.94 6.22 0.22
C SER A 12 -16.74 7.15 0.02
N TRP A 13 -15.68 6.91 0.78
CA TRP A 13 -14.47 7.72 0.68
C TRP A 13 -13.56 7.21 -0.43
N ILE A 14 -13.30 5.91 -0.42
CA ILE A 14 -12.45 5.30 -1.44
C ILE A 14 -13.13 5.28 -2.80
N VAL A 15 -12.86 6.28 -3.62
CA VAL A 15 -13.45 6.38 -4.94
C VAL A 15 -12.87 5.32 -5.88
N TYR A 16 -11.62 4.94 -5.62
CA TYR A 16 -10.96 3.92 -6.44
C TYR A 16 -9.77 3.32 -5.70
N PRO A 17 -9.51 2.03 -5.94
CA PRO A 17 -10.32 1.23 -6.85
C PRO A 17 -11.72 0.95 -6.30
N SER A 18 -12.58 0.35 -7.12
CA SER A 18 -13.94 0.05 -6.72
C SER A 18 -14.11 -1.45 -6.48
N GLY A 19 -13.41 -1.97 -5.49
CA GLY A 19 -13.48 -3.39 -5.18
C GLY A 19 -12.16 -3.97 -4.73
N LYS A 20 -11.91 -5.22 -5.10
CA LYS A 20 -10.67 -5.90 -4.74
C LYS A 20 -9.66 -5.82 -5.88
N VAL A 21 -8.38 -5.71 -5.53
CA VAL A 21 -7.32 -5.64 -6.52
C VAL A 21 -6.17 -6.57 -6.16
N TYR A 22 -5.69 -7.31 -7.15
CA TYR A 22 -4.59 -8.25 -6.94
C TYR A 22 -3.28 -7.69 -7.50
N VAL A 23 -2.19 -7.89 -6.77
CA VAL A 23 -0.89 -7.41 -7.18
C VAL A 23 0.21 -8.41 -6.82
N ALA A 24 1.08 -8.69 -7.78
CA ALA A 24 2.17 -9.64 -7.56
C ALA A 24 3.51 -8.90 -7.46
N ALA A 25 4.30 -9.26 -6.46
CA ALA A 25 5.60 -8.65 -6.25
C ALA A 25 6.70 -9.70 -6.08
N VAL A 26 7.93 -9.24 -5.96
CA VAL A 26 9.07 -10.14 -5.80
C VAL A 26 10.03 -9.64 -4.73
N ARG A 27 10.83 -10.55 -4.18
CA ARG A 27 11.78 -10.20 -3.14
C ARG A 27 12.52 -8.90 -3.50
N LEU A 28 12.27 -7.86 -2.72
CA LEU A 28 12.90 -6.57 -2.95
C LEU A 28 12.44 -5.96 -4.27
N GLU A 29 11.14 -6.01 -4.52
CA GLU A 29 10.57 -5.46 -5.75
C GLU A 29 9.95 -4.09 -5.49
N ARG A 30 9.78 -3.32 -6.56
CA ARG A 30 9.20 -1.98 -6.48
C ARG A 30 7.74 -1.99 -6.91
N VAL A 31 6.83 -1.98 -5.93
CA VAL A 31 5.40 -1.99 -6.21
C VAL A 31 4.81 -0.59 -6.09
N VAL A 32 3.66 -0.39 -6.72
CA VAL A 32 2.99 0.91 -6.68
C VAL A 32 1.48 0.74 -6.59
N LEU A 33 0.92 1.03 -5.42
CA LEU A 33 -0.52 0.91 -5.20
C LEU A 33 -1.24 2.19 -5.64
N THR A 34 -2.38 2.01 -6.30
CA THR A 34 -3.16 3.14 -6.78
C THR A 34 -4.47 3.27 -5.99
N CYS A 35 -4.59 4.36 -5.24
CA CYS A 35 -5.79 4.60 -4.44
C CYS A 35 -6.21 6.06 -4.52
N GLU A 36 -7.31 6.32 -5.22
CA GLU A 36 -7.82 7.68 -5.37
C GLU A 36 -8.89 7.98 -4.34
N LEU A 37 -9.22 9.25 -4.18
CA LEU A 37 -10.23 9.68 -3.21
C LEU A 37 -11.15 10.73 -3.83
N CYS A 38 -12.32 10.91 -3.22
CA CYS A 38 -13.29 11.88 -3.69
C CYS A 38 -13.04 13.26 -3.08
N ARG A 39 -11.92 13.38 -2.38
CA ARG A 39 -11.56 14.64 -1.74
C ARG A 39 -10.04 14.83 -1.74
N PRO A 40 -9.60 16.08 -1.98
CA PRO A 40 -8.19 16.42 -2.02
C PRO A 40 -7.54 16.37 -0.63
N TRP A 41 -8.18 17.05 0.33
CA TRP A 41 -7.67 17.08 1.69
C TRP A 41 -8.13 15.85 2.47
N ALA A 42 -8.33 14.74 1.76
CA ALA A 42 -8.76 13.50 2.39
C ALA A 42 -7.55 12.61 2.73
N GLU A 43 -7.28 12.47 4.02
CA GLU A 43 -6.16 11.66 4.48
C GLU A 43 -6.58 10.19 4.60
N VAL A 44 -5.64 9.30 4.30
CA VAL A 44 -5.91 7.86 4.38
C VAL A 44 -4.94 7.18 5.33
N ARG A 45 -5.27 5.96 5.72
CA ARG A 45 -4.44 5.19 6.64
C ARG A 45 -4.37 3.73 6.22
N TRP A 46 -3.16 3.27 5.92
CA TRP A 46 -2.96 1.88 5.50
C TRP A 46 -2.70 0.97 6.71
N THR A 47 -3.39 -0.16 6.75
CA THR A 47 -3.24 -1.09 7.86
C THR A 47 -2.91 -2.49 7.34
N LYS A 48 -1.89 -3.12 7.92
CA LYS A 48 -1.49 -4.46 7.52
C LYS A 48 -1.96 -5.50 8.52
N ASP A 49 -3.13 -6.08 8.26
CA ASP A 49 -3.69 -7.09 9.14
C ASP A 49 -4.26 -6.45 10.41
N GLY A 50 -4.63 -5.17 10.30
CA GLY A 50 -5.19 -4.46 11.44
C GLY A 50 -4.23 -3.43 12.00
N GLU A 51 -2.94 -3.71 11.93
CA GLU A 51 -1.93 -2.78 12.43
C GLU A 51 -1.68 -1.66 11.43
N GLU A 52 -1.47 -0.45 11.96
CA GLU A 52 -1.23 0.72 11.11
C GLU A 52 0.21 0.74 10.62
N VAL A 53 0.39 0.75 9.31
CA VAL A 53 1.73 0.77 8.71
C VAL A 53 2.47 2.05 9.07
N VAL A 54 3.73 1.92 9.44
CA VAL A 54 4.55 3.07 9.81
C VAL A 54 5.67 3.30 8.79
N GLU A 55 5.94 4.56 8.49
CA GLU A 55 6.97 4.92 7.53
C GLU A 55 8.29 4.22 7.87
N SER A 56 9.07 3.91 6.85
CA SER A 56 10.35 3.24 7.04
C SER A 56 11.14 3.18 5.73
N PRO A 57 12.42 2.83 5.83
CA PRO A 57 13.31 2.73 4.67
C PRO A 57 12.95 1.55 3.76
N ALA A 58 11.87 0.86 4.10
CA ALA A 58 11.41 -0.28 3.32
C ALA A 58 9.98 -0.08 2.82
N LEU A 59 9.36 1.00 3.28
CA LEU A 59 7.99 1.30 2.88
C LEU A 59 7.80 2.80 2.68
N LEU A 60 7.73 3.22 1.43
CA LEU A 60 7.55 4.64 1.11
C LEU A 60 6.08 4.95 0.82
N LEU A 61 5.55 5.96 1.50
CA LEU A 61 4.16 6.36 1.31
C LEU A 61 4.07 7.58 0.39
N GLN A 62 3.54 7.36 -0.80
CA GLN A 62 3.38 8.44 -1.77
C GLN A 62 2.01 9.10 -1.65
N LYS A 63 1.95 10.40 -1.92
CA LYS A 63 0.70 11.14 -1.84
C LYS A 63 0.58 12.13 -3.01
N GLU A 64 -0.42 11.91 -3.85
CA GLU A 64 -0.65 12.77 -5.00
C GLU A 64 -1.64 13.88 -4.66
N ASP A 65 -2.00 14.68 -5.66
CA ASP A 65 -2.95 15.78 -5.47
C ASP A 65 -4.21 15.29 -4.76
N THR A 66 -4.96 14.44 -5.44
CA THR A 66 -6.20 13.89 -4.88
C THR A 66 -6.14 12.38 -4.78
N VAL A 67 -5.02 11.80 -5.22
CA VAL A 67 -4.84 10.36 -5.17
C VAL A 67 -3.58 9.99 -4.39
N ARG A 68 -3.64 8.86 -3.69
CA ARG A 68 -2.51 8.40 -2.89
C ARG A 68 -1.93 7.12 -3.47
N ARG A 69 -0.66 6.85 -3.18
CA ARG A 69 0.01 5.67 -3.68
C ARG A 69 1.05 5.16 -2.67
N LEU A 70 1.23 3.85 -2.62
CA LEU A 70 2.19 3.24 -1.70
C LEU A 70 3.30 2.53 -2.48
N VAL A 71 4.49 3.14 -2.49
CA VAL A 71 5.63 2.56 -3.18
C VAL A 71 6.60 1.91 -2.19
N LEU A 72 7.05 0.70 -2.52
CA LEU A 72 7.98 -0.03 -1.66
C LEU A 72 9.29 -0.31 -2.40
N PRO A 73 10.35 0.41 -2.00
CA PRO A 73 11.68 0.25 -2.60
C PRO A 73 12.32 -1.08 -2.25
N ALA A 74 11.77 -1.76 -1.25
CA ALA A 74 12.29 -3.05 -0.83
C ALA A 74 11.24 -3.82 -0.01
N VAL A 75 10.68 -4.86 -0.63
CA VAL A 75 9.66 -5.66 0.03
C VAL A 75 10.26 -6.98 0.55
N GLN A 76 9.49 -7.70 1.35
CA GLN A 76 9.95 -8.97 1.90
C GLN A 76 8.84 -10.02 1.84
N LEU A 77 9.23 -11.26 1.57
CA LEU A 77 8.27 -12.36 1.48
C LEU A 77 7.27 -12.31 2.64
N GLU A 78 7.76 -11.94 3.82
CA GLU A 78 6.91 -11.86 5.00
C GLU A 78 5.85 -10.77 4.83
N ASP A 79 6.23 -9.68 4.17
CA ASP A 79 5.31 -8.57 3.93
C ASP A 79 4.05 -9.05 3.21
N SER A 80 4.22 -10.01 2.31
CA SER A 80 3.10 -10.56 1.55
C SER A 80 1.91 -10.83 2.46
N GLY A 81 0.82 -10.09 2.25
CA GLY A 81 -0.37 -10.26 3.05
C GLY A 81 -1.57 -9.53 2.49
N GLU A 82 -2.36 -8.92 3.36
CA GLU A 82 -3.54 -8.18 2.95
C GLU A 82 -3.41 -6.69 3.27
N TYR A 83 -3.08 -5.90 2.26
CA TYR A 83 -2.92 -4.46 2.45
C TYR A 83 -4.27 -3.75 2.37
N LEU A 84 -4.80 -3.36 3.52
CA LEU A 84 -6.07 -2.67 3.58
C LEU A 84 -5.87 -1.18 3.84
N CYS A 85 -6.44 -0.35 2.97
CA CYS A 85 -6.33 1.09 3.11
C CYS A 85 -7.61 1.69 3.68
N GLU A 86 -7.54 2.12 4.94
CA GLU A 86 -8.70 2.70 5.62
C GLU A 86 -8.57 4.22 5.68
N ILE A 87 -9.64 4.91 5.26
CA ILE A 87 -9.66 6.36 5.26
C ILE A 87 -10.52 6.90 6.40
N ASP A 88 -11.82 6.67 6.31
CA ASP A 88 -12.76 7.13 7.33
C ASP A 88 -13.55 5.96 7.89
N ASP A 89 -14.47 5.43 7.10
CA ASP A 89 -15.30 4.31 7.52
C ASP A 89 -15.13 3.12 6.58
N GLU A 90 -14.69 3.40 5.35
CA GLU A 90 -14.49 2.36 4.36
C GLU A 90 -13.03 1.98 4.25
N SER A 91 -12.75 0.87 3.55
CA SER A 91 -11.39 0.40 3.39
C SER A 91 -11.20 -0.25 2.02
N ALA A 92 -10.00 -0.11 1.46
CA ALA A 92 -9.69 -0.67 0.15
C ALA A 92 -8.83 -1.93 0.29
N SER A 93 -9.22 -2.98 -0.43
CA SER A 93 -8.48 -4.25 -0.38
C SER A 93 -7.38 -4.27 -1.44
N PHE A 94 -6.16 -4.52 -1.01
CA PHE A 94 -5.02 -4.58 -1.91
C PHE A 94 -4.15 -5.81 -1.64
N THR A 95 -4.33 -6.84 -2.45
CA THR A 95 -3.58 -8.08 -2.29
C THR A 95 -2.19 -7.96 -2.89
N VAL A 96 -1.17 -8.19 -2.07
CA VAL A 96 0.21 -8.10 -2.53
C VAL A 96 0.99 -9.38 -2.20
N THR A 97 1.05 -10.29 -3.17
CA THR A 97 1.76 -11.55 -2.98
C THR A 97 3.19 -11.46 -3.48
N VAL A 98 4.14 -11.60 -2.57
CA VAL A 98 5.56 -11.54 -2.92
C VAL A 98 6.17 -12.94 -3.00
N THR A 99 6.99 -13.15 -4.02
CA THR A 99 7.64 -14.44 -4.22
C THR A 99 9.13 -14.27 -4.50
N GLU A 100 9.82 -15.39 -4.66
CA GLU A 100 11.26 -15.36 -4.93
C GLU A 100 11.53 -15.09 -6.41
N PRO A 101 12.52 -14.22 -6.68
CA PRO A 101 12.89 -13.86 -8.05
C PRO A 101 13.57 -15.01 -8.79
N PRO A 102 13.67 -14.87 -10.12
CA PRO A 102 14.29 -15.89 -10.98
C PRO A 102 15.80 -15.99 -10.76
N VAL A 103 16.40 -17.04 -11.31
CA VAL A 103 17.83 -17.24 -11.18
C VAL A 103 18.61 -16.14 -11.88
N ARG A 104 19.73 -15.73 -11.28
CA ARG A 104 20.56 -14.67 -11.84
C ARG A 104 22.04 -15.06 -11.77
N ILE A 105 22.80 -14.71 -12.80
CA ILE A 105 24.21 -15.01 -12.85
C ILE A 105 24.86 -14.86 -11.48
N ILE A 106 25.51 -15.93 -11.03
CA ILE A 106 26.17 -15.93 -9.72
C ILE A 106 27.36 -14.97 -9.71
N TYR A 107 27.34 -14.03 -8.77
CA TYR A 107 28.42 -13.05 -8.64
C TYR A 107 29.13 -13.18 -7.30
N SER A 108 28.34 -13.25 -6.23
CA SER A 108 28.89 -13.38 -4.89
C SER A 108 27.95 -14.16 -3.99
N GLY A 109 28.49 -14.69 -2.89
CA GLY A 109 27.68 -15.46 -1.96
C GLY A 109 28.49 -16.51 -1.22
N PRO A 110 29.14 -16.10 -0.12
CA PRO A 110 29.96 -16.99 0.70
C PRO A 110 29.12 -18.01 1.46
N SER A 111 29.62 -19.24 1.56
CA SER A 111 28.93 -20.31 2.25
C SER A 111 28.77 -19.98 3.73
N SER A 112 27.57 -19.54 4.10
CA SER A 112 27.28 -19.19 5.49
C SER A 112 27.29 -20.43 6.38
N GLY A 113 28.06 -20.37 7.46
CA GLY A 113 28.14 -21.49 8.38
C GLY A 113 28.94 -22.65 7.81
N GLY A 1 -9.52 26.72 14.80
CA GLY A 1 -10.27 27.24 15.93
C GLY A 1 -11.49 26.40 16.25
N SER A 2 -12.50 26.47 15.39
CA SER A 2 -13.72 25.71 15.58
C SER A 2 -13.50 24.23 15.31
N SER A 3 -14.45 23.40 15.72
CA SER A 3 -14.36 21.95 15.53
C SER A 3 -14.65 21.59 14.08
N GLY A 4 -13.97 20.56 13.59
CA GLY A 4 -14.17 20.12 12.22
C GLY A 4 -15.21 19.02 12.11
N SER A 5 -15.60 18.70 10.87
CA SER A 5 -16.60 17.67 10.64
C SER A 5 -15.96 16.39 10.12
N SER A 6 -15.26 16.50 9.00
CA SER A 6 -14.59 15.36 8.39
C SER A 6 -15.60 14.27 8.05
N GLY A 7 -16.75 14.68 7.51
CA GLY A 7 -17.78 13.72 7.13
C GLY A 7 -19.16 14.35 7.07
N THR A 8 -19.57 14.74 5.88
CA THR A 8 -20.88 15.36 5.68
C THR A 8 -21.61 14.76 4.50
N ASP A 9 -22.52 13.82 4.77
CA ASP A 9 -23.28 13.17 3.72
C ASP A 9 -22.40 12.87 2.51
N VAL A 10 -21.18 12.42 2.77
CA VAL A 10 -20.24 12.09 1.71
C VAL A 10 -20.40 10.64 1.26
N SER A 11 -20.01 10.37 0.02
CA SER A 11 -20.11 9.03 -0.54
C SER A 11 -18.86 8.21 -0.23
N SER A 12 -18.87 6.94 -0.63
CA SER A 12 -17.73 6.06 -0.39
C SER A 12 -16.41 6.81 -0.53
N TRP A 13 -15.81 7.15 0.61
CA TRP A 13 -14.55 7.87 0.61
C TRP A 13 -13.60 7.33 -0.46
N ILE A 14 -13.34 6.03 -0.42
CA ILE A 14 -12.47 5.39 -1.40
C ILE A 14 -13.13 5.33 -2.78
N VAL A 15 -12.87 6.35 -3.60
CA VAL A 15 -13.44 6.39 -4.94
C VAL A 15 -12.82 5.33 -5.84
N TYR A 16 -11.58 4.96 -5.55
CA TYR A 16 -10.88 3.95 -6.33
C TYR A 16 -9.65 3.44 -5.58
N PRO A 17 -9.35 2.14 -5.77
CA PRO A 17 -10.14 1.25 -6.62
C PRO A 17 -11.52 0.95 -6.03
N SER A 18 -12.41 0.42 -6.86
CA SER A 18 -13.76 0.08 -6.42
C SER A 18 -13.95 -1.43 -6.35
N GLY A 19 -13.23 -2.07 -5.43
CA GLY A 19 -13.34 -3.51 -5.27
C GLY A 19 -12.03 -4.15 -4.83
N LYS A 20 -11.83 -5.40 -5.21
CA LYS A 20 -10.61 -6.12 -4.85
C LYS A 20 -9.51 -5.88 -5.88
N VAL A 21 -8.27 -5.84 -5.42
CA VAL A 21 -7.13 -5.62 -6.29
C VAL A 21 -6.00 -6.58 -5.97
N TYR A 22 -5.56 -7.33 -6.98
CA TYR A 22 -4.48 -8.30 -6.80
C TYR A 22 -3.17 -7.75 -7.34
N VAL A 23 -2.09 -7.97 -6.60
CA VAL A 23 -0.77 -7.49 -7.01
C VAL A 23 0.31 -8.50 -6.65
N ALA A 24 1.13 -8.86 -7.63
CA ALA A 24 2.21 -9.82 -7.42
C ALA A 24 3.57 -9.14 -7.49
N ALA A 25 4.36 -9.28 -6.42
CA ALA A 25 5.68 -8.67 -6.36
C ALA A 25 6.75 -9.73 -6.11
N VAL A 26 8.01 -9.32 -6.19
CA VAL A 26 9.13 -10.23 -5.97
C VAL A 26 10.05 -9.71 -4.86
N ARG A 27 10.83 -10.62 -4.28
CA ARG A 27 11.76 -10.25 -3.21
C ARG A 27 12.52 -8.99 -3.57
N LEU A 28 12.40 -7.97 -2.73
CA LEU A 28 13.09 -6.70 -2.96
C LEU A 28 12.61 -6.05 -4.25
N GLU A 29 11.33 -6.21 -4.56
CA GLU A 29 10.74 -5.63 -5.76
C GLU A 29 10.06 -4.30 -5.46
N ARG A 30 9.95 -3.45 -6.48
CA ARG A 30 9.32 -2.16 -6.32
C ARG A 30 7.88 -2.17 -6.83
N VAL A 31 6.93 -1.85 -5.95
CA VAL A 31 5.53 -1.83 -6.31
C VAL A 31 4.93 -0.43 -6.15
N VAL A 32 3.76 -0.22 -6.74
CA VAL A 32 3.09 1.07 -6.67
C VAL A 32 1.58 0.89 -6.58
N LEU A 33 1.03 1.13 -5.40
CA LEU A 33 -0.40 1.01 -5.17
C LEU A 33 -1.13 2.28 -5.59
N THR A 34 -2.30 2.12 -6.21
CA THR A 34 -3.09 3.25 -6.65
C THR A 34 -4.39 3.36 -5.86
N CYS A 35 -4.55 4.47 -5.15
CA CYS A 35 -5.74 4.71 -4.34
C CYS A 35 -6.19 6.16 -4.44
N GLU A 36 -7.28 6.39 -5.18
CA GLU A 36 -7.81 7.73 -5.35
C GLU A 36 -8.93 8.01 -4.36
N LEU A 37 -9.23 9.29 -4.15
CA LEU A 37 -10.28 9.69 -3.22
C LEU A 37 -11.20 10.73 -3.86
N CYS A 38 -12.43 10.80 -3.36
CA CYS A 38 -13.41 11.75 -3.88
C CYS A 38 -13.18 13.14 -3.29
N ARG A 39 -12.12 13.28 -2.52
CA ARG A 39 -11.79 14.56 -1.90
C ARG A 39 -10.28 14.76 -1.83
N PRO A 40 -9.83 15.99 -2.11
CA PRO A 40 -8.41 16.34 -2.10
C PRO A 40 -7.83 16.36 -0.68
N TRP A 41 -8.53 17.02 0.23
CA TRP A 41 -8.09 17.10 1.62
C TRP A 41 -8.54 15.88 2.41
N ALA A 42 -8.64 14.74 1.73
CA ALA A 42 -9.05 13.50 2.37
C ALA A 42 -7.84 12.67 2.79
N GLU A 43 -7.64 12.57 4.10
CA GLU A 43 -6.52 11.80 4.64
C GLU A 43 -6.87 10.32 4.71
N VAL A 44 -5.86 9.47 4.49
CA VAL A 44 -6.05 8.02 4.54
C VAL A 44 -5.00 7.36 5.42
N ARG A 45 -5.26 6.11 5.79
CA ARG A 45 -4.33 5.35 6.63
C ARG A 45 -4.28 3.89 6.21
N TRP A 46 -3.09 3.41 5.90
CA TRP A 46 -2.91 2.02 5.50
C TRP A 46 -2.68 1.12 6.70
N THR A 47 -3.43 0.02 6.77
CA THR A 47 -3.31 -0.93 7.86
C THR A 47 -2.99 -2.32 7.35
N LYS A 48 -1.94 -2.93 7.91
CA LYS A 48 -1.53 -4.27 7.52
C LYS A 48 -1.98 -5.31 8.54
N ASP A 49 -3.14 -5.90 8.31
CA ASP A 49 -3.68 -6.91 9.21
C ASP A 49 -4.16 -6.27 10.51
N GLY A 50 -4.76 -5.09 10.40
CA GLY A 50 -5.24 -4.39 11.58
C GLY A 50 -4.26 -3.37 12.11
N GLU A 51 -2.97 -3.67 11.95
CA GLU A 51 -1.92 -2.77 12.42
C GLU A 51 -1.71 -1.62 11.43
N GLU A 52 -1.38 -0.45 11.97
CA GLU A 52 -1.16 0.72 11.15
C GLU A 52 0.29 0.77 10.64
N VAL A 53 0.45 0.74 9.33
CA VAL A 53 1.77 0.77 8.72
C VAL A 53 2.55 2.01 9.16
N VAL A 54 3.84 1.82 9.43
CA VAL A 54 4.69 2.92 9.87
C VAL A 54 5.83 3.16 8.88
N GLU A 55 5.96 4.40 8.42
CA GLU A 55 7.00 4.76 7.47
C GLU A 55 8.30 4.04 7.80
N SER A 56 9.07 3.71 6.76
CA SER A 56 10.34 3.01 6.94
C SER A 56 11.12 2.97 5.63
N PRO A 57 12.41 2.59 5.72
CA PRO A 57 13.29 2.50 4.56
C PRO A 57 12.91 1.35 3.63
N ALA A 58 11.83 0.65 3.96
CA ALA A 58 11.36 -0.46 3.16
C ALA A 58 9.94 -0.22 2.66
N LEU A 59 9.31 0.83 3.17
CA LEU A 59 7.95 1.17 2.78
C LEU A 59 7.80 2.68 2.60
N LEU A 60 7.71 3.12 1.35
CA LEU A 60 7.56 4.53 1.04
C LEU A 60 6.09 4.88 0.78
N LEU A 61 5.60 5.90 1.46
CA LEU A 61 4.22 6.34 1.30
C LEU A 61 4.14 7.55 0.38
N GLN A 62 3.60 7.34 -0.83
CA GLN A 62 3.47 8.41 -1.79
C GLN A 62 2.10 9.07 -1.68
N LYS A 63 2.06 10.38 -1.93
CA LYS A 63 0.82 11.15 -1.85
C LYS A 63 0.70 12.11 -3.03
N GLU A 64 -0.35 11.93 -3.82
CA GLU A 64 -0.58 12.79 -4.98
C GLU A 64 -1.58 13.90 -4.65
N ASP A 65 -1.93 14.70 -5.65
CA ASP A 65 -2.86 15.80 -5.46
C ASP A 65 -4.11 15.33 -4.72
N THR A 66 -4.87 14.45 -5.35
CA THR A 66 -6.09 13.93 -4.75
C THR A 66 -6.05 12.41 -4.65
N VAL A 67 -4.95 11.82 -5.11
CA VAL A 67 -4.78 10.38 -5.08
C VAL A 67 -3.53 9.98 -4.31
N ARG A 68 -3.63 8.92 -3.53
CA ARG A 68 -2.49 8.43 -2.74
C ARG A 68 -1.92 7.16 -3.34
N ARG A 69 -0.64 6.90 -3.07
CA ARG A 69 0.03 5.72 -3.58
C ARG A 69 1.08 5.21 -2.58
N LEU A 70 1.25 3.90 -2.54
CA LEU A 70 2.23 3.29 -1.64
C LEU A 70 3.30 2.54 -2.42
N VAL A 71 4.52 3.05 -2.38
CA VAL A 71 5.64 2.42 -3.08
C VAL A 71 6.61 1.76 -2.10
N LEU A 72 7.03 0.54 -2.41
CA LEU A 72 7.96 -0.20 -1.56
C LEU A 72 9.25 -0.49 -2.30
N PRO A 73 10.31 0.26 -1.96
CA PRO A 73 11.63 0.10 -2.58
C PRO A 73 12.30 -1.21 -2.17
N ALA A 74 11.74 -1.87 -1.17
CA ALA A 74 12.28 -3.13 -0.67
C ALA A 74 11.23 -3.91 0.12
N VAL A 75 10.69 -4.95 -0.50
CA VAL A 75 9.68 -5.78 0.16
C VAL A 75 10.29 -7.07 0.71
N GLN A 76 9.47 -7.87 1.36
CA GLN A 76 9.92 -9.13 1.94
C GLN A 76 8.83 -10.18 1.90
N LEU A 77 9.21 -11.44 1.70
CA LEU A 77 8.26 -12.53 1.64
C LEU A 77 7.29 -12.48 2.82
N GLU A 78 7.78 -11.99 3.96
CA GLU A 78 6.96 -11.88 5.15
C GLU A 78 5.89 -10.80 4.99
N ASP A 79 6.26 -9.71 4.34
CA ASP A 79 5.34 -8.61 4.12
C ASP A 79 4.07 -9.09 3.40
N SER A 80 4.23 -10.06 2.51
CA SER A 80 3.11 -10.60 1.76
C SER A 80 1.93 -10.88 2.68
N GLY A 81 0.84 -10.15 2.46
CA GLY A 81 -0.35 -10.33 3.28
C GLY A 81 -1.57 -9.65 2.68
N GLU A 82 -2.25 -8.83 3.50
CA GLU A 82 -3.43 -8.13 3.04
C GLU A 82 -3.35 -6.64 3.40
N TYR A 83 -3.04 -5.81 2.40
CA TYR A 83 -2.93 -4.38 2.61
C TYR A 83 -4.30 -3.70 2.54
N LEU A 84 -4.79 -3.27 3.69
CA LEU A 84 -6.10 -2.61 3.76
C LEU A 84 -5.94 -1.12 4.03
N CYS A 85 -6.33 -0.29 3.06
CA CYS A 85 -6.23 1.15 3.20
C CYS A 85 -7.55 1.75 3.69
N GLU A 86 -7.58 2.17 4.95
CA GLU A 86 -8.78 2.75 5.53
C GLU A 86 -8.67 4.27 5.59
N ILE A 87 -9.78 4.95 5.31
CA ILE A 87 -9.82 6.40 5.35
C ILE A 87 -10.67 6.92 6.50
N ASP A 88 -11.93 6.51 6.50
CA ASP A 88 -12.86 6.93 7.55
C ASP A 88 -13.68 5.75 8.05
N ASP A 89 -14.62 5.29 7.23
CA ASP A 89 -15.46 4.16 7.59
C ASP A 89 -15.28 3.00 6.62
N GLU A 90 -14.70 3.30 5.47
CA GLU A 90 -14.47 2.29 4.45
C GLU A 90 -12.99 1.91 4.38
N SER A 91 -12.70 0.83 3.66
CA SER A 91 -11.32 0.35 3.52
C SER A 91 -11.11 -0.29 2.14
N ALA A 92 -9.91 -0.11 1.60
CA ALA A 92 -9.57 -0.67 0.30
C ALA A 92 -8.69 -1.89 0.44
N SER A 93 -9.10 -3.00 -0.17
CA SER A 93 -8.35 -4.24 -0.11
C SER A 93 -7.27 -4.28 -1.18
N PHE A 94 -6.04 -4.57 -0.77
CA PHE A 94 -4.91 -4.64 -1.70
C PHE A 94 -4.08 -5.90 -1.44
N THR A 95 -4.29 -6.92 -2.27
CA THR A 95 -3.56 -8.17 -2.13
C THR A 95 -2.17 -8.05 -2.75
N VAL A 96 -1.14 -8.23 -1.92
CA VAL A 96 0.23 -8.15 -2.38
C VAL A 96 1.02 -9.40 -1.99
N THR A 97 1.20 -10.30 -2.94
CA THR A 97 1.93 -11.54 -2.70
C THR A 97 3.34 -11.47 -3.27
N VAL A 98 4.33 -11.62 -2.40
CA VAL A 98 5.73 -11.57 -2.82
C VAL A 98 6.29 -12.97 -3.00
N THR A 99 7.26 -13.10 -3.91
CA THR A 99 7.89 -14.38 -4.18
C THR A 99 9.38 -14.23 -4.42
N GLU A 100 10.06 -15.35 -4.66
CA GLU A 100 11.49 -15.34 -4.91
C GLU A 100 11.78 -15.08 -6.38
N PRO A 101 12.72 -14.16 -6.65
CA PRO A 101 13.11 -13.80 -8.02
C PRO A 101 13.87 -14.92 -8.72
N PRO A 102 14.08 -14.76 -10.04
CA PRO A 102 14.79 -15.75 -10.84
C PRO A 102 16.28 -15.81 -10.52
N VAL A 103 17.00 -16.67 -11.23
CA VAL A 103 18.44 -16.82 -11.02
C VAL A 103 19.24 -16.22 -12.18
N ARG A 104 20.08 -15.23 -11.86
CA ARG A 104 20.89 -14.57 -12.87
C ARG A 104 22.29 -14.27 -12.33
N ILE A 105 23.27 -15.02 -12.79
CA ILE A 105 24.65 -14.82 -12.35
C ILE A 105 24.75 -14.77 -10.83
N ILE A 106 24.15 -15.75 -10.17
CA ILE A 106 24.17 -15.80 -8.71
C ILE A 106 24.87 -17.07 -8.23
N TYR A 107 26.14 -16.93 -7.85
CA TYR A 107 26.92 -18.06 -7.36
C TYR A 107 26.26 -18.70 -6.14
N SER A 108 26.32 -20.02 -6.07
CA SER A 108 25.72 -20.76 -4.96
C SER A 108 26.66 -20.79 -3.77
N GLY A 109 26.64 -19.72 -2.98
CA GLY A 109 27.50 -19.64 -1.81
C GLY A 109 26.92 -18.78 -0.71
N PRO A 110 26.19 -19.40 0.21
CA PRO A 110 25.56 -18.70 1.34
C PRO A 110 26.57 -18.18 2.35
N SER A 111 27.80 -18.68 2.24
CA SER A 111 28.87 -18.27 3.15
C SER A 111 30.16 -17.98 2.38
N SER A 112 30.49 -16.69 2.27
CA SER A 112 31.69 -16.28 1.56
C SER A 112 32.95 -16.64 2.35
N GLY A 113 33.36 -17.90 2.25
CA GLY A 113 34.55 -18.35 2.95
C GLY A 113 35.51 -19.09 2.05
#